data_1JRU
# 
_entry.id   1JRU 
# 
_audit_conform.dict_name       mmcif_pdbx.dic 
_audit_conform.dict_version    5.392 
_audit_conform.dict_location   http://mmcif.pdb.org/dictionaries/ascii/mmcif_pdbx.dic 
# 
loop_
_database_2.database_id 
_database_2.database_code 
_database_2.pdbx_database_accession 
_database_2.pdbx_DOI 
PDB   1JRU         pdb_00001jru 10.2210/pdb1jru/pdb 
RCSB  RCSB014115   ?            ?                   
WWPDB D_1000014115 ?            ?                   
# 
loop_
_pdbx_audit_revision_history.ordinal 
_pdbx_audit_revision_history.data_content_type 
_pdbx_audit_revision_history.major_revision 
_pdbx_audit_revision_history.minor_revision 
_pdbx_audit_revision_history.revision_date 
1 'Structure model' 1 0 2001-08-17 
2 'Structure model' 1 1 2008-04-27 
3 'Structure model' 1 2 2011-07-13 
4 'Structure model' 1 3 2022-02-23 
5 'Structure model' 1 4 2024-05-22 
# 
_pdbx_audit_revision_details.ordinal             1 
_pdbx_audit_revision_details.revision_ordinal    1 
_pdbx_audit_revision_details.data_content_type   'Structure model' 
_pdbx_audit_revision_details.provider            repository 
_pdbx_audit_revision_details.type                'Initial release' 
_pdbx_audit_revision_details.description         ? 
_pdbx_audit_revision_details.details             ? 
# 
loop_
_pdbx_audit_revision_group.ordinal 
_pdbx_audit_revision_group.revision_ordinal 
_pdbx_audit_revision_group.data_content_type 
_pdbx_audit_revision_group.group 
1 2 'Structure model' 'Version format compliance' 
2 3 'Structure model' 'Version format compliance' 
3 4 'Structure model' 'Data collection'           
4 4 'Structure model' 'Database references'       
5 4 'Structure model' 'Derived calculations'      
6 5 'Structure model' 'Data collection'           
# 
loop_
_pdbx_audit_revision_category.ordinal 
_pdbx_audit_revision_category.revision_ordinal 
_pdbx_audit_revision_category.data_content_type 
_pdbx_audit_revision_category.category 
1 4 'Structure model' database_2            
2 4 'Structure model' pdbx_nmr_software     
3 4 'Structure model' pdbx_struct_assembly  
4 4 'Structure model' pdbx_struct_oper_list 
5 5 'Structure model' chem_comp_atom        
6 5 'Structure model' chem_comp_bond        
# 
loop_
_pdbx_audit_revision_item.ordinal 
_pdbx_audit_revision_item.revision_ordinal 
_pdbx_audit_revision_item.data_content_type 
_pdbx_audit_revision_item.item 
1 4 'Structure model' '_database_2.pdbx_DOI'                
2 4 'Structure model' '_database_2.pdbx_database_accession' 
3 4 'Structure model' '_pdbx_nmr_software.name'             
# 
_pdbx_database_status.status_code                     REL 
_pdbx_database_status.entry_id                        1JRU 
_pdbx_database_status.recvd_initial_deposition_date   2001-08-15 
_pdbx_database_status.deposit_site                    RCSB 
_pdbx_database_status.process_site                    RCSB 
_pdbx_database_status.SG_entry                        . 
_pdbx_database_status.pdb_format_compatible           Y 
_pdbx_database_status.status_code_mr                  ? 
_pdbx_database_status.status_code_sf                  ? 
_pdbx_database_status.status_code_cs                  ? 
_pdbx_database_status.status_code_nmr_data            ? 
_pdbx_database_status.methods_development_category    ? 
# 
_pdbx_database_related.db_name        PDB 
_pdbx_database_related.db_id          1I42 
_pdbx_database_related.details        'Contains the NMR structure family of the same protein' 
_pdbx_database_related.content_type   unspecified 
# 
loop_
_audit_author.name 
_audit_author.pdbx_ordinal 
'Yuan, X.M.'     1 
'Shaw, A.'       2 
'Zhang, X.D.'    3 
'Kondo, H.'      4 
'Lally, J.'      5 
'Freemont, P.S.' 6 
'Matthews, S.J.' 7 
# 
loop_
_citation.id 
_citation.title 
_citation.journal_abbrev 
_citation.journal_volume 
_citation.page_first 
_citation.page_last 
_citation.year 
_citation.journal_id_ASTM 
_citation.country 
_citation.journal_id_ISSN 
_citation.journal_id_CSD 
_citation.book_publisher 
_citation.pdbx_database_id_PubMed 
_citation.pdbx_database_id_DOI 
primary 
'Solution structure and interaction surface of the C-terminal domain from p47: a major p97-cofactor involved in SNARE disassembly.' 
J.Mol.Biol. 311 255 263 2001 JMOBAK UK 0022-2836 0070 ? 11478859 10.1006/jmbi.2001.4864 
1       'p47 is a cofactor for p97-mediated membrane fusion' Nature      388 75  78  1997 NATUAS UK 0028-0836 0006 ? ?        
10.1038/40411          
# 
loop_
_citation_author.citation_id 
_citation_author.name 
_citation_author.ordinal 
_citation_author.identifier_ORCID 
primary 'Yuan, X.'       1  ? 
primary 'Shaw, A.'       2  ? 
primary 'Zhang, X.'      3  ? 
primary 'Kondo, H.'      4  ? 
primary 'Lally, J.'      5  ? 
primary 'Freemont, P.S.' 6  ? 
primary 'Matthews, S.'   7  ? 
1       'Kondo, H.'      8  ? 
1       'Rabouille, C.'  9  ? 
1       'Newman, R.'     10 ? 
1       'Levine, T.P.'   11 ? 
1       'Pappin, D.'     12 ? 
1       'Freemont, P.S.' 13 ? 
1       'Warren, G.'     14 ? 
# 
_entity.id                         1 
_entity.type                       polymer 
_entity.src_method                 man 
_entity.pdbx_description           'p47 protein' 
_entity.formula_weight             9901.343 
_entity.pdbx_number_of_molecules   1 
_entity.pdbx_ec                    ? 
_entity.pdbx_mutation              ? 
_entity.pdbx_fragment              'C-TERMINAL DOMAIN (RESIDUES 282-370)' 
_entity.details                    ? 
# 
_entity_name_com.entity_id   1 
_entity_name_com.name        'XY40 protein' 
# 
_entity_poly.entity_id                      1 
_entity_poly.type                           'polypeptide(L)' 
_entity_poly.nstd_linkage                   no 
_entity_poly.nstd_monomer                   no 
_entity_poly.pdbx_seq_one_letter_code       
;KASSSILINEAEPTTNIQIRLADGGRLVQKFNHSHRISDIRLFIVDARPAMAATSFVLMTTFPNKELADENQTLKEANLL
NAVIVQRLT
;
_entity_poly.pdbx_seq_one_letter_code_can   
;KASSSILINEAEPTTNIQIRLADGGRLVQKFNHSHRISDIRLFIVDARPAMAATSFVLMTTFPNKELADENQTLKEANLL
NAVIVQRLT
;
_entity_poly.pdbx_strand_id                 A 
_entity_poly.pdbx_target_identifier         ? 
# 
loop_
_entity_poly_seq.entity_id 
_entity_poly_seq.num 
_entity_poly_seq.mon_id 
_entity_poly_seq.hetero 
1 1  LYS n 
1 2  ALA n 
1 3  SER n 
1 4  SER n 
1 5  SER n 
1 6  ILE n 
1 7  LEU n 
1 8  ILE n 
1 9  ASN n 
1 10 GLU n 
1 11 ALA n 
1 12 GLU n 
1 13 PRO n 
1 14 THR n 
1 15 THR n 
1 16 ASN n 
1 17 ILE n 
1 18 GLN n 
1 19 ILE n 
1 20 ARG n 
1 21 LEU n 
1 22 ALA n 
1 23 ASP n 
1 24 GLY n 
1 25 GLY n 
1 26 ARG n 
1 27 LEU n 
1 28 VAL n 
1 29 GLN n 
1 30 LYS n 
1 31 PHE n 
1 32 ASN n 
1 33 HIS n 
1 34 SER n 
1 35 HIS n 
1 36 ARG n 
1 37 ILE n 
1 38 SER n 
1 39 ASP n 
1 40 ILE n 
1 41 ARG n 
1 42 LEU n 
1 43 PHE n 
1 44 ILE n 
1 45 VAL n 
1 46 ASP n 
1 47 ALA n 
1 48 ARG n 
1 49 PRO n 
1 50 ALA n 
1 51 MET n 
1 52 ALA n 
1 53 ALA n 
1 54 THR n 
1 55 SER n 
1 56 PHE n 
1 57 VAL n 
1 58 LEU n 
1 59 MET n 
1 60 THR n 
1 61 THR n 
1 62 PHE n 
1 63 PRO n 
1 64 ASN n 
1 65 LYS n 
1 66 GLU n 
1 67 LEU n 
1 68 ALA n 
1 69 ASP n 
1 70 GLU n 
1 71 ASN n 
1 72 GLN n 
1 73 THR n 
1 74 LEU n 
1 75 LYS n 
1 76 GLU n 
1 77 ALA n 
1 78 ASN n 
1 79 LEU n 
1 80 LEU n 
1 81 ASN n 
1 82 ALA n 
1 83 VAL n 
1 84 ILE n 
1 85 VAL n 
1 86 GLN n 
1 87 ARG n 
1 88 LEU n 
1 89 THR n 
# 
_entity_src_gen.entity_id                          1 
_entity_src_gen.pdbx_src_id                        1 
_entity_src_gen.pdbx_alt_source_flag               sample 
_entity_src_gen.pdbx_seq_type                      ? 
_entity_src_gen.pdbx_beg_seq_num                   ? 
_entity_src_gen.pdbx_end_seq_num                   ? 
_entity_src_gen.gene_src_common_name               'Norway rat' 
_entity_src_gen.gene_src_genus                     Rattus 
_entity_src_gen.pdbx_gene_src_gene                 ? 
_entity_src_gen.gene_src_species                   ? 
_entity_src_gen.gene_src_strain                    ? 
_entity_src_gen.gene_src_tissue                    ? 
_entity_src_gen.gene_src_tissue_fraction           ? 
_entity_src_gen.gene_src_details                   ? 
_entity_src_gen.pdbx_gene_src_fragment             ? 
_entity_src_gen.pdbx_gene_src_scientific_name      'Rattus norvegicus' 
_entity_src_gen.pdbx_gene_src_ncbi_taxonomy_id     10116 
_entity_src_gen.pdbx_gene_src_variant              ? 
_entity_src_gen.pdbx_gene_src_cell_line            ? 
_entity_src_gen.pdbx_gene_src_atcc                 ? 
_entity_src_gen.pdbx_gene_src_organ                ? 
_entity_src_gen.pdbx_gene_src_organelle            ? 
_entity_src_gen.pdbx_gene_src_cell                 ? 
_entity_src_gen.pdbx_gene_src_cellular_location    ? 
_entity_src_gen.host_org_common_name               ? 
_entity_src_gen.pdbx_host_org_scientific_name      'Escherichia coli BL21(DE3)' 
_entity_src_gen.pdbx_host_org_ncbi_taxonomy_id     469008 
_entity_src_gen.host_org_genus                     Escherichia 
_entity_src_gen.pdbx_host_org_gene                 ? 
_entity_src_gen.pdbx_host_org_organ                ? 
_entity_src_gen.host_org_species                   'Escherichia coli' 
_entity_src_gen.pdbx_host_org_tissue               ? 
_entity_src_gen.pdbx_host_org_tissue_fraction      ? 
_entity_src_gen.pdbx_host_org_strain               'BL21 DE3' 
_entity_src_gen.pdbx_host_org_variant              ? 
_entity_src_gen.pdbx_host_org_cell_line            ? 
_entity_src_gen.pdbx_host_org_atcc                 ? 
_entity_src_gen.pdbx_host_org_culture_collection   ? 
_entity_src_gen.pdbx_host_org_cell                 ? 
_entity_src_gen.pdbx_host_org_organelle            ? 
_entity_src_gen.pdbx_host_org_cellular_location    ? 
_entity_src_gen.pdbx_host_org_vector_type          PLASMID 
_entity_src_gen.pdbx_host_org_vector               ? 
_entity_src_gen.host_org_details                   ? 
_entity_src_gen.expression_system_id               ? 
_entity_src_gen.plasmid_name                       'PPRO-EX HTB' 
_entity_src_gen.plasmid_details                    ? 
_entity_src_gen.pdbx_description                   ? 
# 
loop_
_chem_comp.id 
_chem_comp.type 
_chem_comp.mon_nstd_flag 
_chem_comp.name 
_chem_comp.pdbx_synonyms 
_chem_comp.formula 
_chem_comp.formula_weight 
ALA 'L-peptide linking' y ALANINE         ? 'C3 H7 N O2'     89.093  
ARG 'L-peptide linking' y ARGININE        ? 'C6 H15 N4 O2 1' 175.209 
ASN 'L-peptide linking' y ASPARAGINE      ? 'C4 H8 N2 O3'    132.118 
ASP 'L-peptide linking' y 'ASPARTIC ACID' ? 'C4 H7 N O4'     133.103 
GLN 'L-peptide linking' y GLUTAMINE       ? 'C5 H10 N2 O3'   146.144 
GLU 'L-peptide linking' y 'GLUTAMIC ACID' ? 'C5 H9 N O4'     147.129 
GLY 'peptide linking'   y GLYCINE         ? 'C2 H5 N O2'     75.067  
HIS 'L-peptide linking' y HISTIDINE       ? 'C6 H10 N3 O2 1' 156.162 
ILE 'L-peptide linking' y ISOLEUCINE      ? 'C6 H13 N O2'    131.173 
LEU 'L-peptide linking' y LEUCINE         ? 'C6 H13 N O2'    131.173 
LYS 'L-peptide linking' y LYSINE          ? 'C6 H15 N2 O2 1' 147.195 
MET 'L-peptide linking' y METHIONINE      ? 'C5 H11 N O2 S'  149.211 
PHE 'L-peptide linking' y PHENYLALANINE   ? 'C9 H11 N O2'    165.189 
PRO 'L-peptide linking' y PROLINE         ? 'C5 H9 N O2'     115.130 
SER 'L-peptide linking' y SERINE          ? 'C3 H7 N O3'     105.093 
THR 'L-peptide linking' y THREONINE       ? 'C4 H9 N O3'     119.119 
VAL 'L-peptide linking' y VALINE          ? 'C5 H11 N O2'    117.146 
# 
loop_
_pdbx_poly_seq_scheme.asym_id 
_pdbx_poly_seq_scheme.entity_id 
_pdbx_poly_seq_scheme.seq_id 
_pdbx_poly_seq_scheme.mon_id 
_pdbx_poly_seq_scheme.ndb_seq_num 
_pdbx_poly_seq_scheme.pdb_seq_num 
_pdbx_poly_seq_scheme.auth_seq_num 
_pdbx_poly_seq_scheme.pdb_mon_id 
_pdbx_poly_seq_scheme.auth_mon_id 
_pdbx_poly_seq_scheme.pdb_strand_id 
_pdbx_poly_seq_scheme.pdb_ins_code 
_pdbx_poly_seq_scheme.hetero 
A 1 1  LYS 1  282 282 LYS LYS A . n 
A 1 2  ALA 2  283 283 ALA ALA A . n 
A 1 3  SER 3  284 284 SER SER A . n 
A 1 4  SER 4  285 285 SER SER A . n 
A 1 5  SER 5  286 286 SER SER A . n 
A 1 6  ILE 6  287 287 ILE ILE A . n 
A 1 7  LEU 7  288 288 LEU LEU A . n 
A 1 8  ILE 8  289 289 ILE ILE A . n 
A 1 9  ASN 9  290 290 ASN ASN A . n 
A 1 10 GLU 10 291 291 GLU GLU A . n 
A 1 11 ALA 11 292 292 ALA ALA A . n 
A 1 12 GLU 12 293 293 GLU GLU A . n 
A 1 13 PRO 13 294 294 PRO PRO A . n 
A 1 14 THR 14 295 295 THR THR A . n 
A 1 15 THR 15 296 296 THR THR A . n 
A 1 16 ASN 16 297 297 ASN ASN A . n 
A 1 17 ILE 17 298 298 ILE ILE A . n 
A 1 18 GLN 18 299 299 GLN GLN A . n 
A 1 19 ILE 19 300 300 ILE ILE A . n 
A 1 20 ARG 20 301 301 ARG ARG A . n 
A 1 21 LEU 21 302 302 LEU LEU A . n 
A 1 22 ALA 22 303 303 ALA ALA A . n 
A 1 23 ASP 23 304 304 ASP ASP A . n 
A 1 24 GLY 24 305 305 GLY GLY A . n 
A 1 25 GLY 25 306 306 GLY GLY A . n 
A 1 26 ARG 26 307 307 ARG ARG A . n 
A 1 27 LEU 27 308 308 LEU LEU A . n 
A 1 28 VAL 28 309 309 VAL VAL A . n 
A 1 29 GLN 29 310 310 GLN GLN A . n 
A 1 30 LYS 30 311 311 LYS LYS A . n 
A 1 31 PHE 31 312 312 PHE PHE A . n 
A 1 32 ASN 32 313 313 ASN ASN A . n 
A 1 33 HIS 33 314 314 HIS HIS A . n 
A 1 34 SER 34 315 315 SER SER A . n 
A 1 35 HIS 35 316 316 HIS HIS A . n 
A 1 36 ARG 36 317 317 ARG ARG A . n 
A 1 37 ILE 37 318 318 ILE ILE A . n 
A 1 38 SER 38 319 319 SER SER A . n 
A 1 39 ASP 39 320 320 ASP ASP A . n 
A 1 40 ILE 40 321 321 ILE ILE A . n 
A 1 41 ARG 41 322 322 ARG ARG A . n 
A 1 42 LEU 42 323 323 LEU LEU A . n 
A 1 43 PHE 43 324 324 PHE PHE A . n 
A 1 44 ILE 44 325 325 ILE ILE A . n 
A 1 45 VAL 45 326 326 VAL VAL A . n 
A 1 46 ASP 46 327 327 ASP ASP A . n 
A 1 47 ALA 47 328 328 ALA ALA A . n 
A 1 48 ARG 48 329 329 ARG ARG A . n 
A 1 49 PRO 49 330 330 PRO PRO A . n 
A 1 50 ALA 50 331 331 ALA ALA A . n 
A 1 51 MET 51 332 332 MET MET A . n 
A 1 52 ALA 52 333 333 ALA ALA A . n 
A 1 53 ALA 53 334 334 ALA ALA A . n 
A 1 54 THR 54 335 335 THR THR A . n 
A 1 55 SER 55 336 336 SER SER A . n 
A 1 56 PHE 56 337 337 PHE PHE A . n 
A 1 57 VAL 57 338 338 VAL VAL A . n 
A 1 58 LEU 58 339 339 LEU LEU A . n 
A 1 59 MET 59 340 340 MET MET A . n 
A 1 60 THR 60 341 341 THR THR A . n 
A 1 61 THR 61 342 342 THR THR A . n 
A 1 62 PHE 62 343 343 PHE PHE A . n 
A 1 63 PRO 63 344 344 PRO PRO A . n 
A 1 64 ASN 64 345 345 ASN ASN A . n 
A 1 65 LYS 65 346 346 LYS LYS A . n 
A 1 66 GLU 66 347 347 GLU GLU A . n 
A 1 67 LEU 67 348 348 LEU LEU A . n 
A 1 68 ALA 68 349 349 ALA ALA A . n 
A 1 69 ASP 69 350 350 ASP ASP A . n 
A 1 70 GLU 70 351 351 GLU GLU A . n 
A 1 71 ASN 71 352 352 ASN ASN A . n 
A 1 72 GLN 72 353 353 GLN GLN A . n 
A 1 73 THR 73 354 354 THR THR A . n 
A 1 74 LEU 74 355 355 LEU LEU A . n 
A 1 75 LYS 75 356 356 LYS LYS A . n 
A 1 76 GLU 76 357 357 GLU GLU A . n 
A 1 77 ALA 77 358 358 ALA ALA A . n 
A 1 78 ASN 78 359 359 ASN ASN A . n 
A 1 79 LEU 79 360 360 LEU LEU A . n 
A 1 80 LEU 80 361 361 LEU LEU A . n 
A 1 81 ASN 81 362 362 ASN ASN A . n 
A 1 82 ALA 82 363 363 ALA ALA A . n 
A 1 83 VAL 83 364 364 VAL VAL A . n 
A 1 84 ILE 84 365 365 ILE ILE A . n 
A 1 85 VAL 85 366 366 VAL VAL A . n 
A 1 86 GLN 86 367 367 GLN GLN A . n 
A 1 87 ARG 87 368 368 ARG ARG A . n 
A 1 88 LEU 88 369 369 LEU LEU A . n 
A 1 89 THR 89 370 370 THR THR A . n 
# 
_exptl.entry_id          1JRU 
_exptl.method            'SOLUTION NMR' 
_exptl.crystals_number   ? 
# 
_struct.entry_id                  1JRU 
_struct.title                     'NMR STRUCTURE OF THE UBX DOMAIN FROM P47 (ENERGY MINIMISED AVERAGE)' 
_struct.pdbx_model_details        ? 
_struct.pdbx_CASP_flag            ? 
_struct.pdbx_model_type_details   'minimized average' 
# 
_struct_keywords.entry_id        1JRU 
_struct_keywords.pdbx_keywords   'UNKNOWN FUNCTION' 
_struct_keywords.text            'UBIQUITIN SUPERFOLD, UBX, UNUSUAL N-TERMINAL FEATURE, UNKNOWN FUNCTION' 
# 
_struct_asym.id                            A 
_struct_asym.pdbx_blank_PDB_chainid_flag   N 
_struct_asym.pdbx_modified                 N 
_struct_asym.entity_id                     1 
_struct_asym.details                       ? 
# 
_struct_ref.id                         1 
_struct_ref.entity_id                  1 
_struct_ref.db_name                    UNP 
_struct_ref.db_code                    NSF1C_RAT 
_struct_ref.pdbx_db_accession          O35987 
_struct_ref.pdbx_align_begin           282 
_struct_ref.pdbx_seq_one_letter_code   
;KASSSILINEAEPTTNIQIRLADGGRLVQKFNHSHRISDIRLFIVDARPAMAATSFVLMTTFPNKELADENQTLKEANLL
NAVIVQRLT
;
_struct_ref.pdbx_db_isoform            ? 
# 
_struct_ref_seq.align_id                      1 
_struct_ref_seq.ref_id                        1 
_struct_ref_seq.pdbx_PDB_id_code              1JRU 
_struct_ref_seq.pdbx_strand_id                A 
_struct_ref_seq.seq_align_beg                 1 
_struct_ref_seq.pdbx_seq_align_beg_ins_code   ? 
_struct_ref_seq.seq_align_end                 89 
_struct_ref_seq.pdbx_seq_align_end_ins_code   ? 
_struct_ref_seq.pdbx_db_accession             O35987 
_struct_ref_seq.db_align_beg                  282 
_struct_ref_seq.pdbx_db_align_beg_ins_code    ? 
_struct_ref_seq.db_align_end                  370 
_struct_ref_seq.pdbx_db_align_end_ins_code    ? 
_struct_ref_seq.pdbx_auth_seq_align_beg       282 
_struct_ref_seq.pdbx_auth_seq_align_end       370 
# 
_pdbx_struct_assembly.id                   1 
_pdbx_struct_assembly.details              author_defined_assembly 
_pdbx_struct_assembly.method_details       ? 
_pdbx_struct_assembly.oligomeric_details   monomeric 
_pdbx_struct_assembly.oligomeric_count     1 
# 
_pdbx_struct_assembly_gen.assembly_id       1 
_pdbx_struct_assembly_gen.oper_expression   1 
_pdbx_struct_assembly_gen.asym_id_list      A 
# 
_pdbx_struct_oper_list.id                   1 
_pdbx_struct_oper_list.type                 'identity operation' 
_pdbx_struct_oper_list.name                 1_555 
_pdbx_struct_oper_list.symmetry_operation   x,y,z 
_pdbx_struct_oper_list.matrix[1][1]         1.0000000000 
_pdbx_struct_oper_list.matrix[1][2]         0.0000000000 
_pdbx_struct_oper_list.matrix[1][3]         0.0000000000 
_pdbx_struct_oper_list.vector[1]            0.0000000000 
_pdbx_struct_oper_list.matrix[2][1]         0.0000000000 
_pdbx_struct_oper_list.matrix[2][2]         1.0000000000 
_pdbx_struct_oper_list.matrix[2][3]         0.0000000000 
_pdbx_struct_oper_list.vector[2]            0.0000000000 
_pdbx_struct_oper_list.matrix[3][1]         0.0000000000 
_pdbx_struct_oper_list.matrix[3][2]         0.0000000000 
_pdbx_struct_oper_list.matrix[3][3]         1.0000000000 
_pdbx_struct_oper_list.vector[3]            0.0000000000 
# 
_struct_biol.id   1 
# 
loop_
_struct_conf.conf_type_id 
_struct_conf.id 
_struct_conf.pdbx_PDB_helix_id 
_struct_conf.beg_label_comp_id 
_struct_conf.beg_label_asym_id 
_struct_conf.beg_label_seq_id 
_struct_conf.pdbx_beg_PDB_ins_code 
_struct_conf.end_label_comp_id 
_struct_conf.end_label_asym_id 
_struct_conf.end_label_seq_id 
_struct_conf.pdbx_end_PDB_ins_code 
_struct_conf.beg_auth_comp_id 
_struct_conf.beg_auth_asym_id 
_struct_conf.beg_auth_seq_id 
_struct_conf.end_auth_comp_id 
_struct_conf.end_auth_asym_id 
_struct_conf.end_auth_seq_id 
_struct_conf.pdbx_PDB_helix_class 
_struct_conf.details 
_struct_conf.pdbx_PDB_helix_length 
HELX_P HELX_P1 1 ILE A 37 ? ALA A 47 ? ILE A 318 ALA A 328 1 ? 11 
HELX_P HELX_P2 2 ALA A 50 ? THR A 54 ? ALA A 331 THR A 335 5 ? 5  
HELX_P HELX_P3 3 LEU A 74 ? ASN A 78 ? LEU A 355 ASN A 359 5 ? 5  
# 
_struct_conf_type.id          HELX_P 
_struct_conf_type.criteria    ? 
_struct_conf_type.reference   ? 
# 
_struct_sheet.id               A 
_struct_sheet.type             ? 
_struct_sheet.number_strands   4 
_struct_sheet.details          ? 
# 
loop_
_struct_sheet_order.sheet_id 
_struct_sheet_order.range_id_1 
_struct_sheet_order.range_id_2 
_struct_sheet_order.offset 
_struct_sheet_order.sense 
A 1 2 ? anti-parallel 
A 2 3 ? parallel      
A 3 4 ? anti-parallel 
# 
loop_
_struct_sheet_range.sheet_id 
_struct_sheet_range.id 
_struct_sheet_range.beg_label_comp_id 
_struct_sheet_range.beg_label_asym_id 
_struct_sheet_range.beg_label_seq_id 
_struct_sheet_range.pdbx_beg_PDB_ins_code 
_struct_sheet_range.end_label_comp_id 
_struct_sheet_range.end_label_asym_id 
_struct_sheet_range.end_label_seq_id 
_struct_sheet_range.pdbx_end_PDB_ins_code 
_struct_sheet_range.beg_auth_comp_id 
_struct_sheet_range.beg_auth_asym_id 
_struct_sheet_range.beg_auth_seq_id 
_struct_sheet_range.end_auth_comp_id 
_struct_sheet_range.end_auth_asym_id 
_struct_sheet_range.end_auth_seq_id 
A 1 GLY A 25 ? PHE A 31 ? GLY A 306 PHE A 312 
A 2 THR A 15 ? LEU A 21 ? THR A 296 LEU A 302 
A 3 VAL A 83 ? LEU A 88 ? VAL A 364 LEU A 369 
A 4 PHE A 56 ? MET A 59 ? PHE A 337 MET A 340 
# 
loop_
_pdbx_struct_sheet_hbond.sheet_id 
_pdbx_struct_sheet_hbond.range_id_1 
_pdbx_struct_sheet_hbond.range_id_2 
_pdbx_struct_sheet_hbond.range_1_label_atom_id 
_pdbx_struct_sheet_hbond.range_1_label_comp_id 
_pdbx_struct_sheet_hbond.range_1_label_asym_id 
_pdbx_struct_sheet_hbond.range_1_label_seq_id 
_pdbx_struct_sheet_hbond.range_1_PDB_ins_code 
_pdbx_struct_sheet_hbond.range_1_auth_atom_id 
_pdbx_struct_sheet_hbond.range_1_auth_comp_id 
_pdbx_struct_sheet_hbond.range_1_auth_asym_id 
_pdbx_struct_sheet_hbond.range_1_auth_seq_id 
_pdbx_struct_sheet_hbond.range_2_label_atom_id 
_pdbx_struct_sheet_hbond.range_2_label_comp_id 
_pdbx_struct_sheet_hbond.range_2_label_asym_id 
_pdbx_struct_sheet_hbond.range_2_label_seq_id 
_pdbx_struct_sheet_hbond.range_2_PDB_ins_code 
_pdbx_struct_sheet_hbond.range_2_auth_atom_id 
_pdbx_struct_sheet_hbond.range_2_auth_comp_id 
_pdbx_struct_sheet_hbond.range_2_auth_asym_id 
_pdbx_struct_sheet_hbond.range_2_auth_seq_id 
A 1 2 O GLY A 25 ? O GLY A 306 N LEU A 21 ? N LEU A 302 
A 2 3 N GLN A 18 ? N GLN A 299 O GLN A 86 ? O GLN A 367 
A 3 4 O VAL A 85 ? O VAL A 366 N MET A 59 ? N MET A 340 
# 
loop_
_pdbx_validate_close_contact.id 
_pdbx_validate_close_contact.PDB_model_num 
_pdbx_validate_close_contact.auth_atom_id_1 
_pdbx_validate_close_contact.auth_asym_id_1 
_pdbx_validate_close_contact.auth_comp_id_1 
_pdbx_validate_close_contact.auth_seq_id_1 
_pdbx_validate_close_contact.PDB_ins_code_1 
_pdbx_validate_close_contact.label_alt_id_1 
_pdbx_validate_close_contact.auth_atom_id_2 
_pdbx_validate_close_contact.auth_asym_id_2 
_pdbx_validate_close_contact.auth_comp_id_2 
_pdbx_validate_close_contact.auth_seq_id_2 
_pdbx_validate_close_contact.PDB_ins_code_2 
_pdbx_validate_close_contact.label_alt_id_2 
_pdbx_validate_close_contact.dist 
1 1 H A LEU 302 ? ? O A GLY 306 ? ? 1.43 
2 1 O A SER 284 ? ? H A SER 286 ? ? 1.51 
3 1 H A ASN 297 ? ? O A ALA 363 ? ? 1.54 
# 
loop_
_pdbx_validate_torsion.id 
_pdbx_validate_torsion.PDB_model_num 
_pdbx_validate_torsion.auth_comp_id 
_pdbx_validate_torsion.auth_asym_id 
_pdbx_validate_torsion.auth_seq_id 
_pdbx_validate_torsion.PDB_ins_code 
_pdbx_validate_torsion.label_alt_id 
_pdbx_validate_torsion.phi 
_pdbx_validate_torsion.psi 
1  1 SER A 285 ? ? 61.49   -59.14  
2  1 SER A 286 ? ? -81.34  34.51   
3  1 ILE A 287 ? ? -69.22  99.73   
4  1 ALA A 328 ? ? -107.42 54.69   
5  1 ALA A 333 ? ? -20.01  -49.33  
6  1 ALA A 334 ? ? -142.24 59.59   
7  1 LEU A 348 ? ? -34.51  157.56  
8  1 ALA A 349 ? ? -167.37 104.99  
9  1 ASP A 350 ? ? -112.98 -152.01 
10 1 GLU A 351 ? ? -161.94 -70.30  
11 1 ASN A 352 ? ? 173.67  -27.46  
12 1 GLN A 353 ? ? -88.30  -144.55 
13 1 LEU A 361 ? ? -47.45  93.34   
14 1 ALA A 363 ? ? 71.06   -56.64  
# 
loop_
_pdbx_validate_planes.id 
_pdbx_validate_planes.PDB_model_num 
_pdbx_validate_planes.auth_comp_id 
_pdbx_validate_planes.auth_asym_id 
_pdbx_validate_planes.auth_seq_id 
_pdbx_validate_planes.PDB_ins_code 
_pdbx_validate_planes.label_alt_id 
_pdbx_validate_planes.rmsd 
_pdbx_validate_planes.type 
1 1 ARG A 301 ? ? 0.309 'SIDE CHAIN' 
2 1 ARG A 307 ? ? 0.237 'SIDE CHAIN' 
3 1 ARG A 317 ? ? 0.223 'SIDE CHAIN' 
4 1 ARG A 322 ? ? 0.247 'SIDE CHAIN' 
5 1 ARG A 368 ? ? 0.175 'SIDE CHAIN' 
# 
_pdbx_nmr_ensemble.entry_id                             1JRU 
_pdbx_nmr_ensemble.conformers_calculated_total_number   ? 
_pdbx_nmr_ensemble.conformers_submitted_total_number    1 
_pdbx_nmr_ensemble.conformer_selection_criteria         ? 
# 
_pdbx_nmr_representative.entry_id             1JRU 
_pdbx_nmr_representative.conformer_id         1 
_pdbx_nmr_representative.selection_criteria   'minimized average structure' 
# 
_pdbx_nmr_sample_details.solution_id      1 
_pdbx_nmr_sample_details.contents         '1mM 13C, 15N-labelled p47 C-terminal domain sample in 20 mM NaAc, pH5.2' 
_pdbx_nmr_sample_details.solvent_system   '90% H2O/10% D2O' 
# 
_pdbx_nmr_exptl_sample_conditions.conditions_id       1 
_pdbx_nmr_exptl_sample_conditions.temperature         302 
_pdbx_nmr_exptl_sample_conditions.pressure            1 
_pdbx_nmr_exptl_sample_conditions.pH                  5.2 
_pdbx_nmr_exptl_sample_conditions.ionic_strength      ? 
_pdbx_nmr_exptl_sample_conditions.pressure_units      atm 
_pdbx_nmr_exptl_sample_conditions.temperature_units   K 
# 
loop_
_pdbx_nmr_exptl.experiment_id 
_pdbx_nmr_exptl.solution_id 
_pdbx_nmr_exptl.conditions_id 
_pdbx_nmr_exptl.type 
1 1 1 HNCA                   
2 1 1 'HN(CO)CA'             
3 1 1 HNCACB                 
4 1 1 'CBCA(CO)NH'           
5 1 1 'HBHA(CBCACO)NH'       
6 1 1 3D_15N-separated_NOESY 
# 
_pdbx_nmr_details.entry_id   1JRU 
_pdbx_nmr_details.text       'The structure was determined using triple-resonance NMR spectroscopy' 
# 
_pdbx_nmr_refine.entry_id           1JRU 
_pdbx_nmr_refine.method             'torsion angle dynamics, simulated annealing' 
_pdbx_nmr_refine.details            ? 
_pdbx_nmr_refine.software_ordinal   1 
# 
loop_
_pdbx_nmr_software.name 
_pdbx_nmr_software.version 
_pdbx_nmr_software.classification 
_pdbx_nmr_software.authors 
_pdbx_nmr_software.ordinal 
AURELIA 2.1.5 'data analysis'      Bruker   1 
NMRPipe ?     processing           Delaglio 2 
XwinNMR ?     collection           Bruker   3 
NMRView 3.1.1 'data analysis'      Johnson  4 
X-PLOR  3.853 'structure solution' Brunger  5 
X-PLOR  3.853 refinement           Brunger  6 
# 
loop_
_chem_comp_atom.comp_id 
_chem_comp_atom.atom_id 
_chem_comp_atom.type_symbol 
_chem_comp_atom.pdbx_aromatic_flag 
_chem_comp_atom.pdbx_stereo_config 
_chem_comp_atom.pdbx_ordinal 
ALA N    N N N 1   
ALA CA   C N S 2   
ALA C    C N N 3   
ALA O    O N N 4   
ALA CB   C N N 5   
ALA OXT  O N N 6   
ALA H    H N N 7   
ALA H2   H N N 8   
ALA HA   H N N 9   
ALA HB1  H N N 10  
ALA HB2  H N N 11  
ALA HB3  H N N 12  
ALA HXT  H N N 13  
ARG N    N N N 14  
ARG CA   C N S 15  
ARG C    C N N 16  
ARG O    O N N 17  
ARG CB   C N N 18  
ARG CG   C N N 19  
ARG CD   C N N 20  
ARG NE   N N N 21  
ARG CZ   C N N 22  
ARG NH1  N N N 23  
ARG NH2  N N N 24  
ARG OXT  O N N 25  
ARG H    H N N 26  
ARG H2   H N N 27  
ARG HA   H N N 28  
ARG HB2  H N N 29  
ARG HB3  H N N 30  
ARG HG2  H N N 31  
ARG HG3  H N N 32  
ARG HD2  H N N 33  
ARG HD3  H N N 34  
ARG HE   H N N 35  
ARG HH11 H N N 36  
ARG HH12 H N N 37  
ARG HH21 H N N 38  
ARG HH22 H N N 39  
ARG HXT  H N N 40  
ASN N    N N N 41  
ASN CA   C N S 42  
ASN C    C N N 43  
ASN O    O N N 44  
ASN CB   C N N 45  
ASN CG   C N N 46  
ASN OD1  O N N 47  
ASN ND2  N N N 48  
ASN OXT  O N N 49  
ASN H    H N N 50  
ASN H2   H N N 51  
ASN HA   H N N 52  
ASN HB2  H N N 53  
ASN HB3  H N N 54  
ASN HD21 H N N 55  
ASN HD22 H N N 56  
ASN HXT  H N N 57  
ASP N    N N N 58  
ASP CA   C N S 59  
ASP C    C N N 60  
ASP O    O N N 61  
ASP CB   C N N 62  
ASP CG   C N N 63  
ASP OD1  O N N 64  
ASP OD2  O N N 65  
ASP OXT  O N N 66  
ASP H    H N N 67  
ASP H2   H N N 68  
ASP HA   H N N 69  
ASP HB2  H N N 70  
ASP HB3  H N N 71  
ASP HD2  H N N 72  
ASP HXT  H N N 73  
GLN N    N N N 74  
GLN CA   C N S 75  
GLN C    C N N 76  
GLN O    O N N 77  
GLN CB   C N N 78  
GLN CG   C N N 79  
GLN CD   C N N 80  
GLN OE1  O N N 81  
GLN NE2  N N N 82  
GLN OXT  O N N 83  
GLN H    H N N 84  
GLN H2   H N N 85  
GLN HA   H N N 86  
GLN HB2  H N N 87  
GLN HB3  H N N 88  
GLN HG2  H N N 89  
GLN HG3  H N N 90  
GLN HE21 H N N 91  
GLN HE22 H N N 92  
GLN HXT  H N N 93  
GLU N    N N N 94  
GLU CA   C N S 95  
GLU C    C N N 96  
GLU O    O N N 97  
GLU CB   C N N 98  
GLU CG   C N N 99  
GLU CD   C N N 100 
GLU OE1  O N N 101 
GLU OE2  O N N 102 
GLU OXT  O N N 103 
GLU H    H N N 104 
GLU H2   H N N 105 
GLU HA   H N N 106 
GLU HB2  H N N 107 
GLU HB3  H N N 108 
GLU HG2  H N N 109 
GLU HG3  H N N 110 
GLU HE2  H N N 111 
GLU HXT  H N N 112 
GLY N    N N N 113 
GLY CA   C N N 114 
GLY C    C N N 115 
GLY O    O N N 116 
GLY OXT  O N N 117 
GLY H    H N N 118 
GLY H2   H N N 119 
GLY HA2  H N N 120 
GLY HA3  H N N 121 
GLY HXT  H N N 122 
HIS N    N N N 123 
HIS CA   C N S 124 
HIS C    C N N 125 
HIS O    O N N 126 
HIS CB   C N N 127 
HIS CG   C Y N 128 
HIS ND1  N Y N 129 
HIS CD2  C Y N 130 
HIS CE1  C Y N 131 
HIS NE2  N Y N 132 
HIS OXT  O N N 133 
HIS H    H N N 134 
HIS H2   H N N 135 
HIS HA   H N N 136 
HIS HB2  H N N 137 
HIS HB3  H N N 138 
HIS HD1  H N N 139 
HIS HD2  H N N 140 
HIS HE1  H N N 141 
HIS HE2  H N N 142 
HIS HXT  H N N 143 
ILE N    N N N 144 
ILE CA   C N S 145 
ILE C    C N N 146 
ILE O    O N N 147 
ILE CB   C N S 148 
ILE CG1  C N N 149 
ILE CG2  C N N 150 
ILE CD1  C N N 151 
ILE OXT  O N N 152 
ILE H    H N N 153 
ILE H2   H N N 154 
ILE HA   H N N 155 
ILE HB   H N N 156 
ILE HG12 H N N 157 
ILE HG13 H N N 158 
ILE HG21 H N N 159 
ILE HG22 H N N 160 
ILE HG23 H N N 161 
ILE HD11 H N N 162 
ILE HD12 H N N 163 
ILE HD13 H N N 164 
ILE HXT  H N N 165 
LEU N    N N N 166 
LEU CA   C N S 167 
LEU C    C N N 168 
LEU O    O N N 169 
LEU CB   C N N 170 
LEU CG   C N N 171 
LEU CD1  C N N 172 
LEU CD2  C N N 173 
LEU OXT  O N N 174 
LEU H    H N N 175 
LEU H2   H N N 176 
LEU HA   H N N 177 
LEU HB2  H N N 178 
LEU HB3  H N N 179 
LEU HG   H N N 180 
LEU HD11 H N N 181 
LEU HD12 H N N 182 
LEU HD13 H N N 183 
LEU HD21 H N N 184 
LEU HD22 H N N 185 
LEU HD23 H N N 186 
LEU HXT  H N N 187 
LYS N    N N N 188 
LYS CA   C N S 189 
LYS C    C N N 190 
LYS O    O N N 191 
LYS CB   C N N 192 
LYS CG   C N N 193 
LYS CD   C N N 194 
LYS CE   C N N 195 
LYS NZ   N N N 196 
LYS OXT  O N N 197 
LYS H    H N N 198 
LYS H2   H N N 199 
LYS HA   H N N 200 
LYS HB2  H N N 201 
LYS HB3  H N N 202 
LYS HG2  H N N 203 
LYS HG3  H N N 204 
LYS HD2  H N N 205 
LYS HD3  H N N 206 
LYS HE2  H N N 207 
LYS HE3  H N N 208 
LYS HZ1  H N N 209 
LYS HZ2  H N N 210 
LYS HZ3  H N N 211 
LYS HXT  H N N 212 
MET N    N N N 213 
MET CA   C N S 214 
MET C    C N N 215 
MET O    O N N 216 
MET CB   C N N 217 
MET CG   C N N 218 
MET SD   S N N 219 
MET CE   C N N 220 
MET OXT  O N N 221 
MET H    H N N 222 
MET H2   H N N 223 
MET HA   H N N 224 
MET HB2  H N N 225 
MET HB3  H N N 226 
MET HG2  H N N 227 
MET HG3  H N N 228 
MET HE1  H N N 229 
MET HE2  H N N 230 
MET HE3  H N N 231 
MET HXT  H N N 232 
PHE N    N N N 233 
PHE CA   C N S 234 
PHE C    C N N 235 
PHE O    O N N 236 
PHE CB   C N N 237 
PHE CG   C Y N 238 
PHE CD1  C Y N 239 
PHE CD2  C Y N 240 
PHE CE1  C Y N 241 
PHE CE2  C Y N 242 
PHE CZ   C Y N 243 
PHE OXT  O N N 244 
PHE H    H N N 245 
PHE H2   H N N 246 
PHE HA   H N N 247 
PHE HB2  H N N 248 
PHE HB3  H N N 249 
PHE HD1  H N N 250 
PHE HD2  H N N 251 
PHE HE1  H N N 252 
PHE HE2  H N N 253 
PHE HZ   H N N 254 
PHE HXT  H N N 255 
PRO N    N N N 256 
PRO CA   C N S 257 
PRO C    C N N 258 
PRO O    O N N 259 
PRO CB   C N N 260 
PRO CG   C N N 261 
PRO CD   C N N 262 
PRO OXT  O N N 263 
PRO H    H N N 264 
PRO HA   H N N 265 
PRO HB2  H N N 266 
PRO HB3  H N N 267 
PRO HG2  H N N 268 
PRO HG3  H N N 269 
PRO HD2  H N N 270 
PRO HD3  H N N 271 
PRO HXT  H N N 272 
SER N    N N N 273 
SER CA   C N S 274 
SER C    C N N 275 
SER O    O N N 276 
SER CB   C N N 277 
SER OG   O N N 278 
SER OXT  O N N 279 
SER H    H N N 280 
SER H2   H N N 281 
SER HA   H N N 282 
SER HB2  H N N 283 
SER HB3  H N N 284 
SER HG   H N N 285 
SER HXT  H N N 286 
THR N    N N N 287 
THR CA   C N S 288 
THR C    C N N 289 
THR O    O N N 290 
THR CB   C N R 291 
THR OG1  O N N 292 
THR CG2  C N N 293 
THR OXT  O N N 294 
THR H    H N N 295 
THR H2   H N N 296 
THR HA   H N N 297 
THR HB   H N N 298 
THR HG1  H N N 299 
THR HG21 H N N 300 
THR HG22 H N N 301 
THR HG23 H N N 302 
THR HXT  H N N 303 
VAL N    N N N 304 
VAL CA   C N S 305 
VAL C    C N N 306 
VAL O    O N N 307 
VAL CB   C N N 308 
VAL CG1  C N N 309 
VAL CG2  C N N 310 
VAL OXT  O N N 311 
VAL H    H N N 312 
VAL H2   H N N 313 
VAL HA   H N N 314 
VAL HB   H N N 315 
VAL HG11 H N N 316 
VAL HG12 H N N 317 
VAL HG13 H N N 318 
VAL HG21 H N N 319 
VAL HG22 H N N 320 
VAL HG23 H N N 321 
VAL HXT  H N N 322 
# 
loop_
_chem_comp_bond.comp_id 
_chem_comp_bond.atom_id_1 
_chem_comp_bond.atom_id_2 
_chem_comp_bond.value_order 
_chem_comp_bond.pdbx_aromatic_flag 
_chem_comp_bond.pdbx_stereo_config 
_chem_comp_bond.pdbx_ordinal 
ALA N   CA   sing N N 1   
ALA N   H    sing N N 2   
ALA N   H2   sing N N 3   
ALA CA  C    sing N N 4   
ALA CA  CB   sing N N 5   
ALA CA  HA   sing N N 6   
ALA C   O    doub N N 7   
ALA C   OXT  sing N N 8   
ALA CB  HB1  sing N N 9   
ALA CB  HB2  sing N N 10  
ALA CB  HB3  sing N N 11  
ALA OXT HXT  sing N N 12  
ARG N   CA   sing N N 13  
ARG N   H    sing N N 14  
ARG N   H2   sing N N 15  
ARG CA  C    sing N N 16  
ARG CA  CB   sing N N 17  
ARG CA  HA   sing N N 18  
ARG C   O    doub N N 19  
ARG C   OXT  sing N N 20  
ARG CB  CG   sing N N 21  
ARG CB  HB2  sing N N 22  
ARG CB  HB3  sing N N 23  
ARG CG  CD   sing N N 24  
ARG CG  HG2  sing N N 25  
ARG CG  HG3  sing N N 26  
ARG CD  NE   sing N N 27  
ARG CD  HD2  sing N N 28  
ARG CD  HD3  sing N N 29  
ARG NE  CZ   sing N N 30  
ARG NE  HE   sing N N 31  
ARG CZ  NH1  sing N N 32  
ARG CZ  NH2  doub N N 33  
ARG NH1 HH11 sing N N 34  
ARG NH1 HH12 sing N N 35  
ARG NH2 HH21 sing N N 36  
ARG NH2 HH22 sing N N 37  
ARG OXT HXT  sing N N 38  
ASN N   CA   sing N N 39  
ASN N   H    sing N N 40  
ASN N   H2   sing N N 41  
ASN CA  C    sing N N 42  
ASN CA  CB   sing N N 43  
ASN CA  HA   sing N N 44  
ASN C   O    doub N N 45  
ASN C   OXT  sing N N 46  
ASN CB  CG   sing N N 47  
ASN CB  HB2  sing N N 48  
ASN CB  HB3  sing N N 49  
ASN CG  OD1  doub N N 50  
ASN CG  ND2  sing N N 51  
ASN ND2 HD21 sing N N 52  
ASN ND2 HD22 sing N N 53  
ASN OXT HXT  sing N N 54  
ASP N   CA   sing N N 55  
ASP N   H    sing N N 56  
ASP N   H2   sing N N 57  
ASP CA  C    sing N N 58  
ASP CA  CB   sing N N 59  
ASP CA  HA   sing N N 60  
ASP C   O    doub N N 61  
ASP C   OXT  sing N N 62  
ASP CB  CG   sing N N 63  
ASP CB  HB2  sing N N 64  
ASP CB  HB3  sing N N 65  
ASP CG  OD1  doub N N 66  
ASP CG  OD2  sing N N 67  
ASP OD2 HD2  sing N N 68  
ASP OXT HXT  sing N N 69  
GLN N   CA   sing N N 70  
GLN N   H    sing N N 71  
GLN N   H2   sing N N 72  
GLN CA  C    sing N N 73  
GLN CA  CB   sing N N 74  
GLN CA  HA   sing N N 75  
GLN C   O    doub N N 76  
GLN C   OXT  sing N N 77  
GLN CB  CG   sing N N 78  
GLN CB  HB2  sing N N 79  
GLN CB  HB3  sing N N 80  
GLN CG  CD   sing N N 81  
GLN CG  HG2  sing N N 82  
GLN CG  HG3  sing N N 83  
GLN CD  OE1  doub N N 84  
GLN CD  NE2  sing N N 85  
GLN NE2 HE21 sing N N 86  
GLN NE2 HE22 sing N N 87  
GLN OXT HXT  sing N N 88  
GLU N   CA   sing N N 89  
GLU N   H    sing N N 90  
GLU N   H2   sing N N 91  
GLU CA  C    sing N N 92  
GLU CA  CB   sing N N 93  
GLU CA  HA   sing N N 94  
GLU C   O    doub N N 95  
GLU C   OXT  sing N N 96  
GLU CB  CG   sing N N 97  
GLU CB  HB2  sing N N 98  
GLU CB  HB3  sing N N 99  
GLU CG  CD   sing N N 100 
GLU CG  HG2  sing N N 101 
GLU CG  HG3  sing N N 102 
GLU CD  OE1  doub N N 103 
GLU CD  OE2  sing N N 104 
GLU OE2 HE2  sing N N 105 
GLU OXT HXT  sing N N 106 
GLY N   CA   sing N N 107 
GLY N   H    sing N N 108 
GLY N   H2   sing N N 109 
GLY CA  C    sing N N 110 
GLY CA  HA2  sing N N 111 
GLY CA  HA3  sing N N 112 
GLY C   O    doub N N 113 
GLY C   OXT  sing N N 114 
GLY OXT HXT  sing N N 115 
HIS N   CA   sing N N 116 
HIS N   H    sing N N 117 
HIS N   H2   sing N N 118 
HIS CA  C    sing N N 119 
HIS CA  CB   sing N N 120 
HIS CA  HA   sing N N 121 
HIS C   O    doub N N 122 
HIS C   OXT  sing N N 123 
HIS CB  CG   sing N N 124 
HIS CB  HB2  sing N N 125 
HIS CB  HB3  sing N N 126 
HIS CG  ND1  sing Y N 127 
HIS CG  CD2  doub Y N 128 
HIS ND1 CE1  doub Y N 129 
HIS ND1 HD1  sing N N 130 
HIS CD2 NE2  sing Y N 131 
HIS CD2 HD2  sing N N 132 
HIS CE1 NE2  sing Y N 133 
HIS CE1 HE1  sing N N 134 
HIS NE2 HE2  sing N N 135 
HIS OXT HXT  sing N N 136 
ILE N   CA   sing N N 137 
ILE N   H    sing N N 138 
ILE N   H2   sing N N 139 
ILE CA  C    sing N N 140 
ILE CA  CB   sing N N 141 
ILE CA  HA   sing N N 142 
ILE C   O    doub N N 143 
ILE C   OXT  sing N N 144 
ILE CB  CG1  sing N N 145 
ILE CB  CG2  sing N N 146 
ILE CB  HB   sing N N 147 
ILE CG1 CD1  sing N N 148 
ILE CG1 HG12 sing N N 149 
ILE CG1 HG13 sing N N 150 
ILE CG2 HG21 sing N N 151 
ILE CG2 HG22 sing N N 152 
ILE CG2 HG23 sing N N 153 
ILE CD1 HD11 sing N N 154 
ILE CD1 HD12 sing N N 155 
ILE CD1 HD13 sing N N 156 
ILE OXT HXT  sing N N 157 
LEU N   CA   sing N N 158 
LEU N   H    sing N N 159 
LEU N   H2   sing N N 160 
LEU CA  C    sing N N 161 
LEU CA  CB   sing N N 162 
LEU CA  HA   sing N N 163 
LEU C   O    doub N N 164 
LEU C   OXT  sing N N 165 
LEU CB  CG   sing N N 166 
LEU CB  HB2  sing N N 167 
LEU CB  HB3  sing N N 168 
LEU CG  CD1  sing N N 169 
LEU CG  CD2  sing N N 170 
LEU CG  HG   sing N N 171 
LEU CD1 HD11 sing N N 172 
LEU CD1 HD12 sing N N 173 
LEU CD1 HD13 sing N N 174 
LEU CD2 HD21 sing N N 175 
LEU CD2 HD22 sing N N 176 
LEU CD2 HD23 sing N N 177 
LEU OXT HXT  sing N N 178 
LYS N   CA   sing N N 179 
LYS N   H    sing N N 180 
LYS N   H2   sing N N 181 
LYS CA  C    sing N N 182 
LYS CA  CB   sing N N 183 
LYS CA  HA   sing N N 184 
LYS C   O    doub N N 185 
LYS C   OXT  sing N N 186 
LYS CB  CG   sing N N 187 
LYS CB  HB2  sing N N 188 
LYS CB  HB3  sing N N 189 
LYS CG  CD   sing N N 190 
LYS CG  HG2  sing N N 191 
LYS CG  HG3  sing N N 192 
LYS CD  CE   sing N N 193 
LYS CD  HD2  sing N N 194 
LYS CD  HD3  sing N N 195 
LYS CE  NZ   sing N N 196 
LYS CE  HE2  sing N N 197 
LYS CE  HE3  sing N N 198 
LYS NZ  HZ1  sing N N 199 
LYS NZ  HZ2  sing N N 200 
LYS NZ  HZ3  sing N N 201 
LYS OXT HXT  sing N N 202 
MET N   CA   sing N N 203 
MET N   H    sing N N 204 
MET N   H2   sing N N 205 
MET CA  C    sing N N 206 
MET CA  CB   sing N N 207 
MET CA  HA   sing N N 208 
MET C   O    doub N N 209 
MET C   OXT  sing N N 210 
MET CB  CG   sing N N 211 
MET CB  HB2  sing N N 212 
MET CB  HB3  sing N N 213 
MET CG  SD   sing N N 214 
MET CG  HG2  sing N N 215 
MET CG  HG3  sing N N 216 
MET SD  CE   sing N N 217 
MET CE  HE1  sing N N 218 
MET CE  HE2  sing N N 219 
MET CE  HE3  sing N N 220 
MET OXT HXT  sing N N 221 
PHE N   CA   sing N N 222 
PHE N   H    sing N N 223 
PHE N   H2   sing N N 224 
PHE CA  C    sing N N 225 
PHE CA  CB   sing N N 226 
PHE CA  HA   sing N N 227 
PHE C   O    doub N N 228 
PHE C   OXT  sing N N 229 
PHE CB  CG   sing N N 230 
PHE CB  HB2  sing N N 231 
PHE CB  HB3  sing N N 232 
PHE CG  CD1  doub Y N 233 
PHE CG  CD2  sing Y N 234 
PHE CD1 CE1  sing Y N 235 
PHE CD1 HD1  sing N N 236 
PHE CD2 CE2  doub Y N 237 
PHE CD2 HD2  sing N N 238 
PHE CE1 CZ   doub Y N 239 
PHE CE1 HE1  sing N N 240 
PHE CE2 CZ   sing Y N 241 
PHE CE2 HE2  sing N N 242 
PHE CZ  HZ   sing N N 243 
PHE OXT HXT  sing N N 244 
PRO N   CA   sing N N 245 
PRO N   CD   sing N N 246 
PRO N   H    sing N N 247 
PRO CA  C    sing N N 248 
PRO CA  CB   sing N N 249 
PRO CA  HA   sing N N 250 
PRO C   O    doub N N 251 
PRO C   OXT  sing N N 252 
PRO CB  CG   sing N N 253 
PRO CB  HB2  sing N N 254 
PRO CB  HB3  sing N N 255 
PRO CG  CD   sing N N 256 
PRO CG  HG2  sing N N 257 
PRO CG  HG3  sing N N 258 
PRO CD  HD2  sing N N 259 
PRO CD  HD3  sing N N 260 
PRO OXT HXT  sing N N 261 
SER N   CA   sing N N 262 
SER N   H    sing N N 263 
SER N   H2   sing N N 264 
SER CA  C    sing N N 265 
SER CA  CB   sing N N 266 
SER CA  HA   sing N N 267 
SER C   O    doub N N 268 
SER C   OXT  sing N N 269 
SER CB  OG   sing N N 270 
SER CB  HB2  sing N N 271 
SER CB  HB3  sing N N 272 
SER OG  HG   sing N N 273 
SER OXT HXT  sing N N 274 
THR N   CA   sing N N 275 
THR N   H    sing N N 276 
THR N   H2   sing N N 277 
THR CA  C    sing N N 278 
THR CA  CB   sing N N 279 
THR CA  HA   sing N N 280 
THR C   O    doub N N 281 
THR C   OXT  sing N N 282 
THR CB  OG1  sing N N 283 
THR CB  CG2  sing N N 284 
THR CB  HB   sing N N 285 
THR OG1 HG1  sing N N 286 
THR CG2 HG21 sing N N 287 
THR CG2 HG22 sing N N 288 
THR CG2 HG23 sing N N 289 
THR OXT HXT  sing N N 290 
VAL N   CA   sing N N 291 
VAL N   H    sing N N 292 
VAL N   H2   sing N N 293 
VAL CA  C    sing N N 294 
VAL CA  CB   sing N N 295 
VAL CA  HA   sing N N 296 
VAL C   O    doub N N 297 
VAL C   OXT  sing N N 298 
VAL CB  CG1  sing N N 299 
VAL CB  CG2  sing N N 300 
VAL CB  HB   sing N N 301 
VAL CG1 HG11 sing N N 302 
VAL CG1 HG12 sing N N 303 
VAL CG1 HG13 sing N N 304 
VAL CG2 HG21 sing N N 305 
VAL CG2 HG22 sing N N 306 
VAL CG2 HG23 sing N N 307 
VAL OXT HXT  sing N N 308 
# 
_pdbx_nmr_spectrometer.spectrometer_id   1 
_pdbx_nmr_spectrometer.type              ? 
_pdbx_nmr_spectrometer.manufacturer      Bruker 
_pdbx_nmr_spectrometer.model             DRX 
_pdbx_nmr_spectrometer.field_strength    500 
# 
_atom_sites.entry_id                    1JRU 
_atom_sites.fract_transf_matrix[1][1]   1.000000 
_atom_sites.fract_transf_matrix[1][2]   0.000000 
_atom_sites.fract_transf_matrix[1][3]   0.000000 
_atom_sites.fract_transf_matrix[2][1]   0.000000 
_atom_sites.fract_transf_matrix[2][2]   1.000000 
_atom_sites.fract_transf_matrix[2][3]   0.000000 
_atom_sites.fract_transf_matrix[3][1]   0.000000 
_atom_sites.fract_transf_matrix[3][2]   0.000000 
_atom_sites.fract_transf_matrix[3][3]   1.000000 
_atom_sites.fract_transf_vector[1]      0.00000 
_atom_sites.fract_transf_vector[2]      0.00000 
_atom_sites.fract_transf_vector[3]      0.00000 
# 
loop_
_atom_type.symbol 
C 
H 
N 
O 
S 
# 
loop_
_atom_site.group_PDB 
_atom_site.id 
_atom_site.type_symbol 
_atom_site.label_atom_id 
_atom_site.label_alt_id 
_atom_site.label_comp_id 
_atom_site.label_asym_id 
_atom_site.label_entity_id 
_atom_site.label_seq_id 
_atom_site.pdbx_PDB_ins_code 
_atom_site.Cartn_x 
_atom_site.Cartn_y 
_atom_site.Cartn_z 
_atom_site.occupancy 
_atom_site.B_iso_or_equiv 
_atom_site.pdbx_formal_charge 
_atom_site.auth_seq_id 
_atom_site.auth_comp_id 
_atom_site.auth_asym_id 
_atom_site.auth_atom_id 
_atom_site.pdbx_PDB_model_num 
ATOM 1    N N    . LYS A 1 1  ? -10.567 9.222   -11.414 1.00 8.47  ? 282 LYS A N    1 
ATOM 2    C CA   . LYS A 1 1  ? -9.156  8.898   -11.772 1.00 7.72  ? 282 LYS A CA   1 
ATOM 3    C C    . LYS A 1 1  ? -8.481  8.147   -10.620 1.00 6.58  ? 282 LYS A C    1 
ATOM 4    O O    . LYS A 1 1  ? -8.548  8.561   -9.479  1.00 6.40  ? 282 LYS A O    1 
ATOM 5    C CB   . LYS A 1 1  ? -8.485  10.262  -12.017 1.00 8.16  ? 282 LYS A CB   1 
ATOM 6    C CG   . LYS A 1 1  ? -7.839  10.785  -10.724 1.00 8.46  ? 282 LYS A CG   1 
ATOM 7    C CD   . LYS A 1 1  ? -7.076  12.079  -11.014 1.00 9.00  ? 282 LYS A CD   1 
ATOM 8    C CE   . LYS A 1 1  ? -7.989  13.279  -10.751 1.00 9.44  ? 282 LYS A CE   1 
ATOM 9    N NZ   . LYS A 1 1  ? -8.223  13.278  -9.278  1.00 9.99  ? 282 LYS A NZ   1 
ATOM 10   H H1   . LYS A 1 1  ? -11.165 9.151   -12.261 1.00 8.91  ? 282 LYS A H1   1 
ATOM 11   H H2   . LYS A 1 1  ? -10.615 10.189  -11.033 1.00 8.71  ? 282 LYS A H2   1 
ATOM 12   H H3   . LYS A 1 1  ? -10.906 8.549   -10.697 1.00 8.53  ? 282 LYS A H3   1 
ATOM 13   H HA   . LYS A 1 1  ? -9.126  8.307   -12.674 1.00 7.93  ? 282 LYS A HA   1 
ATOM 14   H HB2  . LYS A 1 1  ? -7.724  10.154  -12.776 1.00 8.51  ? 282 LYS A HB2  1 
ATOM 15   H HB3  . LYS A 1 1  ? -9.227  10.969  -12.354 1.00 8.22  ? 282 LYS A HB3  1 
ATOM 16   H HG2  . LYS A 1 1  ? -8.609  10.977  -9.990  1.00 8.61  ? 282 LYS A HG2  1 
ATOM 17   H HG3  . LYS A 1 1  ? -7.153  10.046  -10.339 1.00 8.41  ? 282 LYS A HG3  1 
ATOM 18   H HD2  . LYS A 1 1  ? -6.211  12.136  -10.370 1.00 9.10  ? 282 LYS A HD2  1 
ATOM 19   H HD3  . LYS A 1 1  ? -6.759  12.088  -12.045 1.00 9.20  ? 282 LYS A HD3  1 
ATOM 20   H HE2  . LYS A 1 1  ? -7.500  14.195  -11.055 1.00 9.20  ? 282 LYS A HE2  1 
ATOM 21   H HE3  . LYS A 1 1  ? -8.925  13.161  -11.274 1.00 9.80  ? 282 LYS A HE3  1 
ATOM 22   H HZ1  . LYS A 1 1  ? -9.226  13.471  -9.087  1.00 9.95  ? 282 LYS A HZ1  1 
ATOM 23   H HZ2  . LYS A 1 1  ? -7.636  14.013  -8.833  1.00 10.37 ? 282 LYS A HZ2  1 
ATOM 24   H HZ3  . LYS A 1 1  ? -7.972  12.348  -8.885  1.00 10.23 ? 282 LYS A HZ3  1 
ATOM 25   N N    . ALA A 1 2  ? -7.818  7.061   -10.901 1.00 6.02  ? 283 ALA A N    1 
ATOM 26   C CA   . ALA A 1 2  ? -7.137  6.326   -9.803  1.00 4.95  ? 283 ALA A CA   1 
ATOM 27   C C    . ALA A 1 2  ? -6.345  7.322   -8.955  1.00 3.87  ? 283 ALA A C    1 
ATOM 28   O O    . ALA A 1 2  ? -5.732  8.232   -9.478  1.00 3.67  ? 283 ALA A O    1 
ATOM 29   C CB   . ALA A 1 2  ? -6.199  5.340   -10.500 1.00 5.20  ? 283 ALA A CB   1 
ATOM 30   H H    . ALA A 1 2  ? -7.759  6.742   -11.825 1.00 6.45  ? 283 ALA A H    1 
ATOM 31   H HA   . ALA A 1 2  ? -7.857  5.797   -9.200  1.00 5.06  ? 283 ALA A HA   1 
ATOM 32   H HB1  . ALA A 1 2  ? -6.781  4.587   -11.011 1.00 5.69  ? 283 ALA A HB1  1 
ATOM 33   H HB2  . ALA A 1 2  ? -5.563  4.866   -9.766  1.00 5.20  ? 283 ALA A HB2  1 
ATOM 34   H HB3  . ALA A 1 2  ? -5.587  5.869   -11.217 1.00 5.27  ? 283 ALA A HB3  1 
ATOM 35   N N    . SER A 1 3  ? -6.358  7.178   -7.656  1.00 3.33  ? 284 SER A N    1 
ATOM 36   C CA   . SER A 1 3  ? -5.604  8.144   -6.805  1.00 2.63  ? 284 SER A CA   1 
ATOM 37   C C    . SER A 1 3  ? -4.232  8.419   -7.421  1.00 1.87  ? 284 SER A C    1 
ATOM 38   O O    . SER A 1 3  ? -3.946  9.521   -7.843  1.00 1.78  ? 284 SER A O    1 
ATOM 39   C CB   . SER A 1 3  ? -5.462  7.457   -5.448  1.00 3.01  ? 284 SER A CB   1 
ATOM 40   O OG   . SER A 1 3  ? -6.670  6.777   -5.138  1.00 3.68  ? 284 SER A OG   1 
ATOM 41   H H    . SER A 1 3  ? -6.865  6.446   -7.245  1.00 3.58  ? 284 SER A H    1 
ATOM 42   H HA   . SER A 1 3  ? -6.160  9.063   -6.696  1.00 2.88  ? 284 SER A HA   1 
ATOM 43   H HB2  . SER A 1 3  ? -4.653  6.745   -5.485  1.00 2.88  ? 284 SER A HB2  1 
ATOM 44   H HB3  . SER A 1 3  ? -5.251  8.200   -4.692  1.00 3.43  ? 284 SER A HB3  1 
ATOM 45   H HG   . SER A 1 3  ? -7.047  7.184   -4.353  1.00 4.04  ? 284 SER A HG   1 
ATOM 46   N N    . SER A 1 4  ? -3.399  7.415   -7.506  1.00 1.81  ? 285 SER A N    1 
ATOM 47   C CA   . SER A 1 4  ? -2.047  7.599   -8.121  1.00 2.19  ? 285 SER A CA   1 
ATOM 48   C C    . SER A 1 4  ? -1.211  8.620   -7.339  1.00 1.94  ? 285 SER A C    1 
ATOM 49   O O    . SER A 1 4  ? -0.136  8.318   -6.860  1.00 2.71  ? 285 SER A O    1 
ATOM 50   C CB   . SER A 1 4  ? -2.325  8.108   -9.534  1.00 2.86  ? 285 SER A CB   1 
ATOM 51   O OG   . SER A 1 4  ? -2.233  9.528   -9.552  1.00 3.41  ? 285 SER A OG   1 
ATOM 52   H H    . SER A 1 4  ? -3.667  6.533   -7.179  1.00 1.93  ? 285 SER A H    1 
ATOM 53   H HA   . SER A 1 4  ? -1.530  6.654   -8.171  1.00 2.74  ? 285 SER A HA   1 
ATOM 54   H HB2  . SER A 1 4  ? -1.599  7.698   -10.216 1.00 3.36  ? 285 SER A HB2  1 
ATOM 55   H HB3  . SER A 1 4  ? -3.316  7.798   -9.838  1.00 3.07  ? 285 SER A HB3  1 
ATOM 56   H HG   . SER A 1 4  ? -2.777  9.852   -10.273 1.00 3.56  ? 285 SER A HG   1 
ATOM 57   N N    . SER A 1 5  ? -1.687  9.827   -7.220  1.00 1.19  ? 286 SER A N    1 
ATOM 58   C CA   . SER A 1 5  ? -0.915  10.872  -6.492  1.00 1.37  ? 286 SER A CA   1 
ATOM 59   C C    . SER A 1 5  ? -1.108  10.749  -4.978  1.00 1.07  ? 286 SER A C    1 
ATOM 60   O O    . SER A 1 5  ? -1.109  11.735  -4.268  1.00 1.17  ? 286 SER A O    1 
ATOM 61   C CB   . SER A 1 5  ? -1.483  12.198  -6.994  1.00 1.93  ? 286 SER A CB   1 
ATOM 62   O OG   . SER A 1 5  ? -1.881  12.054  -8.351  1.00 2.66  ? 286 SER A OG   1 
ATOM 63   H H    . SER A 1 5  ? -2.551  10.053  -7.625  1.00 1.05  ? 286 SER A H    1 
ATOM 64   H HA   . SER A 1 5  ? 0.132   10.806  -6.743  1.00 1.77  ? 286 SER A HA   1 
ATOM 65   H HB2  . SER A 1 5  ? -2.339  12.473  -6.401  1.00 2.10  ? 286 SER A HB2  1 
ATOM 66   H HB3  . SER A 1 5  ? -0.727  12.967  -6.909  1.00 2.36  ? 286 SER A HB3  1 
ATOM 67   H HG   . SER A 1 5  ? -2.840  12.018  -8.377  1.00 3.02  ? 286 SER A HG   1 
ATOM 68   N N    . ILE A 1 6  ? -1.247  9.556   -4.466  1.00 0.85  ? 287 ILE A N    1 
ATOM 69   C CA   . ILE A 1 6  ? -1.411  9.416   -2.994  1.00 0.88  ? 287 ILE A CA   1 
ATOM 70   C C    . ILE A 1 6  ? -0.086  9.785   -2.325  1.00 0.84  ? 287 ILE A C    1 
ATOM 71   O O    . ILE A 1 6  ? 0.846   9.006   -2.289  1.00 0.95  ? 287 ILE A O    1 
ATOM 72   C CB   . ILE A 1 6  ? -1.763  7.945   -2.757  1.00 1.01  ? 287 ILE A CB   1 
ATOM 73   C CG1  . ILE A 1 6  ? -2.866  7.518   -3.730  1.00 0.80  ? 287 ILE A CG1  1 
ATOM 74   C CG2  . ILE A 1 6  ? -2.264  7.770   -1.323  1.00 1.46  ? 287 ILE A CG2  1 
ATOM 75   C CD1  . ILE A 1 6  ? -3.430  6.161   -3.301  1.00 1.07  ? 287 ILE A CD1  1 
ATOM 76   H H    . ILE A 1 6  ? -1.226  8.765   -5.039  1.00 0.83  ? 287 ILE A H    1 
ATOM 77   H HA   . ILE A 1 6  ? -2.206  10.053  -2.639  1.00 1.07  ? 287 ILE A HA   1 
ATOM 78   H HB   . ILE A 1 6  ? -0.885  7.334   -2.911  1.00 1.24  ? 287 ILE A HB   1 
ATOM 79   H HG12 . ILE A 1 6  ? -3.655  8.256   -3.723  1.00 1.03  ? 287 ILE A HG12 1 
ATOM 80   H HG13 . ILE A 1 6  ? -2.458  7.437   -4.725  1.00 0.94  ? 287 ILE A HG13 1 
ATOM 81   H HG21 . ILE A 1 6  ? -1.676  8.384   -0.657  1.00 1.98  ? 287 ILE A HG21 1 
ATOM 82   H HG22 . ILE A 1 6  ? -2.171  6.733   -1.034  1.00 1.82  ? 287 ILE A HG22 1 
ATOM 83   H HG23 . ILE A 1 6  ? -3.300  8.068   -1.265  1.00 1.82  ? 287 ILE A HG23 1 
ATOM 84   H HD11 . ILE A 1 6  ? -2.690  5.631   -2.722  1.00 1.62  ? 287 ILE A HD11 1 
ATOM 85   H HD12 . ILE A 1 6  ? -3.684  5.583   -4.177  1.00 1.44  ? 287 ILE A HD12 1 
ATOM 86   H HD13 . ILE A 1 6  ? -4.315  6.313   -2.701  1.00 1.59  ? 287 ILE A HD13 1 
ATOM 87   N N    . LEU A 1 7  ? 0.007   10.984  -1.824  1.00 0.87  ? 288 LEU A N    1 
ATOM 88   C CA   . LEU A 1 7  ? 1.273   11.443  -1.186  1.00 0.87  ? 288 LEU A CA   1 
ATOM 89   C C    . LEU A 1 7  ? 1.079   11.657  0.315   1.00 1.03  ? 288 LEU A C    1 
ATOM 90   O O    . LEU A 1 7  ? 0.004   11.993  0.772   1.00 1.22  ? 288 LEU A O    1 
ATOM 91   C CB   . LEU A 1 7  ? 1.608   12.762  -1.881  1.00 0.90  ? 288 LEU A CB   1 
ATOM 92   C CG   . LEU A 1 7  ? 2.603   12.503  -3.014  1.00 1.08  ? 288 LEU A CG   1 
ATOM 93   C CD1  . LEU A 1 7  ? 3.834   11.784  -2.459  1.00 1.33  ? 288 LEU A CD1  1 
ATOM 94   C CD2  . LEU A 1 7  ? 1.943   11.629  -4.084  1.00 0.99  ? 288 LEU A CD2  1 
ATOM 95   H H    . LEU A 1 7  ? -0.753  11.598  -1.890  1.00 1.01  ? 288 LEU A H    1 
ATOM 96   H HA   . LEU A 1 7  ? 2.060   10.727  -1.363  1.00 0.97  ? 288 LEU A HA   1 
ATOM 97   H HB2  . LEU A 1 7  ? 0.704   13.195  -2.286  1.00 0.98  ? 288 LEU A HB2  1 
ATOM 98   H HB3  . LEU A 1 7  ? 2.046   13.444  -1.168  1.00 0.96  ? 288 LEU A HB3  1 
ATOM 99   H HG   . LEU A 1 7  ? 2.904   13.445  -3.451  1.00 1.31  ? 288 LEU A HG   1 
ATOM 100  H HD11 . LEU A 1 7  ? 4.728   12.248  -2.847  1.00 2.03  ? 288 LEU A HD11 1 
ATOM 101  H HD12 . LEU A 1 7  ? 3.809   10.746  -2.757  1.00 1.44  ? 288 LEU A HD12 1 
ATOM 102  H HD13 . LEU A 1 7  ? 3.833   11.849  -1.381  1.00 1.57  ? 288 LEU A HD13 1 
ATOM 103  H HD21 . LEU A 1 7  ? 0.934   11.392  -3.782  1.00 1.36  ? 288 LEU A HD21 1 
ATOM 104  H HD22 . LEU A 1 7  ? 2.507   10.716  -4.202  1.00 1.25  ? 288 LEU A HD22 1 
ATOM 105  H HD23 . LEU A 1 7  ? 1.922   12.163  -5.022  1.00 1.56  ? 288 LEU A HD23 1 
ATOM 106  N N    . ILE A 1 8  ? 2.112   11.456  1.086   1.00 1.11  ? 289 ILE A N    1 
ATOM 107  C CA   . ILE A 1 8  ? 1.985   11.639  2.558   1.00 1.33  ? 289 ILE A CA   1 
ATOM 108  C C    . ILE A 1 8  ? 2.252   13.106  2.921   1.00 1.14  ? 289 ILE A C    1 
ATOM 109  O O    . ILE A 1 8  ? 3.271   13.668  2.574   1.00 0.99  ? 289 ILE A O    1 
ATOM 110  C CB   . ILE A 1 8  ? 3.055   10.716  3.156   1.00 1.63  ? 289 ILE A CB   1 
ATOM 111  C CG1  . ILE A 1 8  ? 2.705   10.411  4.611   1.00 2.38  ? 289 ILE A CG1  1 
ATOM 112  C CG2  . ILE A 1 8  ? 4.429   11.390  3.094   1.00 1.69  ? 289 ILE A CG2  1 
ATOM 113  C CD1  . ILE A 1 8  ? 3.560   9.244   5.111   1.00 2.39  ? 289 ILE A CD1  1 
ATOM 114  H H    . ILE A 1 8  ? 2.968   11.180  0.698   1.00 1.13  ? 289 ILE A H    1 
ATOM 115  H HA   . ILE A 1 8  ? 1.007   11.337  2.895   1.00 1.61  ? 289 ILE A HA   1 
ATOM 116  H HB   . ILE A 1 8  ? 3.085   9.795   2.593   1.00 1.87  ? 289 ILE A HB   1 
ATOM 117  H HG12 . ILE A 1 8  ? 2.893   11.284  5.219   1.00 2.74  ? 289 ILE A HG12 1 
ATOM 118  H HG13 . ILE A 1 8  ? 1.662   10.144  4.677   1.00 2.95  ? 289 ILE A HG13 1 
ATOM 119  H HG21 . ILE A 1 8  ? 4.417   12.291  3.692   1.00 2.18  ? 289 ILE A HG21 1 
ATOM 120  H HG22 . ILE A 1 8  ? 4.662   11.642  2.070   1.00 2.09  ? 289 ILE A HG22 1 
ATOM 121  H HG23 . ILE A 1 8  ? 5.179   10.715  3.477   1.00 1.79  ? 289 ILE A HG23 1 
ATOM 122  H HD11 . ILE A 1 8  ? 3.418   8.391   4.465   1.00 2.80  ? 289 ILE A HD11 1 
ATOM 123  H HD12 . ILE A 1 8  ? 3.263   8.987   6.119   1.00 2.60  ? 289 ILE A HD12 1 
ATOM 124  H HD13 . ILE A 1 8  ? 4.600   9.532   5.105   1.00 2.41  ? 289 ILE A HD13 1 
ATOM 125  N N    . ASN A 1 9  ? 1.324   13.728  3.598   1.00 1.37  ? 290 ASN A N    1 
ATOM 126  C CA   . ASN A 1 9  ? 1.496   15.164  3.966   1.00 1.39  ? 290 ASN A CA   1 
ATOM 127  C C    . ASN A 1 9  ? 2.711   15.359  4.876   1.00 1.19  ? 290 ASN A C    1 
ATOM 128  O O    . ASN A 1 9  ? 3.021   14.532  5.709   1.00 1.14  ? 290 ASN A O    1 
ATOM 129  C CB   . ASN A 1 9  ? 0.209   15.539  4.704   1.00 1.73  ? 290 ASN A CB   1 
ATOM 130  C CG   . ASN A 1 9  ? -0.117  14.467  5.745   1.00 1.87  ? 290 ASN A CG   1 
ATOM 131  O OD1  . ASN A 1 9  ? 0.753   14.020  6.467   1.00 2.53  ? 290 ASN A OD1  1 
ATOM 132  N ND2  . ASN A 1 9  ? -1.343  14.032  5.854   1.00 2.07  ? 290 ASN A ND2  1 
ATOM 133  H H    . ASN A 1 9  ? 0.504   13.254  3.849   1.00 1.63  ? 290 ASN A H    1 
ATOM 134  H HA   . ASN A 1 9  ? 1.593   15.768  3.078   1.00 1.47  ? 290 ASN A HA   1 
ATOM 135  H HB2  . ASN A 1 9  ? 0.341   16.491  5.196   1.00 2.22  ? 290 ASN A HB2  1 
ATOM 136  H HB3  . ASN A 1 9  ? -0.604  15.610  3.997   1.00 2.06  ? 290 ASN A HB3  1 
ATOM 137  H HD21 . ASN A 1 9  ? -2.043  14.393  5.272   1.00 2.22  ? 290 ASN A HD21 1 
ATOM 138  H HD22 . ASN A 1 9  ? -1.563  13.346  6.517   1.00 2.50  ? 290 ASN A HD22 1 
ATOM 139  N N    . GLU A 1 10 ? 3.396   16.459  4.716   1.00 1.30  ? 291 GLU A N    1 
ATOM 140  C CA   . GLU A 1 10 ? 4.594   16.735  5.557   1.00 1.37  ? 291 GLU A CA   1 
ATOM 141  C C    . GLU A 1 10 ? 4.174   17.404  6.871   1.00 1.36  ? 291 GLU A C    1 
ATOM 142  O O    . GLU A 1 10 ? 4.973   18.021  7.547   1.00 1.60  ? 291 GLU A O    1 
ATOM 143  C CB   . GLU A 1 10 ? 5.442   17.689  4.713   1.00 1.76  ? 291 GLU A CB   1 
ATOM 144  C CG   . GLU A 1 10 ? 6.718   18.065  5.469   1.00 2.66  ? 291 GLU A CG   1 
ATOM 145  C CD   . GLU A 1 10 ? 7.686   18.769  4.516   1.00 3.10  ? 291 GLU A CD   1 
ATOM 146  O OE1  . GLU A 1 10 ? 7.263   19.707  3.860   1.00 3.30  ? 291 GLU A OE1  1 
ATOM 147  O OE2  . GLU A 1 10 ? 8.833   18.359  4.458   1.00 3.74  ? 291 GLU A OE2  1 
ATOM 148  H H    . GLU A 1 10 ? 3.120   17.108  4.035   1.00 1.51  ? 291 GLU A H    1 
ATOM 149  H HA   . GLU A 1 10 ? 5.141   15.826  5.751   1.00 1.33  ? 291 GLU A HA   1 
ATOM 150  H HB2  . GLU A 1 10 ? 5.705   17.207  3.782   1.00 1.86  ? 291 GLU A HB2  1 
ATOM 151  H HB3  . GLU A 1 10 ? 4.875   18.584  4.505   1.00 1.95  ? 291 GLU A HB3  1 
ATOM 152  H HG2  . GLU A 1 10 ? 6.472   18.728  6.285   1.00 3.02  ? 291 GLU A HG2  1 
ATOM 153  H HG3  . GLU A 1 10 ? 7.184   17.171  5.856   1.00 3.26  ? 291 GLU A HG3  1 
ATOM 154  N N    . ALA A 1 11 ? 2.925   17.293  7.238   1.00 1.28  ? 292 ALA A N    1 
ATOM 155  C CA   . ALA A 1 11 ? 2.467   17.934  8.506   1.00 1.31  ? 292 ALA A CA   1 
ATOM 156  C C    . ALA A 1 11 ? 1.621   16.961  9.334   1.00 1.03  ? 292 ALA A C    1 
ATOM 157  O O    . ALA A 1 11 ? 1.143   17.297  10.399  1.00 1.06  ? 292 ALA A O    1 
ATOM 158  C CB   . ALA A 1 11 ? 1.624   19.129  8.061   1.00 1.49  ? 292 ALA A CB   1 
ATOM 159  H H    . ALA A 1 11 ? 2.291   16.796  6.681   1.00 1.35  ? 292 ALA A H    1 
ATOM 160  H HA   . ALA A 1 11 ? 3.314   18.277  9.080   1.00 1.51  ? 292 ALA A HA   1 
ATOM 161  H HB1  . ALA A 1 11 ? 1.412   19.757  8.913   1.00 1.56  ? 292 ALA A HB1  1 
ATOM 162  H HB2  . ALA A 1 11 ? 0.697   18.776  7.634   1.00 1.85  ? 292 ALA A HB2  1 
ATOM 163  H HB3  . ALA A 1 11 ? 2.168   19.697  7.321   1.00 2.01  ? 292 ALA A HB3  1 
ATOM 164  N N    . GLU A 1 12 ? 1.429   15.760  8.859   1.00 0.89  ? 293 GLU A N    1 
ATOM 165  C CA   . GLU A 1 12 ? 0.609   14.782  9.632   1.00 0.86  ? 293 GLU A CA   1 
ATOM 166  C C    . GLU A 1 12 ? 1.206   13.376  9.522   1.00 0.81  ? 293 GLU A C    1 
ATOM 167  O O    . GLU A 1 12 ? 1.813   13.034  8.526   1.00 0.91  ? 293 GLU A O    1 
ATOM 168  C CB   . GLU A 1 12 ? -0.777  14.823  8.985   1.00 1.06  ? 293 GLU A CB   1 
ATOM 169  C CG   . GLU A 1 12 ? -1.241  16.274  8.859   1.00 1.39  ? 293 GLU A CG   1 
ATOM 170  C CD   . GLU A 1 12 ? -2.770  16.323  8.884   1.00 1.75  ? 293 GLU A CD   1 
ATOM 171  O OE1  . GLU A 1 12 ? -3.381  15.442  8.303   1.00 2.29  ? 293 GLU A OE1  1 
ATOM 172  O OE2  . GLU A 1 12 ? -3.304  17.241  9.484   1.00 2.20  ? 293 GLU A OE2  1 
ATOM 173  H H    . GLU A 1 12 ? 1.820   15.504  7.997   1.00 0.96  ? 293 GLU A H    1 
ATOM 174  H HA   . GLU A 1 12 ? 0.541   15.081  10.665  1.00 0.90  ? 293 GLU A HA   1 
ATOM 175  H HB2  . GLU A 1 12 ? -0.729  14.372  8.004   1.00 1.69  ? 293 GLU A HB2  1 
ATOM 176  H HB3  . GLU A 1 12 ? -1.476  14.275  9.599   1.00 1.55  ? 293 GLU A HB3  1 
ATOM 177  H HG2  . GLU A 1 12 ? -0.847  16.851  9.683   1.00 2.04  ? 293 GLU A HG2  1 
ATOM 178  H HG3  . GLU A 1 12 ? -0.885  16.687  7.927   1.00 1.89  ? 293 GLU A HG3  1 
ATOM 179  N N    . PRO A 1 13 ? 1.006   12.606  10.557  1.00 0.74  ? 294 PRO A N    1 
ATOM 180  C CA   . PRO A 1 13 ? 1.522   11.217  10.585  1.00 0.80  ? 294 PRO A CA   1 
ATOM 181  C C    . PRO A 1 13 ? 0.673   10.319  9.680   1.00 0.70  ? 294 PRO A C    1 
ATOM 182  O O    . PRO A 1 13 ? -0.527  10.222  9.837   1.00 0.72  ? 294 PRO A O    1 
ATOM 183  C CB   . PRO A 1 13 ? 1.373   10.810  12.049  1.00 0.87  ? 294 PRO A CB   1 
ATOM 184  C CG   . PRO A 1 13 ? 0.279   11.676  12.586  1.00 0.79  ? 294 PRO A CG   1 
ATOM 185  C CD   . PRO A 1 13 ? 0.287   12.956  11.786  1.00 0.70  ? 294 PRO A CD   1 
ATOM 186  H HA   . PRO A 1 13 ? 2.559   11.186  10.293  1.00 0.92  ? 294 PRO A HA   1 
ATOM 187  H HB2  . PRO A 1 13 ? 1.099   9.766   12.120  1.00 0.92  ? 294 PRO A HB2  1 
ATOM 188  H HB3  . PRO A 1 13 ? 2.289   10.997  12.586  1.00 1.00  ? 294 PRO A HB3  1 
ATOM 189  H HG2  . PRO A 1 13 ? -0.674  11.176  12.475  1.00 0.78  ? 294 PRO A HG2  1 
ATOM 190  H HG3  . PRO A 1 13 ? 0.461   11.899  13.626  1.00 0.88  ? 294 PRO A HG3  1 
ATOM 191  H HD2  . PRO A 1 13 ? -0.725  13.265  11.562  1.00 0.66  ? 294 PRO A HD2  1 
ATOM 192  H HD3  . PRO A 1 13 ? 0.814   13.732  12.318  1.00 0.75  ? 294 PRO A HD3  1 
ATOM 193  N N    . THR A 1 14 ? 1.286   9.667   8.731   1.00 0.65  ? 295 THR A N    1 
ATOM 194  C CA   . THR A 1 14 ? 0.510   8.783   7.815   1.00 0.58  ? 295 THR A CA   1 
ATOM 195  C C    . THR A 1 14 ? 1.300   7.501   7.526   1.00 0.51  ? 295 THR A C    1 
ATOM 196  O O    . THR A 1 14 ? 2.484   7.420   7.785   1.00 0.55  ? 295 THR A O    1 
ATOM 197  C CB   . THR A 1 14 ? 0.314   9.604   6.540   1.00 0.65  ? 295 THR A CB   1 
ATOM 198  O OG1  . THR A 1 14 ? 1.127   10.768  6.597   1.00 0.82  ? 295 THR A OG1  1 
ATOM 199  C CG2  . THR A 1 14 ? -1.154  10.015  6.419   1.00 0.94  ? 295 THR A CG2  1 
ATOM 200  H H    . THR A 1 14 ? 2.255   9.763   8.618   1.00 0.69  ? 295 THR A H    1 
ATOM 201  H HA   . THR A 1 14 ? -0.448  8.542   8.248   1.00 0.57  ? 295 THR A HA   1 
ATOM 202  H HB   . THR A 1 14 ? 0.589   9.011   5.682   1.00 0.76  ? 295 THR A HB   1 
ATOM 203  H HG1  . THR A 1 14 ? 0.645   11.444  7.080   1.00 1.48  ? 295 THR A HG1  1 
ATOM 204  H HG21 . THR A 1 14 ? -1.266  11.045  6.724   1.00 1.26  ? 295 THR A HG21 1 
ATOM 205  H HG22 . THR A 1 14 ? -1.758  9.383   7.053   1.00 1.39  ? 295 THR A HG22 1 
ATOM 206  H HG23 . THR A 1 14 ? -1.475  9.906   5.393   1.00 1.34  ? 295 THR A HG23 1 
ATOM 207  N N    . THR A 1 15 ? 0.650   6.496   7.004   1.00 0.44  ? 296 THR A N    1 
ATOM 208  C CA   . THR A 1 15 ? 1.360   5.215   6.716   1.00 0.41  ? 296 THR A CA   1 
ATOM 209  C C    . THR A 1 15 ? 1.857   5.178   5.268   1.00 0.39  ? 296 THR A C    1 
ATOM 210  O O    . THR A 1 15 ? 1.198   5.641   4.359   1.00 0.39  ? 296 THR A O    1 
ATOM 211  C CB   . THR A 1 15 ? 0.315   4.124   6.947   1.00 0.44  ? 296 THR A CB   1 
ATOM 212  O OG1  . THR A 1 15 ? 0.886   2.855   6.662   1.00 1.07  ? 296 THR A OG1  1 
ATOM 213  C CG2  . THR A 1 15 ? -0.886  4.362   6.029   1.00 0.71  ? 296 THR A CG2  1 
ATOM 214  H H    . THR A 1 15 ? -0.308  6.577   6.812   1.00 0.44  ? 296 THR A H    1 
ATOM 215  H HA   . THR A 1 15 ? 2.184   5.083   7.397   1.00 0.40  ? 296 THR A HA   1 
ATOM 216  H HB   . THR A 1 15 ? -0.013  4.150   7.975   1.00 0.78  ? 296 THR A HB   1 
ATOM 217  H HG1  . THR A 1 15 ? 0.676   2.632   5.752   1.00 1.33  ? 296 THR A HG1  1 
ATOM 218  H HG21 . THR A 1 15 ? -1.513  5.135   6.450   1.00 1.40  ? 296 THR A HG21 1 
ATOM 219  H HG22 . THR A 1 15 ? -1.454  3.449   5.936   1.00 1.28  ? 296 THR A HG22 1 
ATOM 220  H HG23 . THR A 1 15 ? -0.538  4.671   5.055   1.00 1.25  ? 296 THR A HG23 1 
ATOM 221  N N    . ASN A 1 16 ? 3.017   4.618   5.052   1.00 0.39  ? 297 ASN A N    1 
ATOM 222  C CA   . ASN A 1 16 ? 3.564   4.534   3.668   1.00 0.39  ? 297 ASN A CA   1 
ATOM 223  C C    . ASN A 1 16 ? 4.035   3.105   3.383   1.00 0.38  ? 297 ASN A C    1 
ATOM 224  O O    . ASN A 1 16 ? 4.883   2.573   4.070   1.00 0.39  ? 297 ASN A O    1 
ATOM 225  C CB   . ASN A 1 16 ? 4.745   5.505   3.645   1.00 0.42  ? 297 ASN A CB   1 
ATOM 226  C CG   . ASN A 1 16 ? 5.617   5.221   2.420   1.00 1.32  ? 297 ASN A CG   1 
ATOM 227  O OD1  . ASN A 1 16 ? 5.242   5.531   1.308   1.00 2.18  ? 297 ASN A OD1  1 
ATOM 228  N ND2  . ASN A 1 16 ? 6.775   4.640   2.581   1.00 2.04  ? 297 ASN A ND2  1 
ATOM 229  H H    . ASN A 1 16 ? 3.526   4.246   5.801   1.00 0.41  ? 297 ASN A H    1 
ATOM 230  H HA   . ASN A 1 16 ? 2.820   4.837   2.949   1.00 0.40  ? 297 ASN A HA   1 
ATOM 231  H HB2  . ASN A 1 16 ? 4.375   6.519   3.597   1.00 1.15  ? 297 ASN A HB2  1 
ATOM 232  H HB3  . ASN A 1 16 ? 5.333   5.379   4.542   1.00 0.92  ? 297 ASN A HB3  1 
ATOM 233  H HD21 . ASN A 1 16 ? 7.077   4.391   3.479   1.00 2.27  ? 297 ASN A HD21 1 
ATOM 234  H HD22 . ASN A 1 16 ? 7.341   4.455   1.803   1.00 2.75  ? 297 ASN A HD22 1 
ATOM 235  N N    . ILE A 1 17 ? 3.490   2.478   2.376   1.00 0.36  ? 298 ILE A N    1 
ATOM 236  C CA   . ILE A 1 17 ? 3.907   1.082   2.056   1.00 0.36  ? 298 ILE A CA   1 
ATOM 237  C C    . ILE A 1 17 ? 4.752   1.058   0.781   1.00 0.34  ? 298 ILE A C    1 
ATOM 238  O O    . ILE A 1 17 ? 4.407   1.659   -0.217  1.00 0.33  ? 298 ILE A O    1 
ATOM 239  C CB   . ILE A 1 17 ? 2.600   0.317   1.846   1.00 0.37  ? 298 ILE A CB   1 
ATOM 240  C CG1  . ILE A 1 17 ? 1.644   0.618   3.004   1.00 0.45  ? 298 ILE A CG1  1 
ATOM 241  C CG2  . ILE A 1 17 ? 2.890   -1.184  1.798   1.00 0.48  ? 298 ILE A CG2  1 
ATOM 242  C CD1  . ILE A 1 17 ? 0.476   -0.370  2.978   1.00 1.33  ? 298 ILE A CD1  1 
ATOM 243  H H    . ILE A 1 17 ? 2.805   2.922   1.834   1.00 0.36  ? 298 ILE A H    1 
ATOM 244  H HA   . ILE A 1 17 ? 4.455   0.654   2.880   1.00 0.38  ? 298 ILE A HA   1 
ATOM 245  H HB   . ILE A 1 17 ? 2.148   0.627   0.915   1.00 0.46  ? 298 ILE A HB   1 
ATOM 246  H HG12 . ILE A 1 17 ? 2.174   0.527   3.941   1.00 1.20  ? 298 ILE A HG12 1 
ATOM 247  H HG13 . ILE A 1 17 ? 1.263   1.624   2.904   1.00 0.87  ? 298 ILE A HG13 1 
ATOM 248  H HG21 . ILE A 1 17 ? 3.459   -1.469  2.670   1.00 1.06  ? 298 ILE A HG21 1 
ATOM 249  H HG22 . ILE A 1 17 ? 3.457   -1.412  0.907   1.00 1.22  ? 298 ILE A HG22 1 
ATOM 250  H HG23 . ILE A 1 17 ? 1.958   -1.731  1.781   1.00 0.84  ? 298 ILE A HG23 1 
ATOM 251  H HD11 . ILE A 1 17 ? -0.059  -0.269  2.046   1.00 1.93  ? 298 ILE A HD11 1 
ATOM 252  H HD12 . ILE A 1 17 ? -0.191  -0.161  3.801   1.00 1.80  ? 298 ILE A HD12 1 
ATOM 253  H HD13 . ILE A 1 17 ? 0.856   -1.377  3.069   1.00 1.80  ? 298 ILE A HD13 1 
ATOM 254  N N    . GLN A 1 18 ? 5.855   0.362   0.804   1.00 0.34  ? 299 GLN A N    1 
ATOM 255  C CA   . GLN A 1 18 ? 6.718   0.296   -0.409  1.00 0.33  ? 299 GLN A CA   1 
ATOM 256  C C    . GLN A 1 18 ? 6.596   -1.083  -1.063  1.00 0.39  ? 299 GLN A C    1 
ATOM 257  O O    . GLN A 1 18 ? 6.372   -2.079  -0.404  1.00 0.62  ? 299 GLN A O    1 
ATOM 258  C CB   . GLN A 1 18 ? 8.143   0.533   0.095   1.00 0.34  ? 299 GLN A CB   1 
ATOM 259  C CG   . GLN A 1 18 ? 8.470   -0.464  1.208   1.00 1.51  ? 299 GLN A CG   1 
ATOM 260  C CD   . GLN A 1 18 ? 9.968   -0.410  1.515   1.00 2.01  ? 299 GLN A CD   1 
ATOM 261  O OE1  . GLN A 1 18 ? 10.537  -1.368  1.997   1.00 2.44  ? 299 GLN A OE1  1 
ATOM 262  N NE2  . GLN A 1 18 ? 10.635  0.682   1.253   1.00 2.56  ? 299 GLN A NE2  1 
ATOM 263  H H    . GLN A 1 18 ? 6.113   -0.120  1.618   1.00 0.35  ? 299 GLN A H    1 
ATOM 264  H HA   . GLN A 1 18 ? 6.442   1.069   -1.108  1.00 0.35  ? 299 GLN A HA   1 
ATOM 265  H HB2  . GLN A 1 18 ? 8.838   0.404   -0.721  1.00 1.10  ? 299 GLN A HB2  1 
ATOM 266  H HB3  . GLN A 1 18 ? 8.224   1.538   0.481   1.00 0.96  ? 299 GLN A HB3  1 
ATOM 267  H HG2  . GLN A 1 18 ? 7.911   -0.210  2.096   1.00 2.16  ? 299 GLN A HG2  1 
ATOM 268  H HG3  . GLN A 1 18 ? 8.207   -1.461  0.889   1.00 2.11  ? 299 GLN A HG3  1 
ATOM 269  H HE21 . GLN A 1 18 ? 10.176  1.455   0.864   1.00 2.73  ? 299 GLN A HE21 1 
ATOM 270  H HE22 . GLN A 1 18 ? 11.595  0.728   1.446   1.00 3.08  ? 299 GLN A HE22 1 
ATOM 271  N N    . ILE A 1 19 ? 6.733   -1.145  -2.358  1.00 0.38  ? 300 ILE A N    1 
ATOM 272  C CA   . ILE A 1 19 ? 6.618   -2.455  -3.066  1.00 0.43  ? 300 ILE A CA   1 
ATOM 273  C C    . ILE A 1 19 ? 7.830   -2.656  -3.987  1.00 0.40  ? 300 ILE A C    1 
ATOM 274  O O    . ILE A 1 19 ? 8.166   -1.802  -4.785  1.00 0.40  ? 300 ILE A O    1 
ATOM 275  C CB   . ILE A 1 19 ? 5.286   -2.391  -3.861  1.00 0.57  ? 300 ILE A CB   1 
ATOM 276  C CG1  . ILE A 1 19 ? 5.441   -3.072  -5.229  1.00 1.03  ? 300 ILE A CG1  1 
ATOM 277  C CG2  . ILE A 1 19 ? 4.852   -0.934  -4.075  1.00 1.25  ? 300 ILE A CG2  1 
ATOM 278  C CD1  . ILE A 1 19 ? 4.150   -2.911  -6.035  1.00 1.17  ? 300 ILE A CD1  1 
ATOM 279  H H    . ILE A 1 19 ? 6.909   -0.327  -2.869  1.00 0.52  ? 300 ILE A H    1 
ATOM 280  H HA   . ILE A 1 19 ? 6.571   -3.257  -2.345  1.00 0.46  ? 300 ILE A HA   1 
ATOM 281  H HB   . ILE A 1 19 ? 4.518   -2.903  -3.297  1.00 1.26  ? 300 ILE A HB   1 
ATOM 282  H HG12 . ILE A 1 19 ? 6.260   -2.616  -5.766  1.00 1.44  ? 300 ILE A HG12 1 
ATOM 283  H HG13 . ILE A 1 19 ? 5.645   -4.123  -5.086  1.00 1.63  ? 300 ILE A HG13 1 
ATOM 284  H HG21 . ILE A 1 19 ? 5.716   -0.331  -4.299  1.00 1.95  ? 300 ILE A HG21 1 
ATOM 285  H HG22 . ILE A 1 19 ? 4.380   -0.565  -3.176  1.00 1.77  ? 300 ILE A HG22 1 
ATOM 286  H HG23 . ILE A 1 19 ? 4.151   -0.881  -4.894  1.00 1.58  ? 300 ILE A HG23 1 
ATOM 287  H HD11 . ILE A 1 19 ? 3.432   -3.653  -5.719  1.00 1.89  ? 300 ILE A HD11 1 
ATOM 288  H HD12 . ILE A 1 19 ? 4.363   -3.042  -7.086  1.00 1.17  ? 300 ILE A HD12 1 
ATOM 289  H HD13 . ILE A 1 19 ? 3.743   -1.924  -5.872  1.00 1.62  ? 300 ILE A HD13 1 
ATOM 290  N N    . ARG A 1 20 ? 8.487   -3.780  -3.876  1.00 0.39  ? 301 ARG A N    1 
ATOM 291  C CA   . ARG A 1 20 ? 9.679   -4.043  -4.735  1.00 0.39  ? 301 ARG A CA   1 
ATOM 292  C C    . ARG A 1 20 ? 9.418   -5.237  -5.658  1.00 0.44  ? 301 ARG A C    1 
ATOM 293  O O    . ARG A 1 20 ? 8.714   -6.162  -5.308  1.00 0.48  ? 301 ARG A O    1 
ATOM 294  C CB   . ARG A 1 20 ? 10.808  -4.360  -3.755  1.00 0.41  ? 301 ARG A CB   1 
ATOM 295  C CG   . ARG A 1 20 ? 12.157  -4.203  -4.459  1.00 0.86  ? 301 ARG A CG   1 
ATOM 296  C CD   . ARG A 1 20 ? 13.144  -5.237  -3.910  1.00 1.15  ? 301 ARG A CD   1 
ATOM 297  N NE   . ARG A 1 20 ? 13.629  -4.661  -2.625  1.00 1.42  ? 301 ARG A NE   1 
ATOM 298  C CZ   . ARG A 1 20 ? 14.869  -4.837  -2.258  1.00 1.99  ? 301 ARG A CZ   1 
ATOM 299  N NH1  . ARG A 1 20 ? 15.246  -5.985  -1.762  1.00 2.54  ? 301 ARG A NH1  1 
ATOM 300  N NH2  . ARG A 1 20 ? 15.731  -3.867  -2.384  1.00 2.64  ? 301 ARG A NH2  1 
ATOM 301  H H    . ARG A 1 20 ? 8.199   -4.451  -3.224  1.00 0.41  ? 301 ARG A H    1 
ATOM 302  H HA   . ARG A 1 20 ? 9.928   -3.166  -5.313  1.00 0.38  ? 301 ARG A HA   1 
ATOM 303  H HB2  . ARG A 1 20 ? 10.758  -3.680  -2.917  1.00 0.62  ? 301 ARG A HB2  1 
ATOM 304  H HB3  . ARG A 1 20 ? 10.704  -5.375  -3.402  1.00 0.74  ? 301 ARG A HB3  1 
ATOM 305  H HG2  . ARG A 1 20 ? 12.029  -4.356  -5.522  1.00 1.34  ? 301 ARG A HG2  1 
ATOM 306  H HG3  . ARG A 1 20 ? 12.544  -3.211  -4.282  1.00 1.19  ? 301 ARG A HG3  1 
ATOM 307  H HD2  . ARG A 1 20 ? 12.641  -6.179  -3.737  1.00 1.53  ? 301 ARG A HD2  1 
ATOM 308  H HD3  . ARG A 1 20 ? 13.970  -5.369  -4.591  1.00 1.80  ? 301 ARG A HD3  1 
ATOM 309  H HE   . ARG A 1 20 ? 13.016  -4.150  -2.056  1.00 1.83  ? 301 ARG A HE   1 
ATOM 310  H HH11 . ARG A 1 20 ? 14.585  -6.728  -1.665  1.00 2.78  ? 301 ARG A HH11 1 
ATOM 311  H HH12 . ARG A 1 20 ? 16.196  -6.120  -1.481  1.00 3.05  ? 301 ARG A HH12 1 
ATOM 312  H HH21 . ARG A 1 20 ? 15.443  -2.988  -2.763  1.00 2.85  ? 301 ARG A HH21 1 
ATOM 313  H HH22 . ARG A 1 20 ? 16.681  -4.001  -2.103  1.00 3.25  ? 301 ARG A HH22 1 
ATOM 314  N N    . LEU A 1 21 ? 9.979   -5.219  -6.837  1.00 0.50  ? 302 LEU A N    1 
ATOM 315  C CA   . LEU A 1 21 ? 9.761   -6.350  -7.784  1.00 0.60  ? 302 LEU A CA   1 
ATOM 316  C C    . LEU A 1 21 ? 10.945  -7.319  -7.749  1.00 0.65  ? 302 LEU A C    1 
ATOM 317  O O    . LEU A 1 21 ? 12.087  -6.917  -7.656  1.00 0.62  ? 302 LEU A O    1 
ATOM 318  C CB   . LEU A 1 21 ? 9.647   -5.699  -9.163  1.00 0.64  ? 302 LEU A CB   1 
ATOM 319  C CG   . LEU A 1 21 ? 8.397   -6.221  -9.870  1.00 0.96  ? 302 LEU A CG   1 
ATOM 320  C CD1  . LEU A 1 21 ? 7.274   -5.192  -9.742  1.00 1.59  ? 302 LEU A CD1  1 
ATOM 321  C CD2  . LEU A 1 21 ? 8.707   -6.453  -11.351 1.00 1.60  ? 302 LEU A CD2  1 
ATOM 322  H H    . LEU A 1 21 ? 10.542  -4.462  -7.101  1.00 0.51  ? 302 LEU A H    1 
ATOM 323  H HA   . LEU A 1 21 ? 8.849   -6.867  -7.546  1.00 0.67  ? 302 LEU A HA   1 
ATOM 324  H HB2  . LEU A 1 21 ? 9.577   -4.627  -9.049  1.00 0.57  ? 302 LEU A HB2  1 
ATOM 325  H HB3  . LEU A 1 21 ? 10.520  -5.943  -9.750  1.00 0.78  ? 302 LEU A HB3  1 
ATOM 326  H HG   . LEU A 1 21 ? 8.087   -7.151  -9.415  1.00 1.35  ? 302 LEU A HG   1 
ATOM 327  H HD11 . LEU A 1 21 ? 7.480   -4.351  -10.387 1.00 2.20  ? 302 LEU A HD11 1 
ATOM 328  H HD12 . LEU A 1 21 ? 7.212   -4.853  -8.717  1.00 2.13  ? 302 LEU A HD12 1 
ATOM 329  H HD13 . LEU A 1 21 ? 6.338   -5.646  -10.027 1.00 1.89  ? 302 LEU A HD13 1 
ATOM 330  H HD21 . LEU A 1 21 ? 8.394   -5.592  -11.923 1.00 2.15  ? 302 LEU A HD21 1 
ATOM 331  H HD22 . LEU A 1 21 ? 8.176   -7.327  -11.697 1.00 1.83  ? 302 LEU A HD22 1 
ATOM 332  H HD23 . LEU A 1 21 ? 9.768   -6.602  -11.478 1.00 2.08  ? 302 LEU A HD23 1 
ATOM 333  N N    . ALA A 1 22 ? 10.678  -8.594  -7.828  1.00 0.75  ? 303 ALA A N    1 
ATOM 334  C CA   . ALA A 1 22 ? 11.784  -9.591  -7.807  1.00 0.83  ? 303 ALA A CA   1 
ATOM 335  C C    . ALA A 1 22 ? 12.608  -9.484  -9.092  1.00 0.79  ? 303 ALA A C    1 
ATOM 336  O O    . ALA A 1 22 ? 13.639  -10.111 -9.236  1.00 0.84  ? 303 ALA A O    1 
ATOM 337  C CB   . ALA A 1 22 ? 11.090  -10.952 -7.726  1.00 1.02  ? 303 ALA A CB   1 
ATOM 338  H H    . ALA A 1 22 ? 9.748   -8.895  -7.908  1.00 0.77  ? 303 ALA A H    1 
ATOM 339  H HA   . ALA A 1 22 ? 12.410  -9.443  -6.942  1.00 0.87  ? 303 ALA A HA   1 
ATOM 340  H HB1  . ALA A 1 22 ? 11.833  -11.736 -7.721  1.00 1.49  ? 303 ALA A HB1  1 
ATOM 341  H HB2  . ALA A 1 22 ? 10.441  -11.076 -8.580  1.00 1.20  ? 303 ALA A HB2  1 
ATOM 342  H HB3  . ALA A 1 22 ? 10.506  -11.004 -6.818  1.00 1.65  ? 303 ALA A HB3  1 
ATOM 343  N N    . ASP A 1 23 ? 12.159  -8.693  -10.030 1.00 0.82  ? 304 ASP A N    1 
ATOM 344  C CA   . ASP A 1 23 ? 12.914  -8.544  -11.307 1.00 0.93  ? 304 ASP A CA   1 
ATOM 345  C C    . ASP A 1 23 ? 13.678  -7.218  -11.318 1.00 1.06  ? 304 ASP A C    1 
ATOM 346  O O    . ASP A 1 23 ? 14.108  -6.746  -12.352 1.00 1.29  ? 304 ASP A O    1 
ATOM 347  C CB   . ASP A 1 23 ? 11.847  -8.559  -12.401 1.00 1.19  ? 304 ASP A CB   1 
ATOM 348  C CG   . ASP A 1 23 ? 12.406  -9.241  -13.651 1.00 2.11  ? 304 ASP A CG   1 
ATOM 349  O OD1  . ASP A 1 23 ? 13.476  -9.821  -13.557 1.00 2.67  ? 304 ASP A OD1  1 
ATOM 350  O OD2  . ASP A 1 23 ? 11.755  -9.172  -14.680 1.00 2.88  ? 304 ASP A OD2  1 
ATOM 351  H H    . ASP A 1 23 ? 11.326  -8.196  -9.893  1.00 0.85  ? 304 ASP A H    1 
ATOM 352  H HA   . ASP A 1 23 ? 13.593  -9.371  -11.441 1.00 0.93  ? 304 ASP A HA   1 
ATOM 353  H HB2  . ASP A 1 23 ? 10.980  -9.102  -12.051 1.00 1.56  ? 304 ASP A HB2  1 
ATOM 354  H HB3  . ASP A 1 23 ? 11.564  -7.546  -12.642 1.00 1.40  ? 304 ASP A HB3  1 
ATOM 355  N N    . GLY A 1 24 ? 13.852  -6.614  -10.175 1.00 1.11  ? 305 GLY A N    1 
ATOM 356  C CA   . GLY A 1 24 ? 14.591  -5.321  -10.119 1.00 1.46  ? 305 GLY A CA   1 
ATOM 357  C C    . GLY A 1 24 ? 13.610  -4.157  -10.278 1.00 1.04  ? 305 GLY A C    1 
ATOM 358  O O    . GLY A 1 24 ? 13.923  -3.147  -10.878 1.00 1.27  ? 305 GLY A O    1 
ATOM 359  H H    . GLY A 1 24 ? 13.499  -7.012  -9.352  1.00 1.03  ? 305 GLY A H    1 
ATOM 360  H HA2  . GLY A 1 24 ? 15.097  -5.237  -9.168  1.00 1.77  ? 305 GLY A HA2  1 
ATOM 361  H HA3  . GLY A 1 24 ? 15.317  -5.286  -10.918 1.00 1.97  ? 305 GLY A HA3  1 
ATOM 362  N N    . GLY A 1 25 ? 12.426  -4.286  -9.745  1.00 0.66  ? 306 GLY A N    1 
ATOM 363  C CA   . GLY A 1 25 ? 11.429  -3.183  -9.865  1.00 0.86  ? 306 GLY A CA   1 
ATOM 364  C C    . GLY A 1 25 ? 11.139  -2.609  -8.478  1.00 0.66  ? 306 GLY A C    1 
ATOM 365  O O    . GLY A 1 25 ? 11.269  -3.286  -7.478  1.00 1.05  ? 306 GLY A O    1 
ATOM 366  H H    . GLY A 1 25 ? 12.193  -5.107  -9.263  1.00 0.60  ? 306 GLY A H    1 
ATOM 367  H HA2  . GLY A 1 25 ? 11.827  -2.407  -10.503 1.00 1.36  ? 306 GLY A HA2  1 
ATOM 368  H HA3  . GLY A 1 25 ? 10.515  -3.568  -10.292 1.00 1.17  ? 306 GLY A HA3  1 
ATOM 369  N N    . ARG A 1 26 ? 10.750  -1.366  -8.402  1.00 0.95  ? 307 ARG A N    1 
ATOM 370  C CA   . ARG A 1 26 ? 10.456  -0.763  -7.071  1.00 0.87  ? 307 ARG A CA   1 
ATOM 371  C C    . ARG A 1 26 ? 9.345   0.284   -7.184  1.00 0.79  ? 307 ARG A C    1 
ATOM 372  O O    . ARG A 1 26 ? 9.272   1.028   -8.142  1.00 1.16  ? 307 ARG A O    1 
ATOM 373  C CB   . ARG A 1 26 ? 11.765  -0.105  -6.633  1.00 1.51  ? 307 ARG A CB   1 
ATOM 374  C CG   . ARG A 1 26 ? 11.564  0.570   -5.275  1.00 1.81  ? 307 ARG A CG   1 
ATOM 375  C CD   . ARG A 1 26 ? 12.627  0.072   -4.294  1.00 2.22  ? 307 ARG A CD   1 
ATOM 376  N NE   . ARG A 1 26 ? 12.866  1.217   -3.374  1.00 2.71  ? 307 ARG A NE   1 
ATOM 377  C CZ   . ARG A 1 26 ? 14.038  1.379   -2.823  1.00 2.92  ? 307 ARG A CZ   1 
ATOM 378  N NH1  . ARG A 1 26 ? 15.115  1.339   -3.559  1.00 3.36  ? 307 ARG A NH1  1 
ATOM 379  N NH2  . ARG A 1 26 ? 14.134  1.577   -1.537  1.00 3.30  ? 307 ARG A NH2  1 
ATOM 380  H H    . ARG A 1 26 ? 10.653  -0.830  -9.217  1.00 1.53  ? 307 ARG A H    1 
ATOM 381  H HA   . ARG A 1 26 ? 10.179  -1.530  -6.365  1.00 0.73  ? 307 ARG A HA   1 
ATOM 382  H HB2  . ARG A 1 26 ? 12.536  -0.858  -6.553  1.00 2.07  ? 307 ARG A HB2  1 
ATOM 383  H HB3  . ARG A 1 26 ? 12.057  0.636   -7.361  1.00 1.57  ? 307 ARG A HB3  1 
ATOM 384  H HG2  . ARG A 1 26 ? 11.651  1.640   -5.389  1.00 2.21  ? 307 ARG A HG2  1 
ATOM 385  H HG3  . ARG A 1 26 ? 10.584  0.326   -4.893  1.00 2.29  ? 307 ARG A HG3  1 
ATOM 386  H HD2  . ARG A 1 26 ? 12.259  -0.785  -3.745  1.00 2.45  ? 307 ARG A HD2  1 
ATOM 387  H HD3  . ARG A 1 26 ? 13.536  -0.177  -4.818  1.00 2.55  ? 307 ARG A HD3  1 
ATOM 388  H HE   . ARG A 1 26 ? 12.144  1.851   -3.181  1.00 3.15  ? 307 ARG A HE   1 
ATOM 389  H HH11 . ARG A 1 26 ? 15.043  1.187   -4.545  1.00 3.63  ? 307 ARG A HH11 1 
ATOM 390  H HH12 . ARG A 1 26 ? 16.014  1.463   -3.137  1.00 3.75  ? 307 ARG A HH12 1 
ATOM 391  H HH21 . ARG A 1 26 ? 13.308  1.607   -0.974  1.00 3.50  ? 307 ARG A HH21 1 
ATOM 392  H HH22 . ARG A 1 26 ? 15.031  1.701   -1.115  1.00 3.74  ? 307 ARG A HH22 1 
ATOM 393  N N    . LEU A 1 27 ? 8.485   0.350   -6.206  1.00 0.49  ? 308 LEU A N    1 
ATOM 394  C CA   . LEU A 1 27 ? 7.382   1.354   -6.243  1.00 0.54  ? 308 LEU A CA   1 
ATOM 395  C C    . LEU A 1 27 ? 7.079   1.837   -4.821  1.00 0.48  ? 308 LEU A C    1 
ATOM 396  O O    . LEU A 1 27 ? 7.186   1.093   -3.868  1.00 0.54  ? 308 LEU A O    1 
ATOM 397  C CB   . LEU A 1 27 ? 6.186   0.609   -6.837  1.00 0.60  ? 308 LEU A CB   1 
ATOM 398  C CG   . LEU A 1 27 ? 5.074   1.606   -7.169  1.00 1.08  ? 308 LEU A CG   1 
ATOM 399  C CD1  . LEU A 1 27 ? 5.059   1.870   -8.676  1.00 1.64  ? 308 LEU A CD1  1 
ATOM 400  C CD2  . LEU A 1 27 ? 3.725   1.025   -6.741  1.00 1.24  ? 308 LEU A CD2  1 
ATOM 401  H H    . LEU A 1 27 ? 8.567   -0.256  -5.441  1.00 0.50  ? 308 LEU A H    1 
ATOM 402  H HA   . LEU A 1 27 ? 7.651   2.186   -6.875  1.00 0.70  ? 308 LEU A HA   1 
ATOM 403  H HB2  . LEU A 1 27 ? 6.491   0.098   -7.739  1.00 0.70  ? 308 LEU A HB2  1 
ATOM 404  H HB3  . LEU A 1 27 ? 5.818   -0.112  -6.124  1.00 0.76  ? 308 LEU A HB3  1 
ATOM 405  H HG   . LEU A 1 27 ? 5.253   2.533   -6.643  1.00 1.69  ? 308 LEU A HG   1 
ATOM 406  H HD11 . LEU A 1 27 ? 5.347   2.893   -8.866  1.00 2.12  ? 308 LEU A HD11 1 
ATOM 407  H HD12 . LEU A 1 27 ? 4.064   1.699   -9.061  1.00 2.06  ? 308 LEU A HD12 1 
ATOM 408  H HD13 . LEU A 1 27 ? 5.753   1.204   -9.165  1.00 2.12  ? 308 LEU A HD13 1 
ATOM 409  H HD21 . LEU A 1 27 ? 3.830   -0.034  -6.556  1.00 1.66  ? 308 LEU A HD21 1 
ATOM 410  H HD22 . LEU A 1 27 ? 2.999   1.183   -7.525  1.00 1.78  ? 308 LEU A HD22 1 
ATOM 411  H HD23 . LEU A 1 27 ? 3.390   1.516   -5.839  1.00 1.63  ? 308 LEU A HD23 1 
ATOM 412  N N    . VAL A 1 28 ? 6.709   3.080   -4.667  1.00 0.47  ? 309 VAL A N    1 
ATOM 413  C CA   . VAL A 1 28 ? 6.411   3.602   -3.300  1.00 0.42  ? 309 VAL A CA   1 
ATOM 414  C C    . VAL A 1 28 ? 4.920   3.917   -3.163  1.00 0.39  ? 309 VAL A C    1 
ATOM 415  O O    . VAL A 1 28 ? 4.328   4.552   -4.013  1.00 0.39  ? 309 VAL A O    1 
ATOM 416  C CB   . VAL A 1 28 ? 7.245   4.877   -3.173  1.00 0.44  ? 309 VAL A CB   1 
ATOM 417  C CG1  . VAL A 1 28 ? 6.955   5.547   -1.829  1.00 1.30  ? 309 VAL A CG1  1 
ATOM 418  C CG2  . VAL A 1 28 ? 8.731   4.521   -3.252  1.00 1.34  ? 309 VAL A CG2  1 
ATOM 419  H H    . VAL A 1 28 ? 6.634   3.670   -5.445  1.00 0.58  ? 309 VAL A H    1 
ATOM 420  H HA   . VAL A 1 28 ? 6.716   2.888   -2.551  1.00 0.42  ? 309 VAL A HA   1 
ATOM 421  H HB   . VAL A 1 28 ? 6.991   5.555   -3.975  1.00 0.78  ? 309 VAL A HB   1 
ATOM 422  H HG11 . VAL A 1 28 ? 5.891   5.532   -1.642  1.00 1.73  ? 309 VAL A HG11 1 
ATOM 423  H HG12 . VAL A 1 28 ? 7.302   6.569   -1.853  1.00 1.87  ? 309 VAL A HG12 1 
ATOM 424  H HG13 . VAL A 1 28 ? 7.466   5.011   -1.042  1.00 1.92  ? 309 VAL A HG13 1 
ATOM 425  H HG21 . VAL A 1 28 ? 9.080   4.210   -2.279  1.00 1.97  ? 309 VAL A HG21 1 
ATOM 426  H HG22 . VAL A 1 28 ? 9.292   5.387   -3.576  1.00 1.65  ? 309 VAL A HG22 1 
ATOM 427  H HG23 . VAL A 1 28 ? 8.872   3.716   -3.959  1.00 1.97  ? 309 VAL A HG23 1 
ATOM 428  N N    . GLN A 1 29 ? 4.306   3.476   -2.098  1.00 0.37  ? 310 GLN A N    1 
ATOM 429  C CA   . GLN A 1 29 ? 2.853   3.749   -1.909  1.00 0.36  ? 310 GLN A CA   1 
ATOM 430  C C    . GLN A 1 29 ? 2.610   4.440   -0.563  1.00 0.34  ? 310 GLN A C    1 
ATOM 431  O O    . GLN A 1 29 ? 2.852   3.878   0.486   1.00 0.35  ? 310 GLN A O    1 
ATOM 432  C CB   . GLN A 1 29 ? 2.184   2.374   -1.932  1.00 0.38  ? 310 GLN A CB   1 
ATOM 433  C CG   . GLN A 1 29 ? 1.451   2.185   -3.261  1.00 1.13  ? 310 GLN A CG   1 
ATOM 434  C CD   . GLN A 1 29 ? 0.827   0.790   -3.307  1.00 1.10  ? 310 GLN A CD   1 
ATOM 435  O OE1  . GLN A 1 29 ? 0.065   0.424   -2.435  1.00 1.84  ? 310 GLN A OE1  1 
ATOM 436  N NE2  . GLN A 1 29 ? 1.122   -0.011  -4.294  1.00 1.56  ? 310 GLN A NE2  1 
ATOM 437  H H    . GLN A 1 29 ? 4.800   2.964   -1.423  1.00 0.38  ? 310 GLN A H    1 
ATOM 438  H HA   . GLN A 1 29 ? 2.475   4.356   -2.717  1.00 0.39  ? 310 GLN A HA   1 
ATOM 439  H HB2  . GLN A 1 29 ? 2.937   1.607   -1.822  1.00 0.70  ? 310 GLN A HB2  1 
ATOM 440  H HB3  . GLN A 1 29 ? 1.477   2.304   -1.120  1.00 0.61  ? 310 GLN A HB3  1 
ATOM 441  H HG2  . GLN A 1 29 ? 0.675   2.931   -3.353  1.00 1.86  ? 310 GLN A HG2  1 
ATOM 442  H HG3  . GLN A 1 29 ? 2.151   2.292   -4.076  1.00 1.78  ? 310 GLN A HG3  1 
ATOM 443  H HE21 . GLN A 1 29 ? 1.739   0.284   -4.997  1.00 1.99  ? 310 GLN A HE21 1 
ATOM 444  H HE22 . GLN A 1 29 ? 0.728   -0.907  -4.332  1.00 2.02  ? 310 GLN A HE22 1 
ATOM 445  N N    . LYS A 1 30 ? 2.126   5.651   -0.588  1.00 0.34  ? 311 LYS A N    1 
ATOM 446  C CA   . LYS A 1 30 ? 1.861   6.376   0.689   1.00 0.34  ? 311 LYS A CA   1 
ATOM 447  C C    . LYS A 1 30 ? 0.358   6.375   0.978   1.00 0.33  ? 311 LYS A C    1 
ATOM 448  O O    . LYS A 1 30 ? -0.436  6.784   0.158   1.00 0.33  ? 311 LYS A O    1 
ATOM 449  C CB   . LYS A 1 30 ? 2.364   7.804   0.452   1.00 0.35  ? 311 LYS A CB   1 
ATOM 450  C CG   . LYS A 1 30 ? 3.702   7.763   -0.293  1.00 0.60  ? 311 LYS A CG   1 
ATOM 451  C CD   . LYS A 1 30 ? 4.583   8.924   0.172   1.00 1.17  ? 311 LYS A CD   1 
ATOM 452  C CE   . LYS A 1 30 ? 6.018   8.698   -0.310  1.00 1.66  ? 311 LYS A CE   1 
ATOM 453  N NZ   . LYS A 1 30 ? 6.557   10.063  -0.565  1.00 2.58  ? 311 LYS A NZ   1 
ATOM 454  H H    . LYS A 1 30 ? 1.934   6.084   -1.446  1.00 0.34  ? 311 LYS A H    1 
ATOM 455  H HA   . LYS A 1 30 ? 2.404   5.922   1.501   1.00 0.34  ? 311 LYS A HA   1 
ATOM 456  H HB2  . LYS A 1 30 ? 1.639   8.347   -0.137  1.00 0.56  ? 311 LYS A HB2  1 
ATOM 457  H HB3  . LYS A 1 30 ? 2.498   8.299   1.403   1.00 0.51  ? 311 LYS A HB3  1 
ATOM 458  H HG2  . LYS A 1 30 ? 4.199   6.827   -0.086  1.00 1.30  ? 311 LYS A HG2  1 
ATOM 459  H HG3  . LYS A 1 30 ? 3.525   7.851   -1.354  1.00 1.18  ? 311 LYS A HG3  1 
ATOM 460  H HD2  . LYS A 1 30 ? 4.205   9.849   -0.238  1.00 1.68  ? 311 LYS A HD2  1 
ATOM 461  H HD3  . LYS A 1 30 ? 4.572   8.975   1.250   1.00 1.79  ? 311 LYS A HD3  1 
ATOM 462  H HE2  . LYS A 1 30 ? 6.597   8.199   0.455   1.00 1.99  ? 311 LYS A HE2  1 
ATOM 463  H HE3  . LYS A 1 30 ? 6.022   8.123   -1.223  1.00 1.99  ? 311 LYS A HE3  1 
ATOM 464  H HZ1  . LYS A 1 30 ? 7.542   9.993   -0.890  1.00 3.18  ? 311 LYS A HZ1  1 
ATOM 465  H HZ2  . LYS A 1 30 ? 6.520   10.619  0.314   1.00 2.77  ? 311 LYS A HZ2  1 
ATOM 466  H HZ3  . LYS A 1 30 ? 5.986   10.531  -1.297  1.00 3.09  ? 311 LYS A HZ3  1 
ATOM 467  N N    . PHE A 1 31 ? -0.042  5.914   2.132   1.00 0.33  ? 312 PHE A N    1 
ATOM 468  C CA   . PHE A 1 31 ? -1.500  5.885   2.452   1.00 0.34  ? 312 PHE A CA   1 
ATOM 469  C C    . PHE A 1 31 ? -1.785  6.680   3.729   1.00 0.37  ? 312 PHE A C    1 
ATOM 470  O O    . PHE A 1 31 ? -0.905  6.923   4.531   1.00 0.51  ? 312 PHE A O    1 
ATOM 471  C CB   . PHE A 1 31 ? -1.830  4.407   2.659   1.00 0.34  ? 312 PHE A CB   1 
ATOM 472  C CG   . PHE A 1 31 ? -2.006  3.737   1.317   1.00 0.35  ? 312 PHE A CG   1 
ATOM 473  C CD1  . PHE A 1 31 ? -2.832  4.318   0.348   1.00 1.17  ? 312 PHE A CD1  1 
ATOM 474  C CD2  . PHE A 1 31 ? -1.342  2.536   1.042   1.00 1.31  ? 312 PHE A CD2  1 
ATOM 475  C CE1  . PHE A 1 31 ? -2.995  3.697   -0.896  1.00 1.21  ? 312 PHE A CE1  1 
ATOM 476  C CE2  . PHE A 1 31 ? -1.503  1.915   -0.201  1.00 1.32  ? 312 PHE A CE2  1 
ATOM 477  C CZ   . PHE A 1 31 ? -2.330  2.496   -1.170  1.00 0.49  ? 312 PHE A CZ   1 
ATOM 478  H H    . PHE A 1 31 ? 0.611   5.581   2.782   1.00 0.34  ? 312 PHE A H    1 
ATOM 479  H HA   . PHE A 1 31 ? -2.074  6.278   1.628   1.00 0.33  ? 312 PHE A HA   1 
ATOM 480  H HB2  . PHE A 1 31 ? -1.023  3.930   3.196   1.00 0.36  ? 312 PHE A HB2  1 
ATOM 481  H HB3  . PHE A 1 31 ? -2.743  4.319   3.227   1.00 0.37  ? 312 PHE A HB3  1 
ATOM 482  H HD1  . PHE A 1 31 ? -3.345  5.245   0.560   1.00 2.05  ? 312 PHE A HD1  1 
ATOM 483  H HD2  . PHE A 1 31 ? -0.705  2.088   1.791   1.00 2.21  ? 312 PHE A HD2  1 
ATOM 484  H HE1  . PHE A 1 31 ? -3.632  4.144   -1.644  1.00 2.11  ? 312 PHE A HE1  1 
ATOM 485  H HE2  . PHE A 1 31 ? -0.991  0.988   -0.414  1.00 2.20  ? 312 PHE A HE2  1 
ATOM 486  H HZ   . PHE A 1 31 ? -2.455  2.016   -2.130  1.00 0.58  ? 312 PHE A HZ   1 
ATOM 487  N N    . ASN A 1 32 ? -3.012  7.081   3.923   1.00 0.39  ? 313 ASN A N    1 
ATOM 488  C CA   . ASN A 1 32 ? -3.357  7.856   5.150   1.00 0.44  ? 313 ASN A CA   1 
ATOM 489  C C    . ASN A 1 32 ? -4.083  6.957   6.153   1.00 0.43  ? 313 ASN A C    1 
ATOM 490  O O    . ASN A 1 32 ? -4.832  6.075   5.785   1.00 0.69  ? 313 ASN A O    1 
ATOM 491  C CB   . ASN A 1 32 ? -4.278  8.980   4.670   1.00 0.47  ? 313 ASN A CB   1 
ATOM 492  C CG   . ASN A 1 32 ? -3.689  9.627   3.414   1.00 0.52  ? 313 ASN A CG   1 
ATOM 493  O OD1  . ASN A 1 32 ? -3.423  8.957   2.437   1.00 1.01  ? 313 ASN A OD1  1 
ATOM 494  N ND2  . ASN A 1 32 ? -3.474  10.915  3.401   1.00 1.11  ? 313 ASN A ND2  1 
ATOM 495  H H    . ASN A 1 32 ? -3.707  6.872   3.265   1.00 0.47  ? 313 ASN A H    1 
ATOM 496  H HA   . ASN A 1 32 ? -2.467  8.273   5.594   1.00 0.48  ? 313 ASN A HA   1 
ATOM 497  H HB2  . ASN A 1 32 ? -5.252  8.574   4.442   1.00 0.49  ? 313 ASN A HB2  1 
ATOM 498  H HB3  . ASN A 1 32 ? -4.371  9.724   5.446   1.00 0.53  ? 313 ASN A HB3  1 
ATOM 499  H HD21 . ASN A 1 32 ? -3.689  11.457  4.188   1.00 1.71  ? 313 ASN A HD21 1 
ATOM 500  H HD22 . ASN A 1 32 ? -3.097  11.340  2.601   1.00 1.19  ? 313 ASN A HD22 1 
ATOM 501  N N    . HIS A 1 33 ? -3.864  7.172   7.419   1.00 0.42  ? 314 HIS A N    1 
ATOM 502  C CA   . HIS A 1 33 ? -4.535  6.331   8.451   1.00 0.48  ? 314 HIS A CA   1 
ATOM 503  C C    . HIS A 1 33 ? -6.057  6.450   8.338   1.00 0.47  ? 314 HIS A C    1 
ATOM 504  O O    . HIS A 1 33 ? -6.788  5.583   8.772   1.00 0.52  ? 314 HIS A O    1 
ATOM 505  C CB   . HIS A 1 33 ? -4.053  6.889   9.790   1.00 0.56  ? 314 HIS A CB   1 
ATOM 506  C CG   . HIS A 1 33 ? -2.551  6.924   9.806   1.00 0.63  ? 314 HIS A CG   1 
ATOM 507  N ND1  . HIS A 1 33 ? -1.838  7.699   10.709  1.00 0.80  ? 314 HIS A ND1  1 
ATOM 508  C CD2  . HIS A 1 33 ? -1.610  6.286   9.037   1.00 0.62  ? 314 HIS A CD2  1 
ATOM 509  C CE1  . HIS A 1 33 ? -0.530  7.508   10.462  1.00 0.86  ? 314 HIS A CE1  1 
ATOM 510  N NE2  . HIS A 1 33 ? -0.335  6.655   9.453   1.00 0.75  ? 314 HIS A NE2  1 
ATOM 511  H H    . HIS A 1 33 ? -3.253  7.889   7.694   1.00 0.60  ? 314 HIS A H    1 
ATOM 512  H HA   . HIS A 1 33 ? -4.230  5.301   8.353   1.00 0.50  ? 314 HIS A HA   1 
ATOM 513  H HB2  . HIS A 1 33 ? -4.439  7.889   9.924   1.00 0.62  ? 314 HIS A HB2  1 
ATOM 514  H HB3  . HIS A 1 33 ? -4.406  6.256   10.591  1.00 0.57  ? 314 HIS A HB3  1 
ATOM 515  H HD1  . HIS A 1 33 ? -2.219  8.279   11.400  1.00 0.90  ? 314 HIS A HD1  1 
ATOM 516  H HD2  . HIS A 1 33 ? -1.827  5.601   8.231   1.00 0.61  ? 314 HIS A HD2  1 
ATOM 517  H HE1  . HIS A 1 33 ? 0.268   7.987   11.012  1.00 1.01  ? 314 HIS A HE1  1 
ATOM 518  N N    . SER A 1 34 ? -6.543  7.523   7.776   1.00 0.46  ? 315 SER A N    1 
ATOM 519  C CA   . SER A 1 34 ? -8.022  7.693   7.656   1.00 0.52  ? 315 SER A CA   1 
ATOM 520  C C    . SER A 1 34 ? -8.519  7.235   6.280   1.00 0.49  ? 315 SER A C    1 
ATOM 521  O O    . SER A 1 34 ? -9.662  7.446   5.926   1.00 0.51  ? 315 SER A O    1 
ATOM 522  C CB   . SER A 1 34 ? -8.262  9.189   7.841   1.00 0.61  ? 315 SER A CB   1 
ATOM 523  O OG   . SER A 1 34 ? -7.359  9.915   7.019   1.00 0.73  ? 315 SER A OG   1 
ATOM 524  H H    . SER A 1 34 ? -5.941  8.219   7.441   1.00 0.46  ? 315 SER A H    1 
ATOM 525  H HA   . SER A 1 34 ? -8.525  7.145   8.437   1.00 0.58  ? 315 SER A HA   1 
ATOM 526  H HB2  . SER A 1 34 ? -9.273  9.431   7.559   1.00 0.63  ? 315 SER A HB2  1 
ATOM 527  H HB3  . SER A 1 34 ? -8.110  9.450   8.880   1.00 0.69  ? 315 SER A HB3  1 
ATOM 528  H HG   . SER A 1 34 ? -6.832  10.483  7.586   1.00 1.35  ? 315 SER A HG   1 
ATOM 529  N N    . HIS A 1 35 ? -7.680  6.606   5.503   1.00 0.48  ? 316 HIS A N    1 
ATOM 530  C CA   . HIS A 1 35 ? -8.127  6.136   4.158   1.00 0.52  ? 316 HIS A CA   1 
ATOM 531  C C    . HIS A 1 35 ? -8.307  4.611   4.176   1.00 0.50  ? 316 HIS A C    1 
ATOM 532  O O    . HIS A 1 35 ? -7.956  3.949   5.128   1.00 1.09  ? 316 HIS A O    1 
ATOM 533  C CB   . HIS A 1 35 ? -7.015  6.590   3.189   1.00 0.59  ? 316 HIS A CB   1 
ATOM 534  C CG   . HIS A 1 35 ? -6.211  5.416   2.686   1.00 0.48  ? 316 HIS A CG   1 
ATOM 535  N ND1  . HIS A 1 35 ? -6.631  4.636   1.621   1.00 0.91  ? 316 HIS A ND1  1 
ATOM 536  C CD2  . HIS A 1 35 ? -5.012  4.882   3.091   1.00 1.50  ? 316 HIS A CD2  1 
ATOM 537  C CE1  . HIS A 1 35 ? -5.701  3.685   1.423   1.00 0.75  ? 316 HIS A CE1  1 
ATOM 538  N NE2  . HIS A 1 35 ? -4.692  3.789   2.291   1.00 1.49  ? 316 HIS A NE2  1 
ATOM 539  H H    . HIS A 1 35 ? -6.763  6.438   5.803   1.00 0.48  ? 316 HIS A H    1 
ATOM 540  H HA   . HIS A 1 35 ? -9.058  6.613   3.893   1.00 0.64  ? 316 HIS A HA   1 
ATOM 541  H HB2  . HIS A 1 35 ? -7.464  7.094   2.348   1.00 0.93  ? 316 HIS A HB2  1 
ATOM 542  H HB3  . HIS A 1 35 ? -6.359  7.275   3.702   1.00 0.89  ? 316 HIS A HB3  1 
ATOM 543  H HD1  . HIS A 1 35 ? -7.457  4.755   1.106   1.00 1.78  ? 316 HIS A HD1  1 
ATOM 544  H HD2  . HIS A 1 35 ? -4.408  5.256   3.904   1.00 2.38  ? 316 HIS A HD2  1 
ATOM 545  H HE1  . HIS A 1 35 ? -5.762  2.929   0.653   1.00 1.04  ? 316 HIS A HE1  1 
ATOM 546  N N    . ARG A 1 36 ? -8.850  4.047   3.134   1.00 0.64  ? 317 ARG A N    1 
ATOM 547  C CA   . ARG A 1 36 ? -9.044  2.569   3.113   1.00 0.54  ? 317 ARG A CA   1 
ATOM 548  C C    . ARG A 1 36 ? -8.091  1.920   2.108   1.00 0.49  ? 317 ARG A C    1 
ATOM 549  O O    . ARG A 1 36 ? -7.939  2.384   0.995   1.00 0.51  ? 317 ARG A O    1 
ATOM 550  C CB   . ARG A 1 36 ? -10.499 2.366   2.684   1.00 0.61  ? 317 ARG A CB   1 
ATOM 551  C CG   . ARG A 1 36 ? -10.629 2.641   1.184   1.00 0.79  ? 317 ARG A CG   1 
ATOM 552  C CD   . ARG A 1 36 ? -12.092 2.507   0.761   1.00 0.93  ? 317 ARG A CD   1 
ATOM 553  N NE   . ARG A 1 36 ? -12.466 3.854   0.249   1.00 1.15  ? 317 ARG A NE   1 
ATOM 554  C CZ   . ARG A 1 36 ? -13.479 3.986   -0.563  1.00 1.48  ? 317 ARG A CZ   1 
ATOM 555  N NH1  . ARG A 1 36 ? -13.613 3.172   -1.574  1.00 2.27  ? 317 ARG A NH1  1 
ATOM 556  N NH2  . ARG A 1 36 ? -14.355 4.932   -0.365  1.00 1.99  ? 317 ARG A NH2  1 
ATOM 557  H H    . ARG A 1 36 ? -9.133  4.592   2.371   1.00 1.18  ? 317 ARG A H    1 
ATOM 558  H HA   . ARG A 1 36 ? -8.891  2.156   4.098   1.00 0.60  ? 317 ARG A HA   1 
ATOM 559  H HB2  . ARG A 1 36 ? -10.797 1.349   2.892   1.00 0.67  ? 317 ARG A HB2  1 
ATOM 560  H HB3  . ARG A 1 36 ? -11.135 3.048   3.230   1.00 0.67  ? 317 ARG A HB3  1 
ATOM 561  H HG2  . ARG A 1 36 ? -10.282 3.642   0.970   1.00 0.90  ? 317 ARG A HG2  1 
ATOM 562  H HG3  . ARG A 1 36 ? -10.031 1.928   0.636   1.00 0.88  ? 317 ARG A HG3  1 
ATOM 563  H HD2  . ARG A 1 36 ? -12.191 1.764   -0.019  1.00 1.27  ? 317 ARG A HD2  1 
ATOM 564  H HD3  . ARG A 1 36 ? -12.708 2.249   1.608   1.00 1.18  ? 317 ARG A HD3  1 
ATOM 565  H HE   . ARG A 1 36 ? -11.952 4.642   0.523   1.00 1.71  ? 317 ARG A HE   1 
ATOM 566  H HH11 . ARG A 1 36 ? -12.942 2.447   -1.726  1.00 2.72  ? 317 ARG A HH11 1 
ATOM 567  H HH12 . ARG A 1 36 ? -14.389 3.272   -2.197  1.00 2.78  ? 317 ARG A HH12 1 
ATOM 568  H HH21 . ARG A 1 36 ? -14.251 5.556   0.410   1.00 2.27  ? 317 ARG A HH21 1 
ATOM 569  H HH22 . ARG A 1 36 ? -15.131 5.033   -0.987  1.00 2.60  ? 317 ARG A HH22 1 
ATOM 570  N N    . ILE A 1 37 ? -7.454  0.846   2.485   1.00 0.52  ? 318 ILE A N    1 
ATOM 571  C CA   . ILE A 1 37 ? -6.521  0.169   1.541   1.00 0.60  ? 318 ILE A CA   1 
ATOM 572  C C    . ILE A 1 37 ? -7.207  -0.013  0.187   1.00 0.63  ? 318 ILE A C    1 
ATOM 573  O O    . ILE A 1 37 ? -6.561  -0.130  -0.836  1.00 0.79  ? 318 ILE A O    1 
ATOM 574  C CB   . ILE A 1 37 ? -6.212  -1.186  2.176   1.00 0.63  ? 318 ILE A CB   1 
ATOM 575  C CG1  . ILE A 1 37 ? -5.324  -0.975  3.407   1.00 0.61  ? 318 ILE A CG1  1 
ATOM 576  C CG2  . ILE A 1 37 ? -5.482  -2.072  1.162   1.00 0.67  ? 318 ILE A CG2  1 
ATOM 577  C CD1  . ILE A 1 37 ? -3.896  -0.643  2.965   1.00 0.53  ? 318 ILE A CD1  1 
ATOM 578  H H    . ILE A 1 37 ? -7.593  0.484   3.383   1.00 0.56  ? 318 ILE A H    1 
ATOM 579  H HA   . ILE A 1 37 ? -5.615  0.742   1.430   1.00 0.71  ? 318 ILE A HA   1 
ATOM 580  H HB   . ILE A 1 37 ? -7.134  -1.664  2.473   1.00 0.80  ? 318 ILE A HB   1 
ATOM 581  H HG12 . ILE A 1 37 ? -5.718  -0.159  3.993   1.00 0.68  ? 318 ILE A HG12 1 
ATOM 582  H HG13 . ILE A 1 37 ? -5.315  -1.875  4.002   1.00 0.83  ? 318 ILE A HG13 1 
ATOM 583  H HG21 . ILE A 1 37 ? -4.677  -1.512  0.710   1.00 0.60  ? 318 ILE A HG21 1 
ATOM 584  H HG22 . ILE A 1 37 ? -6.175  -2.388  0.396   1.00 0.85  ? 318 ILE A HG22 1 
ATOM 585  H HG23 . ILE A 1 37 ? -5.081  -2.939  1.665   1.00 0.76  ? 318 ILE A HG23 1 
ATOM 586  H HD11 . ILE A 1 37 ? -3.926  0.081   2.164   1.00 0.54  ? 318 ILE A HD11 1 
ATOM 587  H HD12 . ILE A 1 37 ? -3.408  -1.542  2.619   1.00 0.59  ? 318 ILE A HD12 1 
ATOM 588  H HD13 . ILE A 1 37 ? -3.347  -0.234  3.800   1.00 0.63  ? 318 ILE A HD13 1 
ATOM 589  N N    . SER A 1 38 ? -8.514  -0.025  0.170   1.00 0.62  ? 319 SER A N    1 
ATOM 590  C CA   . SER A 1 38 ? -9.231  -0.184  -1.125  1.00 0.80  ? 319 SER A CA   1 
ATOM 591  C C    . SER A 1 38 ? -8.699  0.852   -2.114  1.00 0.81  ? 319 SER A C    1 
ATOM 592  O O    . SER A 1 38 ? -8.663  0.631   -3.307  1.00 0.98  ? 319 SER A O    1 
ATOM 593  C CB   . SER A 1 38 ? -10.701 0.075   -0.802  1.00 0.87  ? 319 SER A CB   1 
ATOM 594  O OG   . SER A 1 38 ? -11.468 -1.068  -1.156  1.00 1.66  ? 319 SER A OG   1 
ATOM 595  H H    . SER A 1 38 ? -9.019  0.080   1.002   1.00 0.60  ? 319 SER A H    1 
ATOM 596  H HA   . SER A 1 38 ? -9.101  -1.182  -1.512  1.00 0.93  ? 319 SER A HA   1 
ATOM 597  H HB2  . SER A 1 38 ? -10.813 0.264   0.252   1.00 1.06  ? 319 SER A HB2  1 
ATOM 598  H HB3  . SER A 1 38 ? -11.045 0.937   -1.359  1.00 1.17  ? 319 SER A HB3  1 
ATOM 599  H HG   . SER A 1 38 ? -11.012 -1.523  -1.868  1.00 1.95  ? 319 SER A HG   1 
ATOM 600  N N    . ASP A 1 39 ? -8.264  1.977   -1.615  1.00 0.68  ? 320 ASP A N    1 
ATOM 601  C CA   . ASP A 1 39 ? -7.707  3.027   -2.510  1.00 0.73  ? 320 ASP A CA   1 
ATOM 602  C C    . ASP A 1 39 ? -6.541  2.440   -3.308  1.00 0.70  ? 320 ASP A C    1 
ATOM 603  O O    . ASP A 1 39 ? -6.265  2.839   -4.417  1.00 0.75  ? 320 ASP A O    1 
ATOM 604  C CB   . ASP A 1 39 ? -7.222  4.136   -1.576  1.00 0.74  ? 320 ASP A CB   1 
ATOM 605  C CG   . ASP A 1 39 ? -7.697  5.491   -2.103  1.00 1.22  ? 320 ASP A CG   1 
ATOM 606  O OD1  . ASP A 1 39 ? -7.001  6.062   -2.925  1.00 1.88  ? 320 ASP A OD1  1 
ATOM 607  O OD2  . ASP A 1 39 ? -8.751  5.933   -1.676  1.00 1.86  ? 320 ASP A OD2  1 
ATOM 608  H H    . ASP A 1 39 ? -8.289  2.124   -0.645  1.00 0.58  ? 320 ASP A H    1 
ATOM 609  H HA   . ASP A 1 39 ? -8.469  3.404   -3.173  1.00 0.80  ? 320 ASP A HA   1 
ATOM 610  H HB2  . ASP A 1 39 ? -7.622  3.972   -0.587  1.00 1.00  ? 320 ASP A HB2  1 
ATOM 611  H HB3  . ASP A 1 39 ? -6.143  4.127   -1.536  1.00 1.09  ? 320 ASP A HB3  1 
ATOM 612  N N    . ILE A 1 40 ? -5.853  1.489   -2.745  1.00 0.65  ? 321 ILE A N    1 
ATOM 613  C CA   . ILE A 1 40 ? -4.712  0.871   -3.470  1.00 0.64  ? 321 ILE A CA   1 
ATOM 614  C C    . ILE A 1 40 ? -5.195  0.287   -4.804  1.00 0.70  ? 321 ILE A C    1 
ATOM 615  O O    . ILE A 1 40 ? -4.493  0.319   -5.796  1.00 0.74  ? 321 ILE A O    1 
ATOM 616  C CB   . ILE A 1 40 ? -4.200  -0.230  -2.535  1.00 0.63  ? 321 ILE A CB   1 
ATOM 617  C CG1  . ILE A 1 40 ? -2.764  -0.596  -2.919  1.00 1.31  ? 321 ILE A CG1  1 
ATOM 618  C CG2  . ILE A 1 40 ? -5.088  -1.472  -2.649  1.00 1.37  ? 321 ILE A CG2  1 
ATOM 619  C CD1  . ILE A 1 40 ? -2.268  -1.730  -2.020  1.00 1.97  ? 321 ILE A CD1  1 
ATOM 620  H H    . ILE A 1 40 ? -6.090  1.180   -1.845  1.00 0.63  ? 321 ILE A H    1 
ATOM 621  H HA   . ILE A 1 40 ? -3.937  1.600   -3.638  1.00 0.64  ? 321 ILE A HA   1 
ATOM 622  H HB   . ILE A 1 40 ? -4.218  0.128   -1.516  1.00 1.21  ? 321 ILE A HB   1 
ATOM 623  H HG12 . ILE A 1 40 ? -2.738  -0.916  -3.950  1.00 1.71  ? 321 ILE A HG12 1 
ATOM 624  H HG13 . ILE A 1 40 ? -2.127  0.266   -2.792  1.00 1.90  ? 321 ILE A HG13 1 
ATOM 625  H HG21 . ILE A 1 40 ? -6.126  -1.179  -2.604  1.00 1.89  ? 321 ILE A HG21 1 
ATOM 626  H HG22 . ILE A 1 40 ? -4.870  -2.147  -1.835  1.00 2.03  ? 321 ILE A HG22 1 
ATOM 627  H HG23 . ILE A 1 40 ? -4.896  -1.968  -3.589  1.00 1.86  ? 321 ILE A HG23 1 
ATOM 628  H HD11 . ILE A 1 40 ? -2.710  -2.662  -2.339  1.00 2.30  ? 321 ILE A HD11 1 
ATOM 629  H HD12 . ILE A 1 40 ? -2.554  -1.528  -0.997  1.00 2.46  ? 321 ILE A HD12 1 
ATOM 630  H HD13 . ILE A 1 40 ? -1.193  -1.799  -2.086  1.00 2.49  ? 321 ILE A HD13 1 
ATOM 631  N N    . ARG A 1 41 ? -6.386  -0.256  -4.834  1.00 0.74  ? 322 ARG A N    1 
ATOM 632  C CA   . ARG A 1 41 ? -6.906  -0.847  -6.102  1.00 0.84  ? 322 ARG A CA   1 
ATOM 633  C C    . ARG A 1 41 ? -6.818  0.166   -7.247  1.00 0.85  ? 322 ARG A C    1 
ATOM 634  O O    . ARG A 1 41 ? -6.252  -0.114  -8.285  1.00 0.92  ? 322 ARG A O    1 
ATOM 635  C CB   . ARG A 1 41 ? -8.365  -1.202  -5.809  1.00 0.93  ? 322 ARG A CB   1 
ATOM 636  C CG   . ARG A 1 41 ? -8.518  -2.724  -5.748  1.00 0.99  ? 322 ARG A CG   1 
ATOM 637  C CD   . ARG A 1 41 ? -9.339  -3.204  -6.949  1.00 1.07  ? 322 ARG A CD   1 
ATOM 638  N NE   . ARG A 1 41 ? -9.382  -4.687  -6.817  1.00 1.49  ? 322 ARG A NE   1 
ATOM 639  C CZ   . ARG A 1 41 ? -10.156 -5.389  -7.599  1.00 1.78  ? 322 ARG A CZ   1 
ATOM 640  N NH1  . ARG A 1 41 ? -10.094 -5.230  -8.892  1.00 2.14  ? 322 ARG A NH1  1 
ATOM 641  N NH2  . ARG A 1 41 ? -10.993 -6.250  -7.087  1.00 2.49  ? 322 ARG A NH2  1 
ATOM 642  H H    . ARG A 1 41 ? -6.935  -0.276  -4.022  1.00 0.72  ? 322 ARG A H    1 
ATOM 643  H HA   . ARG A 1 41 ? -6.356  -1.741  -6.350  1.00 0.87  ? 322 ARG A HA   1 
ATOM 644  H HB2  . ARG A 1 41 ? -8.657  -0.772  -4.862  1.00 1.18  ? 322 ARG A HB2  1 
ATOM 645  H HB3  . ARG A 1 41 ? -8.995  -0.810  -6.593  1.00 1.28  ? 322 ARG A HB3  1 
ATOM 646  H HG2  . ARG A 1 41 ? -7.541  -3.184  -5.772  1.00 1.31  ? 322 ARG A HG2  1 
ATOM 647  H HG3  . ARG A 1 41 ? -9.025  -2.999  -4.835  1.00 1.23  ? 322 ARG A HG3  1 
ATOM 648  H HD2  . ARG A 1 41 ? -10.338 -2.790  -6.909  1.00 1.69  ? 322 ARG A HD2  1 
ATOM 649  H HD3  . ARG A 1 41 ? -8.852  -2.929  -7.871  1.00 1.18  ? 322 ARG A HD3  1 
ATOM 650  H HE   . ARG A 1 41 ? -8.830  -5.136  -6.142  1.00 2.11  ? 322 ARG A HE   1 
ATOM 651  H HH11 . ARG A 1 41 ? -9.453  -4.570  -9.284  1.00 2.40  ? 322 ARG A HH11 1 
ATOM 652  H HH12 . ARG A 1 41 ? -10.687 -5.768  -9.491  1.00 2.60  ? 322 ARG A HH12 1 
ATOM 653  H HH21 . ARG A 1 41 ? -11.041 -6.372  -6.095  1.00 2.94  ? 322 ARG A HH21 1 
ATOM 654  H HH22 . ARG A 1 41 ? -11.586 -6.787  -7.686  1.00 2.90  ? 322 ARG A HH22 1 
ATOM 655  N N    . LEU A 1 42 ? -7.360  1.344   -7.077  1.00 0.81  ? 323 LEU A N    1 
ATOM 656  C CA   . LEU A 1 42 ? -7.269  2.347   -8.191  1.00 0.86  ? 323 LEU A CA   1 
ATOM 657  C C    . LEU A 1 42 ? -5.803  2.713   -8.419  1.00 0.75  ? 323 LEU A C    1 
ATOM 658  O O    . LEU A 1 42 ? -5.339  2.785   -9.540  1.00 0.75  ? 323 LEU A O    1 
ATOM 659  C CB   . LEU A 1 42 ? -8.078  3.614   -7.820  1.00 0.95  ? 323 LEU A CB   1 
ATOM 660  C CG   . LEU A 1 42 ? -8.513  3.635   -6.354  1.00 1.48  ? 323 LEU A CG   1 
ATOM 661  C CD1  . LEU A 1 42 ? -8.820  5.075   -5.937  1.00 2.23  ? 323 LEU A CD1  1 
ATOM 662  C CD2  . LEU A 1 42 ? -9.772  2.783   -6.180  1.00 2.20  ? 323 LEU A CD2  1 
ATOM 663  H H    . LEU A 1 42 ? -7.806  1.554   -6.238  1.00 0.76  ? 323 LEU A H    1 
ATOM 664  H HA   . LEU A 1 42 ? -7.674  1.915   -9.095  1.00 0.96  ? 323 LEU A HA   1 
ATOM 665  H HB2  . LEU A 1 42 ? -7.464  4.480   -8.006  1.00 1.53  ? 323 LEU A HB2  1 
ATOM 666  H HB3  . LEU A 1 42 ? -8.955  3.666   -8.449  1.00 1.44  ? 323 LEU A HB3  1 
ATOM 667  H HG   . LEU A 1 42 ? -7.724  3.250   -5.738  1.00 2.03  ? 323 LEU A HG   1 
ATOM 668  H HD11 . LEU A 1 42 ? -8.189  5.351   -5.107  1.00 2.67  ? 323 LEU A HD11 1 
ATOM 669  H HD12 . LEU A 1 42 ? -9.855  5.153   -5.643  1.00 2.58  ? 323 LEU A HD12 1 
ATOM 670  H HD13 . LEU A 1 42 ? -8.631  5.739   -6.768  1.00 2.75  ? 323 LEU A HD13 1 
ATOM 671  H HD21 . LEU A 1 42 ? -9.539  1.914   -5.582  1.00 2.57  ? 323 LEU A HD21 1 
ATOM 672  H HD22 . LEU A 1 42 ? -10.130 2.468   -7.149  1.00 2.42  ? 323 LEU A HD22 1 
ATOM 673  H HD23 . LEU A 1 42 ? -10.536 3.366   -5.685  1.00 2.81  ? 323 LEU A HD23 1 
ATOM 674  N N    . PHE A 1 43 ? -5.061  2.933   -7.366  1.00 0.69  ? 324 PHE A N    1 
ATOM 675  C CA   . PHE A 1 43 ? -3.622  3.279   -7.539  1.00 0.64  ? 324 PHE A CA   1 
ATOM 676  C C    . PHE A 1 43 ? -2.932  2.184   -8.351  1.00 0.63  ? 324 PHE A C    1 
ATOM 677  O O    . PHE A 1 43 ? -2.309  2.444   -9.361  1.00 0.64  ? 324 PHE A O    1 
ATOM 678  C CB   . PHE A 1 43 ? -3.046  3.338   -6.124  1.00 0.65  ? 324 PHE A CB   1 
ATOM 679  C CG   . PHE A 1 43 ? -1.626  3.851   -6.183  1.00 0.58  ? 324 PHE A CG   1 
ATOM 680  C CD1  . PHE A 1 43 ? -0.629  3.090   -6.807  1.00 1.33  ? 324 PHE A CD1  1 
ATOM 681  C CD2  . PHE A 1 43 ? -1.307  5.090   -5.617  1.00 1.31  ? 324 PHE A CD2  1 
ATOM 682  C CE1  . PHE A 1 43 ? 0.685   3.570   -6.864  1.00 1.39  ? 324 PHE A CE1  1 
ATOM 683  C CE2  . PHE A 1 43 ? 0.007   5.569   -5.673  1.00 1.28  ? 324 PHE A CE2  1 
ATOM 684  C CZ   . PHE A 1 43 ? 1.003   4.809   -6.297  1.00 0.65  ? 324 PHE A CZ   1 
ATOM 685  H H    . PHE A 1 43 ? -5.447  2.862   -6.469  1.00 0.72  ? 324 PHE A H    1 
ATOM 686  H HA   . PHE A 1 43 ? -3.517  4.236   -8.024  1.00 0.68  ? 324 PHE A HA   1 
ATOM 687  H HB2  . PHE A 1 43 ? -3.644  4.002   -5.518  1.00 0.73  ? 324 PHE A HB2  1 
ATOM 688  H HB3  . PHE A 1 43 ? -3.052  2.349   -5.690  1.00 0.75  ? 324 PHE A HB3  1 
ATOM 689  H HD1  . PHE A 1 43 ? -0.874  2.133   -7.245  1.00 2.17  ? 324 PHE A HD1  1 
ATOM 690  H HD2  . PHE A 1 43 ? -2.074  5.675   -5.137  1.00 2.20  ? 324 PHE A HD2  1 
ATOM 691  H HE1  . PHE A 1 43 ? 1.454   2.983   -7.345  1.00 2.28  ? 324 PHE A HE1  1 
ATOM 692  H HE2  . PHE A 1 43 ? 0.252   6.525   -5.235  1.00 2.13  ? 324 PHE A HE2  1 
ATOM 693  H HZ   . PHE A 1 43 ? 2.016   5.179   -6.340  1.00 0.74  ? 324 PHE A HZ   1 
ATOM 694  N N    . ILE A 1 44 ? -3.047  0.958   -7.921  1.00 0.70  ? 325 ILE A N    1 
ATOM 695  C CA   . ILE A 1 44 ? -2.409  -0.156  -8.673  1.00 0.82  ? 325 ILE A CA   1 
ATOM 696  C C    . ILE A 1 44 ? -2.911  -0.141  -10.121 1.00 0.87  ? 325 ILE A C    1 
ATOM 697  O O    . ILE A 1 44 ? -2.137  -0.184  -11.055 1.00 0.90  ? 325 ILE A O    1 
ATOM 698  C CB   . ILE A 1 44 ? -2.850  -1.432  -7.936  1.00 0.95  ? 325 ILE A CB   1 
ATOM 699  C CG1  . ILE A 1 44 ? -1.818  -1.783  -6.859  1.00 1.05  ? 325 ILE A CG1  1 
ATOM 700  C CG2  . ILE A 1 44 ? -2.961  -2.605  -8.918  1.00 1.12  ? 325 ILE A CG2  1 
ATOM 701  C CD1  . ILE A 1 44 ? -1.448  -0.526  -6.067  1.00 1.15  ? 325 ILE A CD1  1 
ATOM 702  H H    . ILE A 1 44 ? -3.562  0.770   -7.107  1.00 0.71  ? 325 ILE A H    1 
ATOM 703  H HA   . ILE A 1 44 ? -1.335  -0.064  -8.645  1.00 0.83  ? 325 ILE A HA   1 
ATOM 704  H HB   . ILE A 1 44 ? -3.811  -1.264  -7.472  1.00 1.00  ? 325 ILE A HB   1 
ATOM 705  H HG12 . ILE A 1 44 ? -2.236  -2.520  -6.188  1.00 1.49  ? 325 ILE A HG12 1 
ATOM 706  H HG13 . ILE A 1 44 ? -0.932  -2.184  -7.327  1.00 1.64  ? 325 ILE A HG13 1 
ATOM 707  H HG21 . ILE A 1 44 ? -3.991  -2.725  -9.220  1.00 1.45  ? 325 ILE A HG21 1 
ATOM 708  H HG22 . ILE A 1 44 ? -2.620  -3.511  -8.437  1.00 1.60  ? 325 ILE A HG22 1 
ATOM 709  H HG23 . ILE A 1 44 ? -2.351  -2.407  -9.786  1.00 1.57  ? 325 ILE A HG23 1 
ATOM 710  H HD11 . ILE A 1 44 ? -2.335  0.061   -5.888  1.00 1.69  ? 325 ILE A HD11 1 
ATOM 711  H HD12 . ILE A 1 44 ? -0.736  0.058   -6.632  1.00 1.74  ? 325 ILE A HD12 1 
ATOM 712  H HD13 . ILE A 1 44 ? -1.008  -0.813  -5.123  1.00 1.52  ? 325 ILE A HD13 1 
ATOM 713  N N    . VAL A 1 45 ? -4.201  -0.070  -10.311 1.00 0.96  ? 326 VAL A N    1 
ATOM 714  C CA   . VAL A 1 45 ? -4.746  -0.053  -11.698 1.00 1.09  ? 326 VAL A CA   1 
ATOM 715  C C    . VAL A 1 45 ? -4.074  1.057   -12.505 1.00 0.93  ? 326 VAL A C    1 
ATOM 716  O O    . VAL A 1 45 ? -3.781  0.896   -13.674 1.00 0.96  ? 326 VAL A O    1 
ATOM 717  C CB   . VAL A 1 45 ? -6.241  0.224   -11.535 1.00 1.36  ? 326 VAL A CB   1 
ATOM 718  C CG1  . VAL A 1 45 ? -6.840  0.608   -12.890 1.00 1.56  ? 326 VAL A CG1  1 
ATOM 719  C CG2  . VAL A 1 45 ? -6.937  -1.034  -11.011 1.00 1.60  ? 326 VAL A CG2  1 
ATOM 720  H H    . VAL A 1 45 ? -4.809  -0.030  -9.543  1.00 0.97  ? 326 VAL A H    1 
ATOM 721  H HA   . VAL A 1 45 ? -4.598  -1.010  -12.173 1.00 1.21  ? 326 VAL A HA   1 
ATOM 722  H HB   . VAL A 1 45 ? -6.384  1.035   -10.836 1.00 1.32  ? 326 VAL A HB   1 
ATOM 723  H HG11 . VAL A 1 45 ? -6.314  1.463   -13.287 1.00 1.95  ? 326 VAL A HG11 1 
ATOM 724  H HG12 . VAL A 1 45 ? -7.885  0.852   -12.766 1.00 1.74  ? 326 VAL A HG12 1 
ATOM 725  H HG13 . VAL A 1 45 ? -6.743  -0.223  -13.574 1.00 1.98  ? 326 VAL A HG13 1 
ATOM 726  H HG21 . VAL A 1 45 ? -6.576  -1.258  -10.018 1.00 1.61  ? 326 VAL A HG21 1 
ATOM 727  H HG22 . VAL A 1 45 ? -6.723  -1.864  -11.667 1.00 1.86  ? 326 VAL A HG22 1 
ATOM 728  H HG23 . VAL A 1 45 ? -8.003  -0.868  -10.978 1.00 2.20  ? 326 VAL A HG23 1 
ATOM 729  N N    . ASP A 1 46 ? -3.806  2.176   -11.891 1.00 0.88  ? 327 ASP A N    1 
ATOM 730  C CA   . ASP A 1 46 ? -3.130  3.279   -12.629 1.00 0.91  ? 327 ASP A CA   1 
ATOM 731  C C    . ASP A 1 46 ? -1.755  2.796   -13.091 1.00 0.85  ? 327 ASP A C    1 
ATOM 732  O O    . ASP A 1 46 ? -1.396  2.909   -14.245 1.00 1.06  ? 327 ASP A O    1 
ATOM 733  C CB   . ASP A 1 46 ? -2.995  4.416   -11.616 1.00 0.97  ? 327 ASP A CB   1 
ATOM 734  C CG   . ASP A 1 46 ? -3.291  5.750   -12.304 1.00 1.13  ? 327 ASP A CG   1 
ATOM 735  O OD1  . ASP A 1 46 ? -4.324  5.847   -12.946 1.00 1.49  ? 327 ASP A OD1  1 
ATOM 736  O OD2  . ASP A 1 46 ? -2.480  6.652   -12.178 1.00 1.69  ? 327 ASP A OD2  1 
ATOM 737  H H    . ASP A 1 46 ? -4.035  2.286   -10.944 1.00 0.92  ? 327 ASP A H    1 
ATOM 738  H HA   . ASP A 1 46 ? -3.725  3.595   -13.471 1.00 1.12  ? 327 ASP A HA   1 
ATOM 739  H HB2  . ASP A 1 46 ? -3.696  4.263   -10.808 1.00 1.15  ? 327 ASP A HB2  1 
ATOM 740  H HB3  . ASP A 1 46 ? -1.990  4.430   -11.224 1.00 1.12  ? 327 ASP A HB3  1 
ATOM 741  N N    . ALA A 1 47 ? -0.991  2.238   -12.190 1.00 0.82  ? 328 ALA A N    1 
ATOM 742  C CA   . ALA A 1 47 ? 0.354   1.718   -12.560 1.00 1.08  ? 328 ALA A CA   1 
ATOM 743  C C    . ALA A 1 47 ? 0.315   0.187   -12.567 1.00 1.22  ? 328 ALA A C    1 
ATOM 744  O O    . ALA A 1 47 ? 1.089   -0.472  -11.903 1.00 1.94  ? 328 ALA A O    1 
ATOM 745  C CB   . ALA A 1 47 ? 1.297   2.234   -11.472 1.00 1.38  ? 328 ALA A CB   1 
ATOM 746  H H    . ALA A 1 47 ? -1.314  2.146   -11.270 1.00 0.80  ? 328 ALA A H    1 
ATOM 747  H HA   . ALA A 1 47 ? 0.655   2.095   -13.525 1.00 1.22  ? 328 ALA A HA   1 
ATOM 748  H HB1  . ALA A 1 47 ? 2.245   1.725   -11.546 1.00 1.88  ? 328 ALA A HB1  1 
ATOM 749  H HB2  . ALA A 1 47 ? 0.861   2.047   -10.500 1.00 1.89  ? 328 ALA A HB2  1 
ATOM 750  H HB3  . ALA A 1 47 ? 1.446   3.296   -11.600 1.00 1.49  ? 328 ALA A HB3  1 
ATOM 751  N N    . ARG A 1 48 ? -0.600  -0.377  -13.312 1.00 0.94  ? 329 ARG A N    1 
ATOM 752  C CA   . ARG A 1 48 ? -0.726  -1.863  -13.373 1.00 1.24  ? 329 ARG A CA   1 
ATOM 753  C C    . ARG A 1 48 ? -0.438  -2.374  -14.807 1.00 1.08  ? 329 ARG A C    1 
ATOM 754  O O    . ARG A 1 48 ? -1.088  -3.272  -15.294 1.00 1.27  ? 329 ARG A O    1 
ATOM 755  C CB   . ARG A 1 48 ? -2.189  -2.095  -12.933 1.00 1.65  ? 329 ARG A CB   1 
ATOM 756  C CG   . ARG A 1 48 ? -2.737  -3.447  -13.402 1.00 2.20  ? 329 ARG A CG   1 
ATOM 757  C CD   . ARG A 1 48 ? -1.762  -4.561  -13.035 1.00 2.63  ? 329 ARG A CD   1 
ATOM 758  N NE   . ARG A 1 48 ? -2.223  -5.044  -11.703 1.00 3.69  ? 329 ARG A NE   1 
ATOM 759  C CZ   . ARG A 1 48 ? -3.281  -5.803  -11.612 1.00 4.29  ? 329 ARG A CZ   1 
ATOM 760  N NH1  . ARG A 1 48 ? -4.069  -5.956  -12.642 1.00 4.82  ? 329 ARG A NH1  1 
ATOM 761  N NH2  . ARG A 1 48 ? -3.552  -6.411  -10.489 1.00 4.78  ? 329 ARG A NH2  1 
ATOM 762  H H    . ARG A 1 48 ? -1.216  0.183   -13.828 1.00 1.04  ? 329 ARG A H    1 
ATOM 763  H HA   . ARG A 1 48 ? -0.054  -2.325  -12.667 1.00 1.52  ? 329 ARG A HA   1 
ATOM 764  H HB2  . ARG A 1 48 ? -2.238  -2.064  -11.857 1.00 1.95  ? 329 ARG A HB2  1 
ATOM 765  H HB3  . ARG A 1 48 ? -2.807  -1.305  -13.336 1.00 2.13  ? 329 ARG A HB3  1 
ATOM 766  H HG2  . ARG A 1 48 ? -3.683  -3.630  -12.914 1.00 2.65  ? 329 ARG A HG2  1 
ATOM 767  H HG3  . ARG A 1 48 ? -2.889  -3.430  -14.469 1.00 2.57  ? 329 ARG A HG3  1 
ATOM 768  H HD2  . ARG A 1 48 ? -1.813  -5.355  -13.765 1.00 2.64  ? 329 ARG A HD2  1 
ATOM 769  H HD3  . ARG A 1 48 ? -0.756  -4.176  -12.963 1.00 2.65  ? 329 ARG A HD3  1 
ATOM 770  H HE   . ARG A 1 48 ? -1.732  -4.791  -10.894 1.00 4.16  ? 329 ARG A HE   1 
ATOM 771  H HH11 . ARG A 1 48 ? -3.861  -5.492  -13.502 1.00 4.78  ? 329 ARG A HH11 1 
ATOM 772  H HH12 . ARG A 1 48 ? -4.879  -6.538  -12.569 1.00 5.50  ? 329 ARG A HH12 1 
ATOM 773  H HH21 . ARG A 1 48 ? -2.949  -6.294  -9.699  1.00 4.75  ? 329 ARG A HH21 1 
ATOM 774  H HH22 . ARG A 1 48 ? -4.362  -6.992  -10.418 1.00 5.41  ? 329 ARG A HH22 1 
ATOM 775  N N    . PRO A 1 49 ? 0.550   -1.789  -15.445 1.00 0.99  ? 330 PRO A N    1 
ATOM 776  C CA   . PRO A 1 49 ? 0.908   -2.213  -16.823 1.00 1.16  ? 330 PRO A CA   1 
ATOM 777  C C    . PRO A 1 49 ? 1.621   -3.569  -16.803 1.00 1.22  ? 330 PRO A C    1 
ATOM 778  O O    . PRO A 1 49 ? 1.333   -4.444  -17.596 1.00 1.32  ? 330 PRO A O    1 
ATOM 779  C CB   . PRO A 1 49 ? 1.850   -1.116  -17.305 1.00 1.47  ? 330 PRO A CB   1 
ATOM 780  C CG   . PRO A 1 49 ? 2.438   -0.533  -16.060 1.00 1.45  ? 330 PRO A CG   1 
ATOM 781  C CD   . PRO A 1 49 ? 1.417   -0.704  -14.965 1.00 1.12  ? 330 PRO A CD   1 
ATOM 782  H HA   . PRO A 1 49 ? 0.031   -2.251  -17.449 1.00 1.26  ? 330 PRO A HA   1 
ATOM 783  H HB2  . PRO A 1 49 ? 2.627   -1.538  -17.930 1.00 1.70  ? 330 PRO A HB2  1 
ATOM 784  H HB3  . PRO A 1 49 ? 1.303   -0.358  -17.844 1.00 1.61  ? 330 PRO A HB3  1 
ATOM 785  H HG2  . PRO A 1 49 ? 3.348   -1.057  -15.804 1.00 1.59  ? 330 PRO A HG2  1 
ATOM 786  H HG3  . PRO A 1 49 ? 2.643   0.516   -16.205 1.00 1.66  ? 330 PRO A HG3  1 
ATOM 787  H HD2  . PRO A 1 49 ? 1.900   -0.980  -14.038 1.00 1.21  ? 330 PRO A HD2  1 
ATOM 788  H HD3  . PRO A 1 49 ? 0.844   0.202   -14.843 1.00 1.11  ? 330 PRO A HD3  1 
ATOM 789  N N    . ALA A 1 50 ? 2.553   -3.749  -15.907 1.00 1.28  ? 331 ALA A N    1 
ATOM 790  C CA   . ALA A 1 50 ? 3.286   -5.048  -15.841 1.00 1.51  ? 331 ALA A CA   1 
ATOM 791  C C    . ALA A 1 50 ? 2.591   -6.000  -14.864 1.00 1.57  ? 331 ALA A C    1 
ATOM 792  O O    . ALA A 1 50 ? 2.491   -7.187  -15.101 1.00 1.79  ? 331 ALA A O    1 
ATOM 793  C CB   . ALA A 1 50 ? 4.683   -4.687  -15.335 1.00 1.58  ? 331 ALA A CB   1 
ATOM 794  H H    . ALA A 1 50 ? 2.773   -3.031  -15.277 1.00 1.24  ? 331 ALA A H    1 
ATOM 795  H HA   . ALA A 1 50 ? 3.352   -5.494  -16.820 1.00 1.64  ? 331 ALA A HA   1 
ATOM 796  H HB1  . ALA A 1 50 ? 4.613   -3.869  -14.633 1.00 1.83  ? 331 ALA A HB1  1 
ATOM 797  H HB2  . ALA A 1 50 ? 5.303   -4.393  -16.169 1.00 1.62  ? 331 ALA A HB2  1 
ATOM 798  H HB3  . ALA A 1 50 ? 5.121   -5.544  -14.845 1.00 1.93  ? 331 ALA A HB3  1 
ATOM 799  N N    . MET A 1 51 ? 2.111   -5.484  -13.768 1.00 1.47  ? 332 MET A N    1 
ATOM 800  C CA   . MET A 1 51 ? 1.419   -6.349  -12.770 1.00 1.67  ? 332 MET A CA   1 
ATOM 801  C C    . MET A 1 51 ? 0.207   -7.039  -13.408 1.00 1.59  ? 332 MET A C    1 
ATOM 802  O O    . MET A 1 51 ? -0.346  -7.962  -12.846 1.00 1.93  ? 332 MET A O    1 
ATOM 803  C CB   . MET A 1 51 ? 0.976   -5.396  -11.659 1.00 1.72  ? 332 MET A CB   1 
ATOM 804  C CG   . MET A 1 51 ? 1.604   -5.829  -10.333 1.00 2.06  ? 332 MET A CG   1 
ATOM 805  S SD   . MET A 1 51 ? 2.906   -4.659  -9.870  1.00 2.10  ? 332 MET A SD   1 
ATOM 806  C CE   . MET A 1 51 ? 3.929   -4.865  -11.348 1.00 1.88  ? 332 MET A CE   1 
ATOM 807  H H    . MET A 1 51 ? 2.202   -4.524  -13.600 1.00 1.33  ? 332 MET A H    1 
ATOM 808  H HA   . MET A 1 51 ? 2.102   -7.083  -12.372 1.00 1.93  ? 332 MET A HA   1 
ATOM 809  H HB2  . MET A 1 51 ? 1.293   -4.392  -11.898 1.00 1.65  ? 332 MET A HB2  1 
ATOM 810  H HB3  . MET A 1 51 ? -0.097  -5.423  -11.570 1.00 1.79  ? 332 MET A HB3  1 
ATOM 811  H HG2  . MET A 1 51 ? 0.846   -5.846  -9.564  1.00 2.24  ? 332 MET A HG2  1 
ATOM 812  H HG3  . MET A 1 51 ? 2.028   -6.816  -10.442 1.00 2.72  ? 332 MET A HG3  1 
ATOM 813  H HE1  . MET A 1 51 ? 4.966   -4.943  -11.059 1.00 2.24  ? 332 MET A HE1  1 
ATOM 814  H HE2  . MET A 1 51 ? 3.802   -4.012  -11.996 1.00 2.21  ? 332 MET A HE2  1 
ATOM 815  H HE3  . MET A 1 51 ? 3.626   -5.761  -11.872 1.00 2.17  ? 332 MET A HE3  1 
ATOM 816  N N    . ALA A 1 52 ? -0.205  -6.573  -14.568 1.00 1.29  ? 333 ALA A N    1 
ATOM 817  C CA   . ALA A 1 52 ? -1.392  -7.160  -15.283 1.00 1.32  ? 333 ALA A CA   1 
ATOM 818  C C    . ALA A 1 52 ? -1.714  -8.576  -14.794 1.00 1.29  ? 333 ALA A C    1 
ATOM 819  O O    . ALA A 1 52 ? -2.844  -8.889  -14.473 1.00 1.38  ? 333 ALA A O    1 
ATOM 820  C CB   . ALA A 1 52 ? -0.983  -7.192  -16.755 1.00 1.19  ? 333 ALA A CB   1 
ATOM 821  H H    . ALA A 1 52 ? 0.267   -5.817  -14.973 1.00 1.18  ? 333 ALA A H    1 
ATOM 822  H HA   . ALA A 1 52 ? -2.252  -6.522  -15.162 1.00 1.72  ? 333 ALA A HA   1 
ATOM 823  H HB1  . ALA A 1 52 ? -1.858  -7.346  -17.369 1.00 1.56  ? 333 ALA A HB1  1 
ATOM 824  H HB2  . ALA A 1 52 ? -0.284  -7.999  -16.917 1.00 1.59  ? 333 ALA A HB2  1 
ATOM 825  H HB3  . ALA A 1 52 ? -0.517  -6.254  -17.020 1.00 1.54  ? 333 ALA A HB3  1 
ATOM 826  N N    . ALA A 1 53 ? -0.733  -9.433  -14.729 1.00 1.74  ? 334 ALA A N    1 
ATOM 827  C CA   . ALA A 1 53 ? -0.991  -10.823 -14.256 1.00 2.31  ? 334 ALA A CA   1 
ATOM 828  C C    . ALA A 1 53 ? 0.183   -11.314 -13.403 1.00 1.95  ? 334 ALA A C    1 
ATOM 829  O O    . ALA A 1 53 ? 0.822   -12.297 -13.717 1.00 2.26  ? 334 ALA A O    1 
ATOM 830  C CB   . ALA A 1 53 ? -1.118  -11.661 -15.528 1.00 2.93  ? 334 ALA A CB   1 
ATOM 831  H H    . ALA A 1 53 ? 0.172   -9.161  -14.989 1.00 1.93  ? 334 ALA A H    1 
ATOM 832  H HA   . ALA A 1 53 ? -1.910  -10.865 -13.693 1.00 2.75  ? 334 ALA A HA   1 
ATOM 833  H HB1  . ALA A 1 53 ? -0.273  -11.469 -16.173 1.00 3.29  ? 334 ALA A HB1  1 
ATOM 834  H HB2  . ALA A 1 53 ? -2.031  -11.397 -16.043 1.00 3.16  ? 334 ALA A HB2  1 
ATOM 835  H HB3  . ALA A 1 53 ? -1.142  -12.709 -15.269 1.00 3.26  ? 334 ALA A HB3  1 
ATOM 836  N N    . THR A 1 54 ? 0.472   -10.632 -12.328 1.00 1.43  ? 335 THR A N    1 
ATOM 837  C CA   . THR A 1 54 ? 1.608   -11.058 -11.461 1.00 1.16  ? 335 THR A CA   1 
ATOM 838  C C    . THR A 1 54 ? 1.099   -11.417 -10.056 1.00 1.04  ? 335 THR A C    1 
ATOM 839  O O    . THR A 1 54 ? 0.373   -10.664 -9.438  1.00 1.08  ? 335 THR A O    1 
ATOM 840  C CB   . THR A 1 54 ? 2.561   -9.845  -11.443 1.00 0.82  ? 335 THR A CB   1 
ATOM 841  O OG1  . THR A 1 54 ? 3.883   -10.286 -11.714 1.00 1.12  ? 335 THR A OG1  1 
ATOM 842  C CG2  . THR A 1 54 ? 2.536   -9.137  -10.080 1.00 0.68  ? 335 THR A CG2  1 
ATOM 843  H H    . THR A 1 54 ? -0.054  -9.839  -12.093 1.00 1.39  ? 335 THR A H    1 
ATOM 844  H HA   . THR A 1 54 ? 2.109   -11.906 -11.900 1.00 1.46  ? 335 THR A HA   1 
ATOM 845  H HB   . THR A 1 54 ? 2.258   -9.146  -12.207 1.00 0.78  ? 335 THR A HB   1 
ATOM 846  H HG1  . THR A 1 54 ? 4.362   -9.559  -12.118 1.00 1.40  ? 335 THR A HG1  1 
ATOM 847  H HG21 . THR A 1 54 ? 1.523   -8.847  -9.842  1.00 1.22  ? 335 THR A HG21 1 
ATOM 848  H HG22 . THR A 1 54 ? 3.161   -8.257  -10.119 1.00 1.22  ? 335 THR A HG22 1 
ATOM 849  H HG23 . THR A 1 54 ? 2.907   -9.808  -9.319  1.00 1.19  ? 335 THR A HG23 1 
ATOM 850  N N    . SER A 1 55 ? 1.484   -12.556 -9.547  1.00 1.02  ? 336 SER A N    1 
ATOM 851  C CA   . SER A 1 55 ? 1.032   -12.955 -8.183  1.00 0.93  ? 336 SER A CA   1 
ATOM 852  C C    . SER A 1 55 ? 1.793   -12.146 -7.131  1.00 0.88  ? 336 SER A C    1 
ATOM 853  O O    . SER A 1 55 ? 2.982   -12.314 -6.946  1.00 0.87  ? 336 SER A O    1 
ATOM 854  C CB   . SER A 1 55 ? 1.372   -14.440 -8.071  1.00 0.92  ? 336 SER A CB   1 
ATOM 855  O OG   . SER A 1 55 ? 0.220   -15.155 -7.646  1.00 1.32  ? 336 SER A OG   1 
ATOM 856  H H    . SER A 1 55 ? 2.075   -13.146 -10.060 1.00 1.12  ? 336 SER A H    1 
ATOM 857  H HA   . SER A 1 55 ? -0.032  -12.809 -8.079  1.00 0.95  ? 336 SER A HA   1 
ATOM 858  H HB2  . SER A 1 55 ? 1.687   -14.813 -9.033  1.00 1.30  ? 336 SER A HB2  1 
ATOM 859  H HB3  . SER A 1 55 ? 2.175   -14.571 -7.357  1.00 1.37  ? 336 SER A HB3  1 
ATOM 860  H HG   . SER A 1 55 ? -0.370  -15.240 -8.398  1.00 1.67  ? 336 SER A HG   1 
ATOM 861  N N    . PHE A 1 56 ? 1.123   -11.261 -6.446  1.00 0.87  ? 337 PHE A N    1 
ATOM 862  C CA   . PHE A 1 56 ? 1.828   -10.437 -5.418  1.00 0.85  ? 337 PHE A CA   1 
ATOM 863  C C    . PHE A 1 56 ? 1.113   -10.471 -4.066  1.00 0.88  ? 337 PHE A C    1 
ATOM 864  O O    . PHE A 1 56 ? -0.005  -10.930 -3.944  1.00 0.98  ? 337 PHE A O    1 
ATOM 865  C CB   . PHE A 1 56 ? 1.865   -9.016  -5.993  1.00 0.80  ? 337 PHE A CB   1 
ATOM 866  C CG   . PHE A 1 56 ? 0.585   -8.250  -5.703  1.00 0.83  ? 337 PHE A CG   1 
ATOM 867  C CD1  . PHE A 1 56 ? -0.643  -8.914  -5.560  1.00 1.65  ? 337 PHE A CD1  1 
ATOM 868  C CD2  . PHE A 1 56 ? 0.636   -6.854  -5.589  1.00 1.28  ? 337 PHE A CD2  1 
ATOM 869  C CE1  . PHE A 1 56 ? -1.810  -8.183  -5.305  1.00 1.74  ? 337 PHE A CE1  1 
ATOM 870  C CE2  . PHE A 1 56 ? -0.531  -6.126  -5.332  1.00 1.25  ? 337 PHE A CE2  1 
ATOM 871  C CZ   . PHE A 1 56 ? -1.753  -6.790  -5.190  1.00 0.95  ? 337 PHE A CZ   1 
ATOM 872  H H    . PHE A 1 56 ? 0.169   -11.134 -6.616  1.00 0.90  ? 337 PHE A H    1 
ATOM 873  H HA   . PHE A 1 56 ? 2.839   -10.795 -5.301  1.00 0.85  ? 337 PHE A HA   1 
ATOM 874  H HB2  . PHE A 1 56 ? 2.693   -8.486  -5.550  1.00 0.83  ? 337 PHE A HB2  1 
ATOM 875  H HB3  . PHE A 1 56 ? 2.012   -9.071  -7.062  1.00 0.76  ? 337 PHE A HB3  1 
ATOM 876  H HD1  . PHE A 1 56 ? -0.694  -9.983  -5.645  1.00 2.47  ? 337 PHE A HD1  1 
ATOM 877  H HD2  . PHE A 1 56 ? 1.579   -6.339  -5.698  1.00 2.11  ? 337 PHE A HD2  1 
ATOM 878  H HE1  . PHE A 1 56 ? -2.754  -8.695  -5.196  1.00 2.63  ? 337 PHE A HE1  1 
ATOM 879  H HE2  . PHE A 1 56 ? -0.488  -5.051  -5.244  1.00 2.02  ? 337 PHE A HE2  1 
ATOM 880  H HZ   . PHE A 1 56 ? -2.654  -6.228  -4.994  1.00 1.01  ? 337 PHE A HZ   1 
ATOM 881  N N    . VAL A 1 57 ? 1.768   -9.990  -3.043  1.00 0.82  ? 338 VAL A N    1 
ATOM 882  C CA   . VAL A 1 57 ? 1.151   -9.988  -1.687  1.00 0.87  ? 338 VAL A CA   1 
ATOM 883  C C    . VAL A 1 57 ? 1.693   -8.814  -0.866  1.00 0.63  ? 338 VAL A C    1 
ATOM 884  O O    . VAL A 1 57 ? 2.786   -8.337  -1.094  1.00 0.58  ? 338 VAL A O    1 
ATOM 885  C CB   . VAL A 1 57 ? 1.573   -11.320 -1.063  1.00 1.09  ? 338 VAL A CB   1 
ATOM 886  C CG1  . VAL A 1 57 ? 1.370   -12.447 -2.077  1.00 1.26  ? 338 VAL A CG1  1 
ATOM 887  C CG2  . VAL A 1 57 ? 3.052   -11.253 -0.669  1.00 1.16  ? 338 VAL A CG2  1 
ATOM 888  H H    . VAL A 1 57 ? 2.671   -9.632  -3.168  1.00 0.76  ? 338 VAL A H    1 
ATOM 889  H HA   . VAL A 1 57 ? 0.077   -9.938  -1.760  1.00 1.05  ? 338 VAL A HA   1 
ATOM 890  H HB   . VAL A 1 57 ? 0.973   -11.512 -0.186  1.00 1.25  ? 338 VAL A HB   1 
ATOM 891  H HG11 . VAL A 1 57 ? 1.574   -13.396 -1.605  1.00 1.64  ? 338 VAL A HG11 1 
ATOM 892  H HG12 . VAL A 1 57 ? 2.044   -12.308 -2.909  1.00 1.61  ? 338 VAL A HG12 1 
ATOM 893  H HG13 . VAL A 1 57 ? 0.351   -12.432 -2.432  1.00 1.69  ? 338 VAL A HG13 1 
ATOM 894  H HG21 . VAL A 1 57 ? 3.219   -10.391 -0.040  1.00 1.71  ? 338 VAL A HG21 1 
ATOM 895  H HG22 . VAL A 1 57 ? 3.658   -11.171 -1.559  1.00 1.39  ? 338 VAL A HG22 1 
ATOM 896  H HG23 . VAL A 1 57 ? 3.322   -12.149 -0.130  1.00 1.52  ? 338 VAL A HG23 1 
ATOM 897  N N    . LEU A 1 58 ? 0.939   -8.349  0.092   1.00 0.68  ? 339 LEU A N    1 
ATOM 898  C CA   . LEU A 1 58 ? 1.415   -7.211  0.929   1.00 0.61  ? 339 LEU A CA   1 
ATOM 899  C C    . LEU A 1 58 ? 1.399   -7.613  2.405   1.00 0.51  ? 339 LEU A C    1 
ATOM 900  O O    . LEU A 1 58 ? 0.421   -8.134  2.904   1.00 0.54  ? 339 LEU A O    1 
ATOM 901  C CB   . LEU A 1 58 ? 0.424   -6.077  0.660   1.00 0.90  ? 339 LEU A CB   1 
ATOM 902  C CG   . LEU A 1 58 ? 0.521   -5.025  1.769   1.00 0.93  ? 339 LEU A CG   1 
ATOM 903  C CD1  . LEU A 1 58 ? 1.991   -4.728  2.074   1.00 1.23  ? 339 LEU A CD1  1 
ATOM 904  C CD2  . LEU A 1 58 ? -0.170  -3.740  1.308   1.00 1.85  ? 339 LEU A CD2  1 
ATOM 905  H H    . LEU A 1 58 ? 0.062   -8.750  0.263   1.00 0.89  ? 339 LEU A H    1 
ATOM 906  H HA   . LEU A 1 58 ? 2.408   -6.914  0.630   1.00 0.63  ? 339 LEU A HA   1 
ATOM 907  H HB2  . LEU A 1 58 ? 0.653   -5.619  -0.291  1.00 1.31  ? 339 LEU A HB2  1 
ATOM 908  H HB3  . LEU A 1 58 ? -0.579  -6.476  0.633   1.00 1.16  ? 339 LEU A HB3  1 
ATOM 909  H HG   . LEU A 1 58 ? 0.036   -5.397  2.660   1.00 1.61  ? 339 LEU A HG   1 
ATOM 910  H HD11 . LEU A 1 58 ? 2.246   -5.132  3.043   1.00 1.78  ? 339 LEU A HD11 1 
ATOM 911  H HD12 . LEU A 1 58 ? 2.149   -3.660  2.077   1.00 1.72  ? 339 LEU A HD12 1 
ATOM 912  H HD13 . LEU A 1 58 ? 2.615   -5.182  1.319   1.00 1.80  ? 339 LEU A HD13 1 
ATOM 913  H HD21 . LEU A 1 58 ? 0.441   -3.249  0.565   1.00 2.17  ? 339 LEU A HD21 1 
ATOM 914  H HD22 . LEU A 1 58 ? -0.306  -3.081  2.153   1.00 2.52  ? 339 LEU A HD22 1 
ATOM 915  H HD23 . LEU A 1 58 ? -1.133  -3.982  0.882   1.00 2.35  ? 339 LEU A HD23 1 
ATOM 916  N N    . MET A 1 59 ? 2.474   -7.384  3.108   1.00 0.50  ? 340 MET A N    1 
ATOM 917  C CA   . MET A 1 59 ? 2.512   -7.765  4.548   1.00 0.52  ? 340 MET A CA   1 
ATOM 918  C C    . MET A 1 59 ? 3.390   -6.792  5.339   1.00 0.53  ? 340 MET A C    1 
ATOM 919  O O    . MET A 1 59 ? 4.256   -6.135  4.796   1.00 0.54  ? 340 MET A O    1 
ATOM 920  C CB   . MET A 1 59 ? 3.124   -9.169  4.562   1.00 0.61  ? 340 MET A CB   1 
ATOM 921  C CG   . MET A 1 59 ? 3.587   -9.521  5.979   1.00 1.33  ? 340 MET A CG   1 
ATOM 922  S SD   . MET A 1 59 ? 4.591   -11.026 5.928   1.00 1.37  ? 340 MET A SD   1 
ATOM 923  C CE   . MET A 1 59 ? 3.261   -12.172 5.495   1.00 2.13  ? 340 MET A CE   1 
ATOM 924  H H    . MET A 1 59 ? 3.256   -6.968  2.688   1.00 0.54  ? 340 MET A H    1 
ATOM 925  H HA   . MET A 1 59 ? 1.516   -7.795  4.958   1.00 0.55  ? 340 MET A HA   1 
ATOM 926  H HB2  . MET A 1 59 ? 2.382   -9.886  4.238   1.00 1.24  ? 340 MET A HB2  1 
ATOM 927  H HB3  . MET A 1 59 ? 3.969   -9.199  3.891   1.00 1.16  ? 340 MET A HB3  1 
ATOM 928  H HG2  . MET A 1 59 ? 4.177   -8.711  6.379   1.00 1.98  ? 340 MET A HG2  1 
ATOM 929  H HG3  . MET A 1 59 ? 2.725   -9.685  6.609   1.00 2.03  ? 340 MET A HG3  1 
ATOM 930  H HE1  . MET A 1 59 ? 3.599   -13.189 5.646   1.00 2.50  ? 340 MET A HE1  1 
ATOM 931  H HE2  . MET A 1 59 ? 2.988   -12.037 4.461   1.00 2.68  ? 340 MET A HE2  1 
ATOM 932  H HE3  . MET A 1 59 ? 2.401   -11.976 6.120   1.00 2.59  ? 340 MET A HE3  1 
ATOM 933  N N    . THR A 1 60 ? 3.179   -6.710  6.623   1.00 0.57  ? 341 THR A N    1 
ATOM 934  C CA   . THR A 1 60 ? 4.007   -5.797  7.461   1.00 0.62  ? 341 THR A CA   1 
ATOM 935  C C    . THR A 1 60 ? 5.105   -6.606  8.160   1.00 0.65  ? 341 THR A C    1 
ATOM 936  O O    . THR A 1 60 ? 4.966   -7.793  8.379   1.00 0.67  ? 341 THR A O    1 
ATOM 937  C CB   . THR A 1 60 ? 3.038   -5.180  8.475   1.00 0.65  ? 341 THR A CB   1 
ATOM 938  O OG1  . THR A 1 60 ? 3.746   -4.278  9.313   1.00 0.62  ? 341 THR A OG1  1 
ATOM 939  C CG2  . THR A 1 60 ? 2.401   -6.276  9.330   1.00 0.77  ? 341 THR A CG2  1 
ATOM 940  H H    . THR A 1 60 ? 2.484   -7.261  7.036   1.00 0.58  ? 341 THR A H    1 
ATOM 941  H HA   . THR A 1 60 ? 4.443   -5.023  6.850   1.00 0.65  ? 341 THR A HA   1 
ATOM 942  H HB   . THR A 1 60 ? 2.261   -4.646  7.948   1.00 0.69  ? 341 THR A HB   1 
ATOM 943  H HG1  . THR A 1 60 ? 3.914   -3.477  8.811   1.00 0.72  ? 341 THR A HG1  1 
ATOM 944  H HG21 . THR A 1 60 ? 1.729   -5.825  10.044  1.00 1.34  ? 341 THR A HG21 1 
ATOM 945  H HG22 . THR A 1 60 ? 3.175   -6.817  9.855   1.00 1.28  ? 341 THR A HG22 1 
ATOM 946  H HG23 . THR A 1 60 ? 1.851   -6.955  8.700   1.00 1.24  ? 341 THR A HG23 1 
ATOM 947  N N    . THR A 1 61 ? 6.205   -5.985  8.484   1.00 0.72  ? 342 THR A N    1 
ATOM 948  C CA   . THR A 1 61 ? 7.320   -6.737  9.134   1.00 0.80  ? 342 THR A CA   1 
ATOM 949  C C    . THR A 1 61 ? 7.291   -6.601  10.661  1.00 0.74  ? 342 THR A C    1 
ATOM 950  O O    . THR A 1 61 ? 7.406   -7.577  11.375  1.00 0.97  ? 342 THR A O    1 
ATOM 951  C CB   . THR A 1 61 ? 8.593   -6.106  8.571   1.00 0.99  ? 342 THR A CB   1 
ATOM 952  O OG1  . THR A 1 61 ? 8.403   -4.705  8.431   1.00 1.59  ? 342 THR A OG1  1 
ATOM 953  C CG2  . THR A 1 61 ? 8.909   -6.719  7.205   1.00 1.30  ? 342 THR A CG2  1 
ATOM 954  H H    . THR A 1 61 ? 6.311   -5.031  8.281   1.00 0.74  ? 342 THR A H    1 
ATOM 955  H HA   . THR A 1 61 ? 7.279   -7.777  8.853   1.00 0.89  ? 342 THR A HA   1 
ATOM 956  H HB   . THR A 1 61 ? 9.416   -6.293  9.243   1.00 1.10  ? 342 THR A HB   1 
ATOM 957  H HG1  . THR A 1 61 ? 9.248   -4.312  8.197   1.00 1.91  ? 342 THR A HG1  1 
ATOM 958  H HG21 . THR A 1 61 ? 8.051   -7.272  6.852   1.00 1.75  ? 342 THR A HG21 1 
ATOM 959  H HG22 . THR A 1 61 ? 9.754   -7.385  7.297   1.00 1.83  ? 342 THR A HG22 1 
ATOM 960  H HG23 . THR A 1 61 ? 9.145   -5.933  6.503   1.00 1.70  ? 342 THR A HG23 1 
ATOM 961  N N    . PHE A 1 62 ? 7.165   -5.407  11.173  1.00 0.82  ? 343 PHE A N    1 
ATOM 962  C CA   . PHE A 1 62 ? 7.165   -5.235  12.656  1.00 0.84  ? 343 PHE A CA   1 
ATOM 963  C C    . PHE A 1 62 ? 6.326   -6.330  13.338  1.00 0.83  ? 343 PHE A C    1 
ATOM 964  O O    . PHE A 1 62 ? 6.876   -7.191  13.996  1.00 0.91  ? 343 PHE A O    1 
ATOM 965  C CB   . PHE A 1 62 ? 6.586   -3.844  12.913  1.00 0.93  ? 343 PHE A CB   1 
ATOM 966  C CG   . PHE A 1 62 ? 7.704   -2.892  13.260  1.00 1.10  ? 343 PHE A CG   1 
ATOM 967  C CD1  . PHE A 1 62 ? 8.475   -2.314  12.245  1.00 1.46  ? 343 PHE A CD1  1 
ATOM 968  C CD2  . PHE A 1 62 ? 7.971   -2.587  14.601  1.00 1.85  ? 343 PHE A CD2  1 
ATOM 969  C CE1  . PHE A 1 62 ? 9.512   -1.431  12.570  1.00 1.54  ? 343 PHE A CE1  1 
ATOM 970  C CE2  . PHE A 1 62 ? 9.008   -1.705  14.925  1.00 2.10  ? 343 PHE A CE2  1 
ATOM 971  C CZ   . PHE A 1 62 ? 9.779   -1.127  13.910  1.00 1.57  ? 343 PHE A CZ   1 
ATOM 972  H H    . PHE A 1 62 ? 7.093   -4.625  10.586  1.00 1.09  ? 343 PHE A H    1 
ATOM 973  H HA   . PHE A 1 62 ? 8.177   -5.274  13.026  1.00 0.91  ? 343 PHE A HA   1 
ATOM 974  H HB2  . PHE A 1 62 ? 6.075   -3.496  12.028  1.00 0.97  ? 343 PHE A HB2  1 
ATOM 975  H HB3  . PHE A 1 62 ? 5.890   -3.890  13.738  1.00 0.94  ? 343 PHE A HB3  1 
ATOM 976  H HD1  . PHE A 1 62 ? 8.270   -2.548  11.211  1.00 2.12  ? 343 PHE A HD1  1 
ATOM 977  H HD2  . PHE A 1 62 ? 7.377   -3.033  15.385  1.00 2.51  ? 343 PHE A HD2  1 
ATOM 978  H HE1  . PHE A 1 62 ? 10.107  -0.985  11.786  1.00 2.11  ? 343 PHE A HE1  1 
ATOM 979  H HE2  . PHE A 1 62 ? 9.214   -1.471  15.960  1.00 2.93  ? 343 PHE A HE2  1 
ATOM 980  H HZ   . PHE A 1 62 ? 10.580  -0.447  14.160  1.00 1.78  ? 343 PHE A HZ   1 
ATOM 981  N N    . PRO A 1 63 ? 5.025   -6.278  13.171  1.00 0.83  ? 344 PRO A N    1 
ATOM 982  C CA   . PRO A 1 63 ? 4.155   -7.301  13.801  1.00 0.91  ? 344 PRO A CA   1 
ATOM 983  C C    . PRO A 1 63 ? 4.220   -8.616  13.016  1.00 0.89  ? 344 PRO A C    1 
ATOM 984  O O    . PRO A 1 63 ? 3.779   -9.648  13.481  1.00 0.95  ? 344 PRO A O    1 
ATOM 985  C CB   . PRO A 1 63 ? 2.760   -6.696  13.706  1.00 1.00  ? 344 PRO A CB   1 
ATOM 986  C CG   . PRO A 1 63 ? 2.820   -5.762  12.541  1.00 0.95  ? 344 PRO A CG   1 
ATOM 987  C CD   . PRO A 1 63 ? 4.247   -5.293  12.406  1.00 0.86  ? 344 PRO A CD   1 
ATOM 988  H HA   . PRO A 1 63 ? 4.425   -7.454  14.834  1.00 1.00  ? 344 PRO A HA   1 
ATOM 989  H HB2  . PRO A 1 63 ? 2.027   -7.473  13.531  1.00 1.07  ? 344 PRO A HB2  1 
ATOM 990  H HB3  . PRO A 1 63 ? 2.524   -6.150  14.605  1.00 1.09  ? 344 PRO A HB3  1 
ATOM 991  H HG2  . PRO A 1 63 ? 2.515   -6.280  11.645  1.00 1.00  ? 344 PRO A HG2  1 
ATOM 992  H HG3  . PRO A 1 63 ? 2.174   -4.915  12.715  1.00 1.03  ? 344 PRO A HG3  1 
ATOM 993  H HD2  . PRO A 1 63 ? 4.547   -5.290  11.367  1.00 0.92  ? 344 PRO A HD2  1 
ATOM 994  H HD3  . PRO A 1 63 ? 4.354   -4.313  12.838  1.00 0.89  ? 344 PRO A HD3  1 
ATOM 995  N N    . ASN A 1 64 ? 4.754   -8.585  11.824  1.00 0.85  ? 345 ASN A N    1 
ATOM 996  C CA   . ASN A 1 64 ? 4.828   -9.833  11.012  1.00 0.89  ? 345 ASN A CA   1 
ATOM 997  C C    . ASN A 1 64 ? 3.417   -10.373 10.772  1.00 0.85  ? 345 ASN A C    1 
ATOM 998  O O    . ASN A 1 64 ? 3.128   -11.524 11.033  1.00 0.97  ? 345 ASN A O    1 
ATOM 999  C CB   . ASN A 1 64 ? 5.640   -10.813 11.858  1.00 1.07  ? 345 ASN A CB   1 
ATOM 1000 C CG   . ASN A 1 64 ? 6.540   -11.651 10.948  1.00 1.49  ? 345 ASN A CG   1 
ATOM 1001 O OD1  . ASN A 1 64 ? 7.727   -11.758 11.180  1.00 2.30  ? 345 ASN A OD1  1 
ATOM 1002 N ND2  . ASN A 1 64 ? 6.021   -12.255 9.915   1.00 1.77  ? 345 ASN A ND2  1 
ATOM 1003 H H    . ASN A 1 64 ? 5.096   -7.741  11.461  1.00 0.83  ? 345 ASN A H    1 
ATOM 1004 H HA   . ASN A 1 64 ? 5.328   -9.646  10.075  1.00 0.89  ? 345 ASN A HA   1 
ATOM 1005 H HB2  . ASN A 1 64 ? 6.249   -10.262 12.561  1.00 1.54  ? 345 ASN A HB2  1 
ATOM 1006 H HB3  . ASN A 1 64 ? 4.969   -11.465 12.396  1.00 1.18  ? 345 ASN A HB3  1 
ATOM 1007 H HD21 . ASN A 1 64 ? 5.062   -12.169 9.727   1.00 1.87  ? 345 ASN A HD21 1 
ATOM 1008 H HD22 . ASN A 1 64 ? 6.589   -12.794 9.325   1.00 2.34  ? 345 ASN A HD22 1 
ATOM 1009 N N    . LYS A 1 65 ? 2.532   -9.544  10.290  1.00 0.72  ? 346 LYS A N    1 
ATOM 1010 C CA   . LYS A 1 65 ? 1.135   -10.004 10.048  1.00 0.72  ? 346 LYS A CA   1 
ATOM 1011 C C    . LYS A 1 65 ? 0.716   -9.719  8.602   1.00 0.66  ? 346 LYS A C    1 
ATOM 1012 O O    . LYS A 1 65 ? 1.212   -8.812  7.964   1.00 0.69  ? 346 LYS A O    1 
ATOM 1013 C CB   . LYS A 1 65 ? 0.287   -9.187  11.030  1.00 0.82  ? 346 LYS A CB   1 
ATOM 1014 C CG   . LYS A 1 65 ? -1.176  -9.181  10.579  1.00 1.37  ? 346 LYS A CG   1 
ATOM 1015 C CD   . LYS A 1 65 ? -2.061  -8.698  11.731  1.00 2.45  ? 346 LYS A CD   1 
ATOM 1016 C CE   . LYS A 1 65 ? -2.679  -9.904  12.441  1.00 3.29  ? 346 LYS A CE   1 
ATOM 1017 N NZ   . LYS A 1 65 ? -3.313  -9.345  13.667  1.00 4.28  ? 346 LYS A NZ   1 
ATOM 1018 H H    . LYS A 1 65 ? 2.784   -8.618  10.095  1.00 0.69  ? 346 LYS A H    1 
ATOM 1019 H HA   . LYS A 1 65 ? 1.041   -11.055 10.268  1.00 0.81  ? 346 LYS A HA   1 
ATOM 1020 H HB2  . LYS A 1 65 ? 0.357   -9.627  12.015  1.00 0.84  ? 346 LYS A HB2  1 
ATOM 1021 H HB3  . LYS A 1 65 ? 0.656   -8.173  11.063  1.00 1.03  ? 346 LYS A HB3  1 
ATOM 1022 H HG2  . LYS A 1 65 ? -1.290  -8.517  9.733   1.00 1.77  ? 346 LYS A HG2  1 
ATOM 1023 H HG3  . LYS A 1 65 ? -1.470  -10.179 10.296  1.00 1.57  ? 346 LYS A HG3  1 
ATOM 1024 H HD2  . LYS A 1 65 ? -1.461  -8.135  12.431  1.00 2.96  ? 346 LYS A HD2  1 
ATOM 1025 H HD3  . LYS A 1 65 ? -2.847  -8.070  11.342  1.00 2.79  ? 346 LYS A HD3  1 
ATOM 1026 H HE2  . LYS A 1 65 ? -3.421  -10.371 11.809  1.00 3.56  ? 346 LYS A HE2  1 
ATOM 1027 H HE3  . LYS A 1 65 ? -1.913  -10.614 12.713  1.00 3.46  ? 346 LYS A HE3  1 
ATOM 1028 H HZ1  . LYS A 1 65 ? -4.008  -10.022 14.038  1.00 4.80  ? 346 LYS A HZ1  1 
ATOM 1029 H HZ2  . LYS A 1 65 ? -3.790  -8.450  13.433  1.00 4.52  ? 346 LYS A HZ2  1 
ATOM 1030 H HZ3  . LYS A 1 65 ? -2.584  -9.171  14.387  1.00 4.59  ? 346 LYS A HZ3  1 
ATOM 1031 N N    . GLU A 1 66 ? -0.198  -10.493 8.084   1.00 0.67  ? 347 GLU A N    1 
ATOM 1032 C CA   . GLU A 1 66 ? -0.660  -10.276 6.684   1.00 0.71  ? 347 GLU A CA   1 
ATOM 1033 C C    . GLU A 1 66 ? -1.637  -9.095  6.631   1.00 0.79  ? 347 GLU A C    1 
ATOM 1034 O O    . GLU A 1 66 ? -2.571  -9.017  7.402   1.00 0.83  ? 347 GLU A O    1 
ATOM 1035 C CB   . GLU A 1 66 ? -1.360  -11.582 6.304   1.00 0.78  ? 347 GLU A CB   1 
ATOM 1036 C CG   . GLU A 1 66 ? -1.935  -11.470 4.892   1.00 1.42  ? 347 GLU A CG   1 
ATOM 1037 C CD   . GLU A 1 66 ? -2.133  -12.872 4.312   1.00 1.97  ? 347 GLU A CD   1 
ATOM 1038 O OE1  . GLU A 1 66 ? -2.990  -13.582 4.811   1.00 2.54  ? 347 GLU A OE1  1 
ATOM 1039 O OE2  . GLU A 1 66 ? -1.423  -13.212 3.379   1.00 2.55  ? 347 GLU A OE2  1 
ATOM 1040 H H    . GLU A 1 66 ? -0.584  -11.215 8.620   1.00 0.72  ? 347 GLU A H    1 
ATOM 1041 H HA   . GLU A 1 66 ? 0.180   -10.103 6.032   1.00 0.75  ? 347 GLU A HA   1 
ATOM 1042 H HB2  . GLU A 1 66 ? -0.646  -12.393 6.340   1.00 1.17  ? 347 GLU A HB2  1 
ATOM 1043 H HB3  . GLU A 1 66 ? -2.159  -11.778 7.003   1.00 1.44  ? 347 GLU A HB3  1 
ATOM 1044 H HG2  . GLU A 1 66 ? -2.887  -10.957 4.931   1.00 1.99  ? 347 GLU A HG2  1 
ATOM 1045 H HG3  . GLU A 1 66 ? -1.252  -10.916 4.266   1.00 2.05  ? 347 GLU A HG3  1 
ATOM 1046 N N    . LEU A 1 67 ? -1.410  -8.170  5.733   1.00 0.93  ? 348 LEU A N    1 
ATOM 1047 C CA   . LEU A 1 67 ? -2.303  -6.972  5.620   1.00 1.13  ? 348 LEU A CA   1 
ATOM 1048 C C    . LEU A 1 67 ? -3.761  -7.317  5.935   1.00 0.89  ? 348 LEU A C    1 
ATOM 1049 O O    . LEU A 1 67 ? -4.183  -8.452  5.833   1.00 1.62  ? 348 LEU A O    1 
ATOM 1050 C CB   . LEU A 1 67 ? -2.178  -6.522  4.166   1.00 2.19  ? 348 LEU A CB   1 
ATOM 1051 C CG   . LEU A 1 67 ? -3.100  -5.325  3.928   1.00 2.91  ? 348 LEU A CG   1 
ATOM 1052 C CD1  . LEU A 1 67 ? -2.541  -4.467  2.793   1.00 4.03  ? 348 LEU A CD1  1 
ATOM 1053 C CD2  . LEU A 1 67 ? -4.498  -5.823  3.553   1.00 3.49  ? 348 LEU A CD2  1 
ATOM 1054 H H    . LEU A 1 67 ? -0.640  -8.257  5.134   1.00 0.96  ? 348 LEU A H    1 
ATOM 1055 H HA   . LEU A 1 67 ? -1.957  -6.185  6.272   1.00 1.67  ? 348 LEU A HA   1 
ATOM 1056 H HB2  . LEU A 1 67 ? -1.155  -6.240  3.960   1.00 2.61  ? 348 LEU A HB2  1 
ATOM 1057 H HB3  . LEU A 1 67 ? -2.468  -7.332  3.513   1.00 2.66  ? 348 LEU A HB3  1 
ATOM 1058 H HG   . LEU A 1 67 ? -3.157  -4.732  4.830   1.00 2.88  ? 348 LEU A HG   1 
ATOM 1059 H HD11 . LEU A 1 67 ? -1.622  -4.003  3.114   1.00 4.42  ? 348 LEU A HD11 1 
ATOM 1060 H HD12 . LEU A 1 67 ? -3.260  -3.703  2.532   1.00 4.31  ? 348 LEU A HD12 1 
ATOM 1061 H HD13 . LEU A 1 67 ? -2.351  -5.090  1.931   1.00 4.52  ? 348 LEU A HD13 1 
ATOM 1062 H HD21 . LEU A 1 67 ? -4.505  -6.902  3.538   1.00 3.81  ? 348 LEU A HD21 1 
ATOM 1063 H HD22 . LEU A 1 67 ? -4.763  -5.447  2.576   1.00 3.54  ? 348 LEU A HD22 1 
ATOM 1064 H HD23 . LEU A 1 67 ? -5.213  -5.469  4.282   1.00 4.01  ? 348 LEU A HD23 1 
ATOM 1065 N N    . ALA A 1 68 ? -4.533  -6.332  6.309   1.00 1.10  ? 349 ALA A N    1 
ATOM 1066 C CA   . ALA A 1 68 ? -5.969  -6.576  6.630   1.00 1.83  ? 349 ALA A CA   1 
ATOM 1067 C C    . ALA A 1 68 ? -6.714  -5.242  6.731   1.00 1.60  ? 349 ALA A C    1 
ATOM 1068 O O    . ALA A 1 68 ? -6.575  -4.515  7.695   1.00 2.46  ? 349 ALA A O    1 
ATOM 1069 C CB   . ALA A 1 68 ? -5.958  -7.287  7.982   1.00 2.68  ? 349 ALA A CB   1 
ATOM 1070 H H    . ALA A 1 68 ? -4.167  -5.424  6.377   1.00 1.42  ? 349 ALA A H    1 
ATOM 1071 H HA   . ALA A 1 68 ? -6.421  -7.207  5.882   1.00 2.46  ? 349 ALA A HA   1 
ATOM 1072 H HB1  . ALA A 1 68 ? -6.210  -8.327  7.843   1.00 3.33  ? 349 ALA A HB1  1 
ATOM 1073 H HB2  . ALA A 1 68 ? -6.680  -6.824  8.638   1.00 3.09  ? 349 ALA A HB2  1 
ATOM 1074 H HB3  . ALA A 1 68 ? -4.974  -7.211  8.420   1.00 2.80  ? 349 ALA A HB3  1 
ATOM 1075 N N    . ASP A 1 69 ? -7.498  -4.908  5.742   1.00 1.01  ? 350 ASP A N    1 
ATOM 1076 C CA   . ASP A 1 69 ? -8.241  -3.615  5.787   1.00 1.10  ? 350 ASP A CA   1 
ATOM 1077 C C    . ASP A 1 69 ? -9.747  -3.859  5.903   1.00 0.93  ? 350 ASP A C    1 
ATOM 1078 O O    . ASP A 1 69 ? -10.189 -4.857  6.437   1.00 1.21  ? 350 ASP A O    1 
ATOM 1079 C CB   . ASP A 1 69 ? -7.917  -2.929  4.462   1.00 1.78  ? 350 ASP A CB   1 
ATOM 1080 C CG   . ASP A 1 69 ? -7.951  -1.414  4.655   1.00 2.54  ? 350 ASP A CG   1 
ATOM 1081 O OD1  . ASP A 1 69 ? -7.139  -0.915  5.418   1.00 3.10  ? 350 ASP A OD1  1 
ATOM 1082 O OD2  . ASP A 1 69 ? -8.789  -0.776  4.038   1.00 3.10  ? 350 ASP A OD2  1 
ATOM 1083 H H    . ASP A 1 69 ? -7.593  -5.504  4.969   1.00 1.32  ? 350 ASP A H    1 
ATOM 1084 H HA   . ASP A 1 69 ? -7.892  -3.009  6.608   1.00 1.49  ? 350 ASP A HA   1 
ATOM 1085 H HB2  . ASP A 1 69 ? -6.933  -3.229  4.130   1.00 1.99  ? 350 ASP A HB2  1 
ATOM 1086 H HB3  . ASP A 1 69 ? -8.650  -3.212  3.721   1.00 2.14  ? 350 ASP A HB3  1 
ATOM 1087 N N    . GLU A 1 70 ? -10.537 -2.945  5.407   1.00 0.89  ? 351 GLU A N    1 
ATOM 1088 C CA   . GLU A 1 70 ? -12.016 -3.107  5.484   1.00 1.28  ? 351 GLU A CA   1 
ATOM 1089 C C    . GLU A 1 70 ? -12.695 -2.177  4.472   1.00 1.20  ? 351 GLU A C    1 
ATOM 1090 O O    . GLU A 1 70 ? -13.244 -2.615  3.481   1.00 1.76  ? 351 GLU A O    1 
ATOM 1091 C CB   . GLU A 1 70 ? -12.379 -2.712  6.918   1.00 1.69  ? 351 GLU A CB   1 
ATOM 1092 C CG   . GLU A 1 70 ? -13.865 -2.350  6.997   1.00 2.47  ? 351 GLU A CG   1 
ATOM 1093 C CD   . GLU A 1 70 ? -14.494 -3.035  8.211   1.00 2.81  ? 351 GLU A CD   1 
ATOM 1094 O OE1  . GLU A 1 70 ? -14.104 -2.708  9.320   1.00 3.58  ? 351 GLU A OE1  1 
ATOM 1095 O OE2  . GLU A 1 70 ? -15.355 -3.876  8.011   1.00 2.78  ? 351 GLU A OE2  1 
ATOM 1096 H H    . GLU A 1 70 ? -10.155 -2.148  4.984   1.00 0.91  ? 351 GLU A H    1 
ATOM 1097 H HA   . GLU A 1 70 ? -12.294 -4.133  5.300   1.00 1.57  ? 351 GLU A HA   1 
ATOM 1098 H HB2  . GLU A 1 70 ? -12.176 -3.540  7.580   1.00 2.16  ? 351 GLU A HB2  1 
ATOM 1099 H HB3  . GLU A 1 70 ? -11.788 -1.860  7.216   1.00 1.88  ? 351 GLU A HB3  1 
ATOM 1100 H HG2  . GLU A 1 70 ? -13.969 -1.278  7.093   1.00 2.89  ? 351 GLU A HG2  1 
ATOM 1101 H HG3  . GLU A 1 70 ? -14.365 -2.683  6.099   1.00 3.06  ? 351 GLU A HG3  1 
ATOM 1102 N N    . ASN A 1 71 ? -12.660 -0.894  4.715   1.00 0.93  ? 352 ASN A N    1 
ATOM 1103 C CA   . ASN A 1 71 ? -13.300 0.063   3.768   1.00 0.90  ? 352 ASN A CA   1 
ATOM 1104 C C    . ASN A 1 71 ? -13.266 1.484   4.342   1.00 0.84  ? 352 ASN A C    1 
ATOM 1105 O O    . ASN A 1 71 ? -13.260 2.456   3.614   1.00 1.18  ? 352 ASN A O    1 
ATOM 1106 C CB   . ASN A 1 71 ? -14.743 -0.422  3.625   1.00 1.13  ? 352 ASN A CB   1 
ATOM 1107 C CG   . ASN A 1 71 ? -15.067 -0.630  2.145   1.00 1.50  ? 352 ASN A CG   1 
ATOM 1108 O OD1  . ASN A 1 71 ? -14.176 -0.696  1.320   1.00 2.00  ? 352 ASN A OD1  1 
ATOM 1109 N ND2  . ASN A 1 71 ? -16.312 -0.738  1.770   1.00 2.36  ? 352 ASN A ND2  1 
ATOM 1110 H H    . ASN A 1 71 ? -12.210 -0.561  5.519   1.00 1.18  ? 352 ASN A H    1 
ATOM 1111 H HA   . ASN A 1 71 ? -12.806 0.032   2.810   1.00 0.90  ? 352 ASN A HA   1 
ATOM 1112 H HB2  . ASN A 1 71 ? -14.864 -1.354  4.157   1.00 1.69  ? 352 ASN A HB2  1 
ATOM 1113 H HB3  . ASN A 1 71 ? -15.414 0.317   4.037   1.00 1.64  ? 352 ASN A HB3  1 
ATOM 1114 H HD21 . ASN A 1 71 ? -17.031 -0.685  2.434   1.00 2.72  ? 352 ASN A HD21 1 
ATOM 1115 H HD22 . ASN A 1 71 ? -16.529 -0.872  0.824   1.00 2.97  ? 352 ASN A HD22 1 
ATOM 1116 N N    . GLN A 1 72 ? -13.246 1.613   5.639   1.00 0.88  ? 353 GLN A N    1 
ATOM 1117 C CA   . GLN A 1 72 ? -13.213 2.974   6.249   1.00 0.86  ? 353 GLN A CA   1 
ATOM 1118 C C    . GLN A 1 72 ? -11.766 3.448   6.407   1.00 0.80  ? 353 GLN A C    1 
ATOM 1119 O O    . GLN A 1 72 ? -10.916 3.166   5.587   1.00 1.13  ? 353 GLN A O    1 
ATOM 1120 C CB   . GLN A 1 72 ? -13.878 2.810   7.616   1.00 1.03  ? 353 GLN A CB   1 
ATOM 1121 C CG   . GLN A 1 72 ? -14.653 4.083   7.961   1.00 1.52  ? 353 GLN A CG   1 
ATOM 1122 C CD   . GLN A 1 72 ? -15.751 3.752   8.972   1.00 1.96  ? 353 GLN A CD   1 
ATOM 1123 O OE1  . GLN A 1 72 ? -15.548 3.867   10.165  1.00 2.91  ? 353 GLN A OE1  1 
ATOM 1124 N NE2  . GLN A 1 72 ? -16.914 3.344   8.545   1.00 2.05  ? 353 GLN A NE2  1 
ATOM 1125 H H    . GLN A 1 72 ? -13.252 0.818   6.211   1.00 1.19  ? 353 GLN A H    1 
ATOM 1126 H HA   . GLN A 1 72 ? -13.774 3.670   5.647   1.00 0.92  ? 353 GLN A HA   1 
ATOM 1127 H HB2  . GLN A 1 72 ? -14.557 1.970   7.588   1.00 1.37  ? 353 GLN A HB2  1 
ATOM 1128 H HB3  . GLN A 1 72 ? -13.121 2.638   8.366   1.00 1.14  ? 353 GLN A HB3  1 
ATOM 1129 H HG2  . GLN A 1 72 ? -13.979 4.812   8.385   1.00 2.05  ? 353 GLN A HG2  1 
ATOM 1130 H HG3  . GLN A 1 72 ? -15.102 4.485   7.065   1.00 1.95  ? 353 GLN A HG3  1 
ATOM 1131 H HE21 . GLN A 1 72 ? -17.077 3.251   7.583   1.00 1.99  ? 353 GLN A HE21 1 
ATOM 1132 H HE22 . GLN A 1 72 ? -17.624 3.129   9.185   1.00 2.68  ? 353 GLN A HE22 1 
ATOM 1133 N N    . THR A 1 73 ? -11.480 4.169   7.457   1.00 0.60  ? 354 THR A N    1 
ATOM 1134 C CA   . THR A 1 73 ? -10.089 4.662   7.666   1.00 0.56  ? 354 THR A CA   1 
ATOM 1135 C C    . THR A 1 73 ? -9.099  3.500   7.561   1.00 0.68  ? 354 THR A C    1 
ATOM 1136 O O    . THR A 1 73 ? -9.482  2.348   7.516   1.00 1.44  ? 354 THR A O    1 
ATOM 1137 C CB   . THR A 1 73 ? -10.082 5.250   9.078   1.00 0.58  ? 354 THR A CB   1 
ATOM 1138 O OG1  . THR A 1 73 ? -10.474 4.249   10.008  1.00 0.81  ? 354 THR A OG1  1 
ATOM 1139 C CG2  . THR A 1 73 ? -11.057 6.428   9.151   1.00 0.66  ? 354 THR A CG2  1 
ATOM 1140 H H    . THR A 1 73 ? -12.180 4.387   8.108   1.00 0.72  ? 354 THR A H    1 
ATOM 1141 H HA   . THR A 1 73 ? -9.849  5.429   6.946   1.00 0.57  ? 354 THR A HA   1 
ATOM 1142 H HB   . THR A 1 73 ? -9.089  5.597   9.320   1.00 0.74  ? 354 THR A HB   1 
ATOM 1143 H HG1  . THR A 1 73 ? -10.648 4.677   10.849  1.00 1.12  ? 354 THR A HG1  1 
ATOM 1144 H HG21 . THR A 1 73 ? -12.002 6.140   8.715   1.00 1.00  ? 354 THR A HG21 1 
ATOM 1145 H HG22 . THR A 1 73 ? -10.649 7.266   8.606   1.00 1.27  ? 354 THR A HG22 1 
ATOM 1146 H HG23 . THR A 1 73 ? -11.206 6.708   10.183  1.00 1.25  ? 354 THR A HG23 1 
ATOM 1147 N N    . LEU A 1 74 ? -7.828  3.791   7.519   1.00 0.60  ? 355 LEU A N    1 
ATOM 1148 C CA   . LEU A 1 74 ? -6.817  2.701   7.415   1.00 0.53  ? 355 LEU A CA   1 
ATOM 1149 C C    . LEU A 1 74 ? -6.407  2.240   8.815   1.00 0.56  ? 355 LEU A C    1 
ATOM 1150 O O    . LEU A 1 74 ? -6.148  1.075   9.046   1.00 0.66  ? 355 LEU A O    1 
ATOM 1151 C CB   . LEU A 1 74 ? -5.629  3.326   6.673   1.00 0.52  ? 355 LEU A CB   1 
ATOM 1152 C CG   . LEU A 1 74 ? -4.593  2.254   6.291   1.00 0.57  ? 355 LEU A CG   1 
ATOM 1153 C CD1  . LEU A 1 74 ? -5.278  0.910   6.019   1.00 0.61  ? 355 LEU A CD1  1 
ATOM 1154 C CD2  . LEU A 1 74 ? -3.853  2.702   5.029   1.00 0.71  ? 355 LEU A CD2  1 
ATOM 1155 H H    . LEU A 1 74 ? -7.537  4.727   7.555   1.00 1.17  ? 355 LEU A H    1 
ATOM 1156 H HA   . LEU A 1 74 ? -7.216  1.876   6.847   1.00 0.57  ? 355 LEU A HA   1 
ATOM 1157 H HB2  . LEU A 1 74 ? -5.983  3.811   5.777   1.00 0.61  ? 355 LEU A HB2  1 
ATOM 1158 H HB3  . LEU A 1 74 ? -5.160  4.060   7.311   1.00 0.61  ? 355 LEU A HB3  1 
ATOM 1159 H HG   . LEU A 1 74 ? -3.886  2.138   7.099   1.00 0.68  ? 355 LEU A HG   1 
ATOM 1160 H HD11 . LEU A 1 74 ? -6.115  1.063   5.353   1.00 1.22  ? 355 LEU A HD11 1 
ATOM 1161 H HD12 . LEU A 1 74 ? -5.630  0.491   6.949   1.00 1.16  ? 355 LEU A HD12 1 
ATOM 1162 H HD13 . LEU A 1 74 ? -4.573  0.233   5.561   1.00 1.12  ? 355 LEU A HD13 1 
ATOM 1163 H HD21 . LEU A 1 74 ? -3.680  3.767   5.070   1.00 1.04  ? 355 LEU A HD21 1 
ATOM 1164 H HD22 . LEU A 1 74 ? -4.451  2.468   4.160   1.00 1.29  ? 355 LEU A HD22 1 
ATOM 1165 H HD23 . LEU A 1 74 ? -2.906  2.185   4.963   1.00 1.28  ? 355 LEU A HD23 1 
ATOM 1166 N N    . LYS A 1 75 ? -6.360  3.145   9.752   1.00 0.56  ? 356 LYS A N    1 
ATOM 1167 C CA   . LYS A 1 75 ? -5.981  2.762   11.141  1.00 0.64  ? 356 LYS A CA   1 
ATOM 1168 C C    . LYS A 1 75 ? -7.066  1.867   11.743  1.00 0.68  ? 356 LYS A C    1 
ATOM 1169 O O    . LYS A 1 75 ? -6.810  1.062   12.615  1.00 0.76  ? 356 LYS A O    1 
ATOM 1170 C CB   . LYS A 1 75 ? -5.885  4.082   11.905  1.00 0.69  ? 356 LYS A CB   1 
ATOM 1171 C CG   . LYS A 1 75 ? -7.265  4.740   11.963  1.00 0.76  ? 356 LYS A CG   1 
ATOM 1172 C CD   . LYS A 1 75 ? -7.135  6.149   12.544  1.00 1.06  ? 356 LYS A CD   1 
ATOM 1173 C CE   . LYS A 1 75 ? -6.714  6.058   14.013  1.00 1.71  ? 356 LYS A CE   1 
ATOM 1174 N NZ   . LYS A 1 75 ? -7.040  7.393   14.591  1.00 2.01  ? 356 LYS A NZ   1 
ATOM 1175 H H    . LYS A 1 75 ? -6.582  4.077   9.544   1.00 0.57  ? 356 LYS A H    1 
ATOM 1176 H HA   . LYS A 1 75 ? -5.027  2.259   11.148  1.00 0.67  ? 356 LYS A HA   1 
ATOM 1177 H HB2  . LYS A 1 75 ? -5.533  3.892   12.909  1.00 0.87  ? 356 LYS A HB2  1 
ATOM 1178 H HB3  . LYS A 1 75 ? -5.196  4.742   11.400  1.00 0.68  ? 356 LYS A HB3  1 
ATOM 1179 H HG2  . LYS A 1 75 ? -7.679  4.797   10.966  1.00 1.02  ? 356 LYS A HG2  1 
ATOM 1180 H HG3  . LYS A 1 75 ? -7.918  4.152   12.590  1.00 1.23  ? 356 LYS A HG3  1 
ATOM 1181 H HD2  . LYS A 1 75 ? -6.391  6.700   11.988  1.00 1.66  ? 356 LYS A HD2  1 
ATOM 1182 H HD3  . LYS A 1 75 ? -8.086  6.656   12.475  1.00 1.37  ? 356 LYS A HD3  1 
ATOM 1183 H HE2  . LYS A 1 75 ? -7.274  5.281   14.515  1.00 2.08  ? 356 LYS A HE2  1 
ATOM 1184 H HE3  . LYS A 1 75 ? -5.655  5.871   14.090  1.00 2.37  ? 356 LYS A HE3  1 
ATOM 1185 H HZ1  . LYS A 1 75 ? -7.380  7.275   15.565  1.00 2.29  ? 356 LYS A HZ1  1 
ATOM 1186 H HZ2  . LYS A 1 75 ? -7.780  7.848   14.016  1.00 2.21  ? 356 LYS A HZ2  1 
ATOM 1187 H HZ3  . LYS A 1 75 ? -6.187  7.987   14.592  1.00 2.52  ? 356 LYS A HZ3  1 
ATOM 1188 N N    . GLU A 1 76 ? -8.280  2.004   11.279  1.00 0.65  ? 357 GLU A N    1 
ATOM 1189 C CA   . GLU A 1 76 ? -9.385  1.163   11.819  1.00 0.73  ? 357 GLU A CA   1 
ATOM 1190 C C    . GLU A 1 76 ? -8.988  -0.313  11.777  1.00 0.76  ? 357 GLU A C    1 
ATOM 1191 O O    . GLU A 1 76 ? -9.427  -1.108  12.586  1.00 0.85  ? 357 GLU A O    1 
ATOM 1192 C CB   . GLU A 1 76 ? -10.571 1.425   10.888  1.00 0.71  ? 357 GLU A CB   1 
ATOM 1193 C CG   . GLU A 1 76 ? -11.742 1.989   11.697  1.00 1.20  ? 357 GLU A CG   1 
ATOM 1194 C CD   . GLU A 1 76 ? -12.501 0.843   12.364  1.00 1.56  ? 357 GLU A CD   1 
ATOM 1195 O OE1  . GLU A 1 76 ? -11.976 -0.259  12.381  1.00 2.41  ? 357 GLU A OE1  1 
ATOM 1196 O OE2  . GLU A 1 76 ? -13.595 1.083   12.847  1.00 1.74  ? 357 GLU A OE2  1 
ATOM 1197 H H    . GLU A 1 76 ? -8.463  2.659   10.574  1.00 0.60  ? 357 GLU A H    1 
ATOM 1198 H HA   . GLU A 1 76 ? -9.632  1.462   12.826  1.00 0.79  ? 357 GLU A HA   1 
ATOM 1199 H HB2  . GLU A 1 76 ? -10.280 2.137   10.129  1.00 0.75  ? 357 GLU A HB2  1 
ATOM 1200 H HB3  . GLU A 1 76 ? -10.873 0.501   10.420  1.00 0.85  ? 357 GLU A HB3  1 
ATOM 1201 H HG2  . GLU A 1 76 ? -11.365 2.663   12.453  1.00 1.66  ? 357 GLU A HG2  1 
ATOM 1202 H HG3  . GLU A 1 76 ? -12.409 2.524   11.037  1.00 1.49  ? 357 GLU A HG3  1 
ATOM 1203 N N    . ALA A 1 77 ? -8.156  -0.687  10.844  1.00 0.73  ? 358 ALA A N    1 
ATOM 1204 C CA   . ALA A 1 77 ? -7.726  -2.112  10.756  1.00 0.79  ? 358 ALA A CA   1 
ATOM 1205 C C    . ALA A 1 77 ? -6.947  -2.497  12.015  1.00 0.77  ? 358 ALA A C    1 
ATOM 1206 O O    . ALA A 1 77 ? -6.684  -3.656  12.264  1.00 0.83  ? 358 ALA A O    1 
ATOM 1207 C CB   . ALA A 1 77 ? -6.826  -2.180  9.522   1.00 0.87  ? 358 ALA A CB   1 
ATOM 1208 H H    . ALA A 1 77 ? -7.811  -0.031  10.203  1.00 0.69  ? 358 ALA A H    1 
ATOM 1209 H HA   . ALA A 1 77 ? -8.581  -2.756  10.627  1.00 0.87  ? 358 ALA A HA   1 
ATOM 1210 H HB1  . ALA A 1 77 ? -7.367  -1.815  8.661   1.00 1.42  ? 358 ALA A HB1  1 
ATOM 1211 H HB2  . ALA A 1 77 ? -6.525  -3.202  9.353   1.00 1.46  ? 358 ALA A HB2  1 
ATOM 1212 H HB3  . ALA A 1 77 ? -5.950  -1.568  9.681   1.00 1.14  ? 358 ALA A HB3  1 
ATOM 1213 N N    . ASN A 1 78 ? -6.575  -1.529  12.809  1.00 0.73  ? 359 ASN A N    1 
ATOM 1214 C CA   . ASN A 1 78 ? -5.813  -1.826  14.057  1.00 0.80  ? 359 ASN A CA   1 
ATOM 1215 C C    . ASN A 1 78 ? -4.387  -2.285  13.714  1.00 0.82  ? 359 ASN A C    1 
ATOM 1216 O O    . ASN A 1 78 ? -3.609  -2.623  14.583  1.00 0.88  ? 359 ASN A O    1 
ATOM 1217 C CB   . ASN A 1 78 ? -6.631  -2.925  14.769  1.00 0.92  ? 359 ASN A CB   1 
ATOM 1218 C CG   . ASN A 1 78 ? -5.914  -4.283  14.718  1.00 1.00  ? 359 ASN A CG   1 
ATOM 1219 O OD1  . ASN A 1 78 ? -6.311  -5.166  13.985  1.00 1.35  ? 359 ASN A OD1  1 
ATOM 1220 N ND2  . ASN A 1 78 ? -4.872  -4.486  15.477  1.00 1.53  ? 359 ASN A ND2  1 
ATOM 1221 H H    . ASN A 1 78 ? -6.801  -0.602  12.584  1.00 0.70  ? 359 ASN A H    1 
ATOM 1222 H HA   . ASN A 1 78 ? -5.772  -0.945  14.680  1.00 0.81  ? 359 ASN A HA   1 
ATOM 1223 H HB2  . ASN A 1 78 ? -6.778  -2.642  15.801  1.00 1.00  ? 359 ASN A HB2  1 
ATOM 1224 H HB3  . ASN A 1 78 ? -7.594  -3.016  14.288  1.00 0.94  ? 359 ASN A HB3  1 
ATOM 1225 H HD21 . ASN A 1 78 ? -4.554  -3.775  16.073  1.00 2.13  ? 359 ASN A HD21 1 
ATOM 1226 H HD22 . ASN A 1 78 ? -4.408  -5.348  15.452  1.00 1.60  ? 359 ASN A HD22 1 
ATOM 1227 N N    . LEU A 1 79 ? -4.039  -2.294  12.456  1.00 0.85  ? 360 LEU A N    1 
ATOM 1228 C CA   . LEU A 1 79 ? -2.667  -2.730  12.067  1.00 0.96  ? 360 LEU A CA   1 
ATOM 1229 C C    . LEU A 1 79 ? -1.853  -1.538  11.553  1.00 0.81  ? 360 LEU A C    1 
ATOM 1230 O O    . LEU A 1 79 ? -0.792  -1.700  10.982  1.00 0.85  ? 360 LEU A O    1 
ATOM 1231 C CB   . LEU A 1 79 ? -2.879  -3.757  10.954  1.00 1.21  ? 360 LEU A CB   1 
ATOM 1232 C CG   . LEU A 1 79 ? -3.492  -5.028  11.545  1.00 1.63  ? 360 LEU A CG   1 
ATOM 1233 C CD1  . LEU A 1 79 ? -4.184  -5.825  10.438  1.00 2.50  ? 360 LEU A CD1  1 
ATOM 1234 C CD2  . LEU A 1 79 ? -2.386  -5.882  12.171  1.00 2.19  ? 360 LEU A CD2  1 
ATOM 1235 H H    . LEU A 1 79 ? -4.679  -2.015  11.768  1.00 0.83  ? 360 LEU A H    1 
ATOM 1236 H HA   . LEU A 1 79 ? -2.170  -3.193  12.904  1.00 1.05  ? 360 LEU A HA   1 
ATOM 1237 H HB2  . LEU A 1 79 ? -3.545  -3.347  10.209  1.00 1.38  ? 360 LEU A HB2  1 
ATOM 1238 H HB3  . LEU A 1 79 ? -1.931  -3.995  10.498  1.00 1.24  ? 360 LEU A HB3  1 
ATOM 1239 H HG   . LEU A 1 79 ? -4.215  -4.761  12.302  1.00 1.96  ? 360 LEU A HG   1 
ATOM 1240 H HD11 . LEU A 1 79 ? -4.965  -6.436  10.867  1.00 3.07  ? 360 LEU A HD11 1 
ATOM 1241 H HD12 . LEU A 1 79 ? -3.462  -6.458  9.944   1.00 2.80  ? 360 LEU A HD12 1 
ATOM 1242 H HD13 . LEU A 1 79 ? -4.614  -5.143  9.720   1.00 2.99  ? 360 LEU A HD13 1 
ATOM 1243 H HD21 . LEU A 1 79 ? -1.808  -5.278  12.854  1.00 2.57  ? 360 LEU A HD21 1 
ATOM 1244 H HD22 . LEU A 1 79 ? -1.742  -6.264  11.392  1.00 2.63  ? 360 LEU A HD22 1 
ATOM 1245 H HD23 . LEU A 1 79 ? -2.830  -6.707  12.707  1.00 2.59  ? 360 LEU A HD23 1 
ATOM 1246 N N    . LEU A 1 80 ? -2.337  -0.341  11.750  1.00 0.70  ? 361 LEU A N    1 
ATOM 1247 C CA   . LEU A 1 80 ? -1.584  0.854   11.270  1.00 0.66  ? 361 LEU A CA   1 
ATOM 1248 C C    . LEU A 1 80 ? -0.112  0.749   11.679  1.00 0.65  ? 361 LEU A C    1 
ATOM 1249 O O    . LEU A 1 80 ? 0.271   1.139   12.763  1.00 0.83  ? 361 LEU A O    1 
ATOM 1250 C CB   . LEU A 1 80 ? -2.248  2.047   11.958  1.00 0.79  ? 361 LEU A CB   1 
ATOM 1251 C CG   . LEU A 1 80 ? -1.792  3.342   11.282  1.00 0.76  ? 361 LEU A CG   1 
ATOM 1252 C CD1  . LEU A 1 80 ? -2.538  3.518   9.958   1.00 1.35  ? 361 LEU A CD1  1 
ATOM 1253 C CD2  . LEU A 1 80 ? -2.097  4.531   12.198  1.00 1.47  ? 361 LEU A CD2  1 
ATOM 1254 H H    . LEU A 1 80 ? -3.193  -0.229  12.213  1.00 0.71  ? 361 LEU A H    1 
ATOM 1255 H HA   . LEU A 1 80 ? -1.672  0.950   10.200  1.00 0.73  ? 361 LEU A HA   1 
ATOM 1256 H HB2  . LEU A 1 80 ? -3.322  1.958   11.879  1.00 1.06  ? 361 LEU A HB2  1 
ATOM 1257 H HB3  . LEU A 1 80 ? -1.963  2.068   12.999  1.00 1.18  ? 361 LEU A HB3  1 
ATOM 1258 H HG   . LEU A 1 80 ? -0.729  3.294   11.093  1.00 1.38  ? 361 LEU A HG   1 
ATOM 1259 H HD11 . LEU A 1 80 ? -2.865  2.552   9.600   1.00 1.88  ? 361 LEU A HD11 1 
ATOM 1260 H HD12 . LEU A 1 80 ? -1.879  3.967   9.230   1.00 1.84  ? 361 LEU A HD12 1 
ATOM 1261 H HD13 . LEU A 1 80 ? -3.396  4.156   10.109  1.00 1.95  ? 361 LEU A HD13 1 
ATOM 1262 H HD21 . LEU A 1 80 ? -2.071  5.445   11.622  1.00 1.83  ? 361 LEU A HD21 1 
ATOM 1263 H HD22 . LEU A 1 80 ? -1.357  4.578   12.983  1.00 1.91  ? 361 LEU A HD22 1 
ATOM 1264 H HD23 . LEU A 1 80 ? -3.078  4.407   12.633  1.00 2.16  ? 361 LEU A HD23 1 
ATOM 1265 N N    . ASN A 1 81 ? 0.714   0.220   10.818  1.00 0.62  ? 362 ASN A N    1 
ATOM 1266 C CA   . ASN A 1 81 ? 2.160   0.085   11.155  1.00 0.78  ? 362 ASN A CA   1 
ATOM 1267 C C    . ASN A 1 81 ? 2.954   1.259   10.575  1.00 0.68  ? 362 ASN A C    1 
ATOM 1268 O O    . ASN A 1 81 ? 4.151   1.361   10.759  1.00 0.77  ? 362 ASN A O    1 
ATOM 1269 C CB   . ASN A 1 81 ? 2.595   -1.227  10.505  1.00 0.98  ? 362 ASN A CB   1 
ATOM 1270 C CG   . ASN A 1 81 ? 2.206   -2.397  11.409  1.00 1.62  ? 362 ASN A CG   1 
ATOM 1271 O OD1  . ASN A 1 81 ? 2.801   -3.454  11.342  1.00 2.32  ? 362 ASN A OD1  1 
ATOM 1272 N ND2  . ASN A 1 81 ? 1.224   -2.254  12.255  1.00 2.28  ? 362 ASN A ND2  1 
ATOM 1273 H H    . ASN A 1 81 ? 0.382   -0.090  9.950   1.00 0.63  ? 362 ASN A H    1 
ATOM 1274 H HA   . ASN A 1 81 ? 2.295   0.029   12.223  1.00 0.94  ? 362 ASN A HA   1 
ATOM 1275 H HB2  . ASN A 1 81 ? 2.106   -1.333  9.547   1.00 1.18  ? 362 ASN A HB2  1 
ATOM 1276 H HB3  . ASN A 1 81 ? 3.665   -1.223  10.365  1.00 1.44  ? 362 ASN A HB3  1 
ATOM 1277 H HD21 . ASN A 1 81 ? 0.742   -1.402  12.308  1.00 2.50  ? 362 ASN A HD21 1 
ATOM 1278 H HD22 . ASN A 1 81 ? 0.967   -2.998  12.839  1.00 2.94  ? 362 ASN A HD22 1 
ATOM 1279 N N    . ALA A 1 82 ? 2.298   2.143   9.873   1.00 0.55  ? 363 ALA A N    1 
ATOM 1280 C CA   . ALA A 1 82 ? 3.013   3.310   9.276   1.00 0.55  ? 363 ALA A CA   1 
ATOM 1281 C C    . ALA A 1 82 ? 3.901   2.846   8.118   1.00 0.52  ? 363 ALA A C    1 
ATOM 1282 O O    . ALA A 1 82 ? 3.777   3.311   7.003   1.00 0.65  ? 363 ALA A O    1 
ATOM 1283 C CB   . ALA A 1 82 ? 3.864   3.891   10.408  1.00 0.68  ? 363 ALA A CB   1 
ATOM 1284 H H    . ALA A 1 82 ? 1.332   2.039   9.736   1.00 0.53  ? 363 ALA A H    1 
ATOM 1285 H HA   . ALA A 1 82 ? 2.304   4.047   8.934   1.00 0.57  ? 363 ALA A HA   1 
ATOM 1286 H HB1  . ALA A 1 82 ? 3.643   3.369   11.328  1.00 1.10  ? 363 ALA A HB1  1 
ATOM 1287 H HB2  . ALA A 1 82 ? 3.637   4.940   10.526  1.00 1.37  ? 363 ALA A HB2  1 
ATOM 1288 H HB3  . ALA A 1 82 ? 4.910   3.773   10.168  1.00 1.10  ? 363 ALA A HB3  1 
ATOM 1289 N N    . VAL A 1 83 ? 4.794   1.929   8.374   1.00 0.48  ? 364 VAL A N    1 
ATOM 1290 C CA   . VAL A 1 83 ? 5.687   1.433   7.287   1.00 0.48  ? 364 VAL A CA   1 
ATOM 1291 C C    . VAL A 1 83 ? 5.417   -0.052  7.022   1.00 0.45  ? 364 VAL A C    1 
ATOM 1292 O O    . VAL A 1 83 ? 5.655   -0.895  7.863   1.00 0.58  ? 364 VAL A O    1 
ATOM 1293 C CB   . VAL A 1 83 ? 7.107   1.636   7.815   1.00 0.63  ? 364 VAL A CB   1 
ATOM 1294 C CG1  . VAL A 1 83 ? 7.276   0.880   9.134   1.00 0.72  ? 364 VAL A CG1  1 
ATOM 1295 C CG2  . VAL A 1 83 ? 8.111   1.103   6.791   1.00 0.65  ? 364 VAL A CG2  1 
ATOM 1296 H H    . VAL A 1 83 ? 4.877   1.565   9.280   1.00 0.55  ? 364 VAL A H    1 
ATOM 1297 H HA   . VAL A 1 83 ? 5.541   2.010   6.386   1.00 0.49  ? 364 VAL A HA   1 
ATOM 1298 H HB   . VAL A 1 83 ? 7.281   2.690   7.980   1.00 0.73  ? 364 VAL A HB   1 
ATOM 1299 H HG11 . VAL A 1 83 ? 8.045   0.131   9.023   1.00 1.13  ? 364 VAL A HG11 1 
ATOM 1300 H HG12 . VAL A 1 83 ? 6.343   0.403   9.396   1.00 1.37  ? 364 VAL A HG12 1 
ATOM 1301 H HG13 . VAL A 1 83 ? 7.556   1.574   9.912   1.00 1.27  ? 364 VAL A HG13 1 
ATOM 1302 H HG21 . VAL A 1 83 ? 8.444   1.913   6.158   1.00 1.10  ? 364 VAL A HG21 1 
ATOM 1303 H HG22 . VAL A 1 83 ? 7.641   0.343   6.185   1.00 1.27  ? 364 VAL A HG22 1 
ATOM 1304 H HG23 . VAL A 1 83 ? 8.960   0.678   7.306   1.00 1.20  ? 364 VAL A HG23 1 
ATOM 1305 N N    . ILE A 1 84 ? 4.921   -0.377  5.859   1.00 0.37  ? 365 ILE A N    1 
ATOM 1306 C CA   . ILE A 1 84 ? 4.635   -1.806  5.542   1.00 0.40  ? 365 ILE A CA   1 
ATOM 1307 C C    . ILE A 1 84 ? 5.485   -2.265  4.354   1.00 0.43  ? 365 ILE A C    1 
ATOM 1308 O O    . ILE A 1 84 ? 5.962   -1.466  3.574   1.00 0.46  ? 365 ILE A O    1 
ATOM 1309 C CB   . ILE A 1 84 ? 3.148   -1.842  5.190   1.00 0.44  ? 365 ILE A CB   1 
ATOM 1310 C CG1  . ILE A 1 84 ? 2.324   -1.530  6.441   1.00 0.52  ? 365 ILE A CG1  1 
ATOM 1311 C CG2  . ILE A 1 84 ? 2.780   -3.233  4.671   1.00 0.58  ? 365 ILE A CG2  1 
ATOM 1312 C CD1  . ILE A 1 84 ? 0.850   -1.385  6.060   1.00 1.24  ? 365 ILE A CD1  1 
ATOM 1313 H H    . ILE A 1 84 ? 4.735   0.319   5.194   1.00 0.39  ? 365 ILE A H    1 
ATOM 1314 H HA   . ILE A 1 84 ? 4.824   -2.427  6.403   1.00 0.44  ? 365 ILE A HA   1 
ATOM 1315 H HB   . ILE A 1 84 ? 2.941   -1.106  4.428   1.00 0.55  ? 365 ILE A HB   1 
ATOM 1316 H HG12 . ILE A 1 84 ? 2.435   -2.335  7.155   1.00 1.25  ? 365 ILE A HG12 1 
ATOM 1317 H HG13 . ILE A 1 84 ? 2.672   -0.608  6.881   1.00 1.23  ? 365 ILE A HG13 1 
ATOM 1318 H HG21 . ILE A 1 84 ? 1.704   -3.338  4.656   1.00 1.27  ? 365 ILE A HG21 1 
ATOM 1319 H HG22 . ILE A 1 84 ? 3.206   -3.984  5.319   1.00 1.16  ? 365 ILE A HG22 1 
ATOM 1320 H HG23 . ILE A 1 84 ? 3.167   -3.357  3.670   1.00 1.05  ? 365 ILE A HG23 1 
ATOM 1321 H HD11 . ILE A 1 84 ? 0.688   -1.811  5.081   1.00 1.90  ? 365 ILE A HD11 1 
ATOM 1322 H HD12 . ILE A 1 84 ? 0.583   -0.338  6.045   1.00 1.79  ? 365 ILE A HD12 1 
ATOM 1323 H HD13 . ILE A 1 84 ? 0.237   -1.902  6.784   1.00 1.74  ? 365 ILE A HD13 1 
ATOM 1324 N N    . VAL A 1 85 ? 5.683   -3.548  4.214   1.00 0.44  ? 366 VAL A N    1 
ATOM 1325 C CA   . VAL A 1 85 ? 6.509   -4.055  3.081   1.00 0.48  ? 366 VAL A CA   1 
ATOM 1326 C C    . VAL A 1 85 ? 5.632   -4.836  2.090   1.00 0.47  ? 366 VAL A C    1 
ATOM 1327 O O    . VAL A 1 85 ? 4.851   -5.686  2.470   1.00 0.46  ? 366 VAL A O    1 
ATOM 1328 C CB   . VAL A 1 85 ? 7.573   -4.951  3.749   1.00 0.54  ? 366 VAL A CB   1 
ATOM 1329 C CG1  . VAL A 1 85 ? 7.630   -6.338  3.093   1.00 1.18  ? 366 VAL A CG1  1 
ATOM 1330 C CG2  . VAL A 1 85 ? 8.943   -4.282  3.619   1.00 1.40  ? 366 VAL A CG2  1 
ATOM 1331 H H    . VAL A 1 85 ? 5.293   -4.178  4.857   1.00 0.43  ? 366 VAL A H    1 
ATOM 1332 H HA   . VAL A 1 85 ? 6.991   -3.232  2.578   1.00 0.51  ? 366 VAL A HA   1 
ATOM 1333 H HB   . VAL A 1 85 ? 7.332   -5.065  4.797   1.00 1.07  ? 366 VAL A HB   1 
ATOM 1334 H HG11 . VAL A 1 85 ? 6.639   -6.768  3.074   1.00 1.82  ? 366 VAL A HG11 1 
ATOM 1335 H HG12 . VAL A 1 85 ? 8.289   -6.978  3.659   1.00 1.54  ? 366 VAL A HG12 1 
ATOM 1336 H HG13 . VAL A 1 85 ? 8.001   -6.242  2.082   1.00 1.78  ? 366 VAL A HG13 1 
ATOM 1337 H HG21 . VAL A 1 85 ? 9.190   -3.783  4.544   1.00 1.93  ? 366 VAL A HG21 1 
ATOM 1338 H HG22 . VAL A 1 85 ? 8.916   -3.559  2.817   1.00 2.03  ? 366 VAL A HG22 1 
ATOM 1339 H HG23 . VAL A 1 85 ? 9.690   -5.031  3.404   1.00 1.68  ? 366 VAL A HG23 1 
ATOM 1340 N N    . GLN A 1 86 ? 5.771   -4.557  0.823   1.00 0.48  ? 367 GLN A N    1 
ATOM 1341 C CA   . GLN A 1 86 ? 4.964   -5.283  -0.200  1.00 0.49  ? 367 GLN A CA   1 
ATOM 1342 C C    . GLN A 1 86 ? 5.900   -6.063  -1.129  1.00 0.47  ? 367 GLN A C    1 
ATOM 1343 O O    . GLN A 1 86 ? 6.926   -5.565  -1.547  1.00 0.48  ? 367 GLN A O    1 
ATOM 1344 C CB   . GLN A 1 86 ? 4.224   -4.187  -0.971  1.00 0.54  ? 367 GLN A CB   1 
ATOM 1345 C CG   . GLN A 1 86 ? 3.069   -4.806  -1.761  1.00 0.62  ? 367 GLN A CG   1 
ATOM 1346 C CD   . GLN A 1 86 ? 2.164   -3.694  -2.295  1.00 1.21  ? 367 GLN A CD   1 
ATOM 1347 O OE1  . GLN A 1 86 ? 2.598   -2.572  -2.465  1.00 1.90  ? 367 GLN A OE1  1 
ATOM 1348 N NE2  . GLN A 1 86 ? 0.917   -3.959  -2.569  1.00 1.86  ? 367 GLN A NE2  1 
ATOM 1349 H H    . GLN A 1 86 ? 6.413   -3.873  0.541   1.00 0.50  ? 367 GLN A H    1 
ATOM 1350 H HA   . GLN A 1 86 ? 4.258   -5.946  0.274   1.00 0.49  ? 367 GLN A HA   1 
ATOM 1351 H HB2  . GLN A 1 86 ? 3.836   -3.459  -0.275  1.00 0.70  ? 367 GLN A HB2  1 
ATOM 1352 H HB3  . GLN A 1 86 ? 4.906   -3.705  -1.654  1.00 0.71  ? 367 GLN A HB3  1 
ATOM 1353 H HG2  . GLN A 1 86 ? 3.465   -5.379  -2.588  1.00 1.14  ? 367 GLN A HG2  1 
ATOM 1354 H HG3  . GLN A 1 86 ? 2.497   -5.454  -1.115  1.00 1.15  ? 367 GLN A HG3  1 
ATOM 1355 H HE21 . GLN A 1 86 ? 0.566   -4.864  -2.432  1.00 2.15  ? 367 GLN A HE21 1 
ATOM 1356 H HE22 . GLN A 1 86 ? 0.330   -3.253  -2.911  1.00 2.42  ? 367 GLN A HE22 1 
ATOM 1357 N N    . ARG A 1 87 ? 5.567   -7.286  -1.444  1.00 0.48  ? 368 ARG A N    1 
ATOM 1358 C CA   . ARG A 1 87 ? 6.460   -8.087  -2.332  1.00 0.48  ? 368 ARG A CA   1 
ATOM 1359 C C    . ARG A 1 87 ? 5.796   -8.346  -3.689  1.00 0.53  ? 368 ARG A C    1 
ATOM 1360 O O    . ARG A 1 87 ? 4.604   -8.559  -3.782  1.00 0.65  ? 368 ARG A O    1 
ATOM 1361 C CB   . ARG A 1 87 ? 6.683   -9.402  -1.585  1.00 0.48  ? 368 ARG A CB   1 
ATOM 1362 C CG   . ARG A 1 87 ? 8.177   -9.725  -1.564  1.00 0.86  ? 368 ARG A CG   1 
ATOM 1363 C CD   . ARG A 1 87 ? 8.375   -11.219 -1.301  1.00 1.37  ? 368 ARG A CD   1 
ATOM 1364 N NE   . ARG A 1 87 ? 9.851   -11.415 -1.295  1.00 1.80  ? 368 ARG A NE   1 
ATOM 1365 C CZ   . ARG A 1 87 ? 10.356  -12.558 -0.922  1.00 2.28  ? 368 ARG A CZ   1 
ATOM 1366 N NH1  . ARG A 1 87 ? 9.776   -13.252 0.018   1.00 2.64  ? 368 ARG A NH1  1 
ATOM 1367 N NH2  . ARG A 1 87 ? 11.441  -13.009 -1.490  1.00 3.08  ? 368 ARG A NH2  1 
ATOM 1368 H H    . ARG A 1 87 ? 4.742   -7.679  -1.090  1.00 0.48  ? 368 ARG A H    1 
ATOM 1369 H HA   . ARG A 1 87 ? 7.402   -7.582  -2.468  1.00 0.48  ? 368 ARG A HA   1 
ATOM 1370 H HB2  . ARG A 1 87 ? 6.319   -9.306  -0.572  1.00 0.62  ? 368 ARG A HB2  1 
ATOM 1371 H HB3  . ARG A 1 87 ? 6.151   -10.197 -2.086  1.00 0.73  ? 368 ARG A HB3  1 
ATOM 1372 H HG2  . ARG A 1 87 ? 8.615   -9.465  -2.517  1.00 1.47  ? 368 ARG A HG2  1 
ATOM 1373 H HG3  . ARG A 1 87 ? 8.657   -9.158  -0.781  1.00 1.16  ? 368 ARG A HG3  1 
ATOM 1374 H HD2  . ARG A 1 87 ? 7.952   -11.491 -0.344  1.00 1.78  ? 368 ARG A HD2  1 
ATOM 1375 H HD3  . ARG A 1 87 ? 7.927   -11.803 -2.090  1.00 1.99  ? 368 ARG A HD3  1 
ATOM 1376 H HE   . ARG A 1 87 ? 10.442  -10.684 -1.572  1.00 2.33  ? 368 ARG A HE   1 
ATOM 1377 H HH11 . ARG A 1 87 ? 8.944   -12.907 0.453   1.00 2.62  ? 368 ARG A HH11 1 
ATOM 1378 H HH12 . ARG A 1 87 ? 10.163  -14.129 0.305   1.00 3.33  ? 368 ARG A HH12 1 
ATOM 1379 H HH21 . ARG A 1 87 ? 11.886  -12.477 -2.211  1.00 3.37  ? 368 ARG A HH21 1 
ATOM 1380 H HH22 . ARG A 1 87 ? 11.829  -13.885 -1.204  1.00 3.70  ? 368 ARG A HH22 1 
ATOM 1381 N N    . LEU A 1 88 ? 6.572   -8.330  -4.739  1.00 0.50  ? 369 LEU A N    1 
ATOM 1382 C CA   . LEU A 1 88 ? 6.012   -8.575  -6.101  1.00 0.58  ? 369 LEU A CA   1 
ATOM 1383 C C    . LEU A 1 88 ? 6.726   -9.775  -6.735  1.00 0.66  ? 369 LEU A C    1 
ATOM 1384 O O    . LEU A 1 88 ? 7.913   -9.733  -6.992  1.00 0.73  ? 369 LEU A O    1 
ATOM 1385 C CB   . LEU A 1 88 ? 6.327   -7.286  -6.880  1.00 0.70  ? 369 LEU A CB   1 
ATOM 1386 C CG   . LEU A 1 88 ? 5.135   -6.784  -7.726  1.00 1.20  ? 369 LEU A CG   1 
ATOM 1387 C CD1  . LEU A 1 88 ? 3.798   -7.276  -7.175  1.00 2.13  ? 369 LEU A CD1  1 
ATOM 1388 C CD2  . LEU A 1 88 ? 5.132   -5.255  -7.713  1.00 1.84  ? 369 LEU A CD2  1 
ATOM 1389 H H    . LEU A 1 88 ? 7.531   -8.157  -4.632  1.00 0.46  ? 369 LEU A H    1 
ATOM 1390 H HA   . LEU A 1 88 ? 4.955   -8.749  -6.045  1.00 0.60  ? 369 LEU A HA   1 
ATOM 1391 H HB2  . LEU A 1 88 ? 6.606   -6.513  -6.180  1.00 1.51  ? 369 LEU A HB2  1 
ATOM 1392 H HB3  . LEU A 1 88 ? 7.160   -7.479  -7.536  1.00 1.15  ? 369 LEU A HB3  1 
ATOM 1393 H HG   . LEU A 1 88 ? 5.252   -7.129  -8.743  1.00 1.84  ? 369 LEU A HG   1 
ATOM 1394 H HD11 . LEU A 1 88 ? 2.992   -6.752  -7.665  1.00 2.44  ? 369 LEU A HD11 1 
ATOM 1395 H HD12 . LEU A 1 88 ? 3.757   -7.090  -6.113  1.00 2.62  ? 369 LEU A HD12 1 
ATOM 1396 H HD13 . LEU A 1 88 ? 3.702   -8.336  -7.360  1.00 2.72  ? 369 LEU A HD13 1 
ATOM 1397 H HD21 . LEU A 1 88 ? 5.200   -4.884  -8.725  1.00 2.26  ? 369 LEU A HD21 1 
ATOM 1398 H HD22 . LEU A 1 88 ? 5.977   -4.898  -7.142  1.00 2.39  ? 369 LEU A HD22 1 
ATOM 1399 H HD23 . LEU A 1 88 ? 4.217   -4.902  -7.261  1.00 2.22  ? 369 LEU A HD23 1 
ATOM 1400 N N    . THR A 1 89 ? 6.019   -10.842 -6.988  1.00 0.74  ? 370 THR A N    1 
ATOM 1401 C CA   . THR A 1 89 ? 6.674   -12.036 -7.600  1.00 0.90  ? 370 THR A CA   1 
ATOM 1402 C C    . THR A 1 89 ? 5.750   -12.677 -8.639  1.00 1.08  ? 370 THR A C    1 
ATOM 1403 O O    . THR A 1 89 ? 4.576   -12.351 -8.641  1.00 1.38  ? 370 THR A O    1 
ATOM 1404 C CB   . THR A 1 89 ? 6.923   -12.996 -6.434  1.00 1.14  ? 370 THR A CB   1 
ATOM 1405 O OG1  . THR A 1 89 ? 7.381   -14.242 -6.940  1.00 1.75  ? 370 THR A OG1  1 
ATOM 1406 C CG2  . THR A 1 89 ? 5.625   -13.206 -5.654  1.00 1.12  ? 370 THR A CG2  1 
ATOM 1407 O OXT  . THR A 1 89 ? 6.235   -13.484 -9.416  1.00 1.79  ? 370 THR A OXT  1 
ATOM 1408 H H    . THR A 1 89 ? 5.063   -10.863 -6.773  1.00 0.75  ? 370 THR A H    1 
ATOM 1409 H HA   . THR A 1 89 ? 7.612   -11.757 -8.053  1.00 0.90  ? 370 THR A HA   1 
ATOM 1410 H HB   . THR A 1 89 ? 7.669   -12.578 -5.777  1.00 1.40  ? 370 THR A HB   1 
ATOM 1411 H HG1  . THR A 1 89 ? 7.539   -14.825 -6.193  1.00 2.28  ? 370 THR A HG1  1 
ATOM 1412 H HG21 . THR A 1 89 ? 5.116   -12.261 -5.540  1.00 1.46  ? 370 THR A HG21 1 
ATOM 1413 H HG22 . THR A 1 89 ? 5.854   -13.610 -4.678  1.00 1.59  ? 370 THR A HG22 1 
ATOM 1414 H HG23 . THR A 1 89 ? 4.990   -13.896 -6.190  1.00 1.49  ? 370 THR A HG23 1 
# 
